data_5C1Y
# 
_entry.id   5C1Y 
# 
_audit_conform.dict_name       mmcif_pdbx.dic 
_audit_conform.dict_version    5.398 
_audit_conform.dict_location   http://mmcif.pdb.org/dictionaries/ascii/mmcif_pdbx.dic 
# 
loop_
_database_2.database_id 
_database_2.database_code 
_database_2.pdbx_database_accession 
_database_2.pdbx_DOI 
PDB   5C1Y         pdb_00005c1y 10.2210/pdb5c1y/pdb 
WWPDB D_1000210894 ?            ?                   
# 
loop_
_pdbx_audit_revision_history.ordinal 
_pdbx_audit_revision_history.data_content_type 
_pdbx_audit_revision_history.major_revision 
_pdbx_audit_revision_history.minor_revision 
_pdbx_audit_revision_history.revision_date 
1 'Structure model' 1 0 2016-06-01 
2 'Structure model' 1 1 2016-10-26 
3 'Structure model' 2 0 2020-09-02 
4 'Structure model' 2 1 2023-11-08 
5 'Structure model' 2 2 2024-11-06 
# 
_pdbx_audit_revision_details.ordinal             1 
_pdbx_audit_revision_details.revision_ordinal    1 
_pdbx_audit_revision_details.data_content_type   'Structure model' 
_pdbx_audit_revision_details.provider            repository 
_pdbx_audit_revision_details.type                'Initial release' 
_pdbx_audit_revision_details.description         ? 
_pdbx_audit_revision_details.details             ? 
# 
loop_
_pdbx_audit_revision_group.ordinal 
_pdbx_audit_revision_group.revision_ordinal 
_pdbx_audit_revision_group.data_content_type 
_pdbx_audit_revision_group.group 
1 2 'Structure model' 'Database references'     
2 3 'Structure model' 'Derived calculations'    
3 3 'Structure model' 'Non-polymer description' 
4 3 'Structure model' 'Structure summary'       
5 4 'Structure model' 'Data collection'         
6 4 'Structure model' 'Database references'     
7 4 'Structure model' 'Refinement description'  
8 5 'Structure model' 'Structure summary'       
# 
loop_
_pdbx_audit_revision_category.ordinal 
_pdbx_audit_revision_category.revision_ordinal 
_pdbx_audit_revision_category.data_content_type 
_pdbx_audit_revision_category.category 
1  3 'Structure model' chem_comp                     
2  3 'Structure model' entity                        
3  3 'Structure model' pdbx_entity_nonpoly           
4  3 'Structure model' pdbx_struct_oper_list         
5  4 'Structure model' chem_comp_atom                
6  4 'Structure model' chem_comp_bond                
7  4 'Structure model' database_2                    
8  4 'Structure model' pdbx_initial_refinement_model 
9  5 'Structure model' pdbx_entry_details            
10 5 'Structure model' pdbx_modification_feature     
# 
loop_
_pdbx_audit_revision_item.ordinal 
_pdbx_audit_revision_item.revision_ordinal 
_pdbx_audit_revision_item.data_content_type 
_pdbx_audit_revision_item.item 
1 3 'Structure model' '_chem_comp.formula'                        
2 3 'Structure model' '_chem_comp.formula_weight'                 
3 3 'Structure model' '_chem_comp.name'                           
4 3 'Structure model' '_entity.formula_weight'                    
5 3 'Structure model' '_entity.pdbx_description'                  
6 3 'Structure model' '_pdbx_entity_nonpoly.name'                 
7 3 'Structure model' '_pdbx_struct_oper_list.symmetry_operation' 
8 4 'Structure model' '_database_2.pdbx_DOI'                      
9 4 'Structure model' '_database_2.pdbx_database_accession'       
# 
_pdbx_database_status.status_code                     REL 
_pdbx_database_status.status_code_sf                  REL 
_pdbx_database_status.status_code_mr                  ? 
_pdbx_database_status.entry_id                        5C1Y 
_pdbx_database_status.recvd_initial_deposition_date   2015-06-15 
_pdbx_database_status.SG_entry                        N 
_pdbx_database_status.deposit_site                    RCSB 
_pdbx_database_status.process_site                    PDBJ 
_pdbx_database_status.status_code_cs                  ? 
_pdbx_database_status.methods_development_category    ? 
_pdbx_database_status.pdb_format_compatible           Y 
_pdbx_database_status.status_code_nmr_data            ? 
# 
loop_
_pdbx_database_related.db_name 
_pdbx_database_related.details 
_pdbx_database_related.db_id 
_pdbx_database_related.content_type 
PDB . 4GHQ unspecified 
PDB . 4GHT unspecified 
PDB . 5C1U unspecified 
PDB . 5C1X unspecified 
PDB . 5C20 unspecified 
# 
loop_
_audit_author.name 
_audit_author.pdbx_ordinal 
'Zhang, L.' 1  
'Huang, G.' 2  
'Cai, Q.'   3  
'Zhao, C.'  4  
'Ren, H.'   5  
'Li, P.'    6  
'Li, N.'    7  
'Chen, S.'  8  
'Li, J.'    9  
'Lin, T.'   10 
# 
_citation.abstract                  ? 
_citation.abstract_id_CAS           ? 
_citation.book_id_ISBN              ? 
_citation.book_publisher            ? 
_citation.book_publisher_city       ? 
_citation.book_title                ? 
_citation.coordinate_linkage        ? 
_citation.country                   UK 
_citation.database_id_Medline       ? 
_citation.details                   ? 
_citation.id                        primary 
_citation.journal_abbrev            J.Mol.Recognit. 
_citation.journal_id_ASTM           ? 
_citation.journal_id_CSD            ? 
_citation.journal_id_ISSN           0952-3499 
_citation.journal_full              ? 
_citation.journal_issue             ? 
_citation.journal_volume            29 
_citation.language                  ? 
_citation.page_first                520 
_citation.page_last                 527 
_citation.title                     
'Optimize the interactions at S4 with efficient inhibitors targeting 3C proteinase from enterovirus 71' 
_citation.year                      2016 
_citation.database_id_CSD           ? 
_citation.pdbx_database_id_DOI      10.1002/jmr.2551 
_citation.pdbx_database_id_PubMed   27185390 
_citation.unpublished_flag          ? 
# 
loop_
_citation_author.citation_id 
_citation_author.name 
_citation_author.ordinal 
_citation_author.identifier_ORCID 
primary 'Zhang, L.' 1  ? 
primary 'Huang, G.' 2  ? 
primary 'Cai, Q.'   3  ? 
primary 'Zhao, C.'  4  ? 
primary 'Tang, L.'  5  ? 
primary 'Ren, H.'   6  ? 
primary 'Li, P.'    7  ? 
primary 'Li, N.'    8  ? 
primary 'Huang, J.' 9  ? 
primary 'Chen, X.'  10 ? 
primary 'Guan, Y.'  11 ? 
primary 'You, H.'   12 ? 
primary 'Chen, S.'  13 ? 
primary 'Li, J.'    14 ? 
primary 'Lin, T.'   15 ? 
# 
loop_
_entity.id 
_entity.type 
_entity.src_method 
_entity.pdbx_description 
_entity.formula_weight 
_entity.pdbx_number_of_molecules 
_entity.pdbx_ec 
_entity.pdbx_mutation 
_entity.pdbx_fragment 
_entity.details 
1 polymer     man '3C proteinase' 21391.482 1  3.4.22.28 ? ? ? 
2 non-polymer syn 
;propan-2-yl N-[(2S)-1-oxidanylidene-1-[[(2S)-1-oxidanyl-3-[(3S)-2-oxidanylidenepyrrolidin-3-yl]propan-2-yl]amino]-3-phenyl-propan-2-yl]carbamate
;
391.461   1  ?         ? ? ? 
3 water       nat water 18.015    57 ?         ? ? ? 
# 
_entity_poly.entity_id                      1 
_entity_poly.type                           'polypeptide(L)' 
_entity_poly.nstd_linkage                   no 
_entity_poly.nstd_monomer                   no 
_entity_poly.pdbx_seq_one_letter_code       
;MGPSLDFALSLLRRNVRQVQTDQGHFTMLGVRDRLAVLPRHSQPGKTIWIEHKLVNILDAVELVDEQGVNLELTLITLDT
NEKFRDITKFIPENISTASDATLVINTEHMPSMFVPVGDVVQYGFLNLSGKPTHRTMMYNFPTKAGQCGGVVTSVGKVIG
IHIGGNGRQGFCAGLKRSYFASEQLEHHHHHH
;
_entity_poly.pdbx_seq_one_letter_code_can   
;MGPSLDFALSLLRRNVRQVQTDQGHFTMLGVRDRLAVLPRHSQPGKTIWIEHKLVNILDAVELVDEQGVNLELTLITLDT
NEKFRDITKFIPENISTASDATLVINTEHMPSMFVPVGDVVQYGFLNLSGKPTHRTMMYNFPTKAGQCGGVVTSVGKVIG
IHIGGNGRQGFCAGLKRSYFASEQLEHHHHHH
;
_entity_poly.pdbx_strand_id                 A 
_entity_poly.pdbx_target_identifier         ? 
# 
loop_
_pdbx_entity_nonpoly.entity_id 
_pdbx_entity_nonpoly.name 
_pdbx_entity_nonpoly.comp_id 
2 
;propan-2-yl N-[(2S)-1-oxidanylidene-1-[[(2S)-1-oxidanyl-3-[(3S)-2-oxidanylidenepyrrolidin-3-yl]propan-2-yl]amino]-3-phenyl-propan-2-yl]carbamate
;
GHY 
3 water HOH 
# 
loop_
_entity_poly_seq.entity_id 
_entity_poly_seq.num 
_entity_poly_seq.mon_id 
_entity_poly_seq.hetero 
1 1   MET n 
1 2   GLY n 
1 3   PRO n 
1 4   SER n 
1 5   LEU n 
1 6   ASP n 
1 7   PHE n 
1 8   ALA n 
1 9   LEU n 
1 10  SER n 
1 11  LEU n 
1 12  LEU n 
1 13  ARG n 
1 14  ARG n 
1 15  ASN n 
1 16  VAL n 
1 17  ARG n 
1 18  GLN n 
1 19  VAL n 
1 20  GLN n 
1 21  THR n 
1 22  ASP n 
1 23  GLN n 
1 24  GLY n 
1 25  HIS n 
1 26  PHE n 
1 27  THR n 
1 28  MET n 
1 29  LEU n 
1 30  GLY n 
1 31  VAL n 
1 32  ARG n 
1 33  ASP n 
1 34  ARG n 
1 35  LEU n 
1 36  ALA n 
1 37  VAL n 
1 38  LEU n 
1 39  PRO n 
1 40  ARG n 
1 41  HIS n 
1 42  SER n 
1 43  GLN n 
1 44  PRO n 
1 45  GLY n 
1 46  LYS n 
1 47  THR n 
1 48  ILE n 
1 49  TRP n 
1 50  ILE n 
1 51  GLU n 
1 52  HIS n 
1 53  LYS n 
1 54  LEU n 
1 55  VAL n 
1 56  ASN n 
1 57  ILE n 
1 58  LEU n 
1 59  ASP n 
1 60  ALA n 
1 61  VAL n 
1 62  GLU n 
1 63  LEU n 
1 64  VAL n 
1 65  ASP n 
1 66  GLU n 
1 67  GLN n 
1 68  GLY n 
1 69  VAL n 
1 70  ASN n 
1 71  LEU n 
1 72  GLU n 
1 73  LEU n 
1 74  THR n 
1 75  LEU n 
1 76  ILE n 
1 77  THR n 
1 78  LEU n 
1 79  ASP n 
1 80  THR n 
1 81  ASN n 
1 82  GLU n 
1 83  LYS n 
1 84  PHE n 
1 85  ARG n 
1 86  ASP n 
1 87  ILE n 
1 88  THR n 
1 89  LYS n 
1 90  PHE n 
1 91  ILE n 
1 92  PRO n 
1 93  GLU n 
1 94  ASN n 
1 95  ILE n 
1 96  SER n 
1 97  THR n 
1 98  ALA n 
1 99  SER n 
1 100 ASP n 
1 101 ALA n 
1 102 THR n 
1 103 LEU n 
1 104 VAL n 
1 105 ILE n 
1 106 ASN n 
1 107 THR n 
1 108 GLU n 
1 109 HIS n 
1 110 MET n 
1 111 PRO n 
1 112 SER n 
1 113 MET n 
1 114 PHE n 
1 115 VAL n 
1 116 PRO n 
1 117 VAL n 
1 118 GLY n 
1 119 ASP n 
1 120 VAL n 
1 121 VAL n 
1 122 GLN n 
1 123 TYR n 
1 124 GLY n 
1 125 PHE n 
1 126 LEU n 
1 127 ASN n 
1 128 LEU n 
1 129 SER n 
1 130 GLY n 
1 131 LYS n 
1 132 PRO n 
1 133 THR n 
1 134 HIS n 
1 135 ARG n 
1 136 THR n 
1 137 MET n 
1 138 MET n 
1 139 TYR n 
1 140 ASN n 
1 141 PHE n 
1 142 PRO n 
1 143 THR n 
1 144 LYS n 
1 145 ALA n 
1 146 GLY n 
1 147 GLN n 
1 148 CYS n 
1 149 GLY n 
1 150 GLY n 
1 151 VAL n 
1 152 VAL n 
1 153 THR n 
1 154 SER n 
1 155 VAL n 
1 156 GLY n 
1 157 LYS n 
1 158 VAL n 
1 159 ILE n 
1 160 GLY n 
1 161 ILE n 
1 162 HIS n 
1 163 ILE n 
1 164 GLY n 
1 165 GLY n 
1 166 ASN n 
1 167 GLY n 
1 168 ARG n 
1 169 GLN n 
1 170 GLY n 
1 171 PHE n 
1 172 CYS n 
1 173 ALA n 
1 174 GLY n 
1 175 LEU n 
1 176 LYS n 
1 177 ARG n 
1 178 SER n 
1 179 TYR n 
1 180 PHE n 
1 181 ALA n 
1 182 SER n 
1 183 GLU n 
1 184 GLN n 
1 185 LEU n 
1 186 GLU n 
1 187 HIS n 
1 188 HIS n 
1 189 HIS n 
1 190 HIS n 
1 191 HIS n 
1 192 HIS n 
# 
_entity_src_gen.entity_id                          1 
_entity_src_gen.pdbx_src_id                        1 
_entity_src_gen.pdbx_alt_source_flag               sample 
_entity_src_gen.pdbx_seq_type                      'Biological sequence' 
_entity_src_gen.pdbx_beg_seq_num                   1 
_entity_src_gen.pdbx_end_seq_num                   192 
_entity_src_gen.gene_src_common_name               ? 
_entity_src_gen.gene_src_genus                     ? 
_entity_src_gen.pdbx_gene_src_gene                 ? 
_entity_src_gen.gene_src_species                   ? 
_entity_src_gen.gene_src_strain                    E2004104-TW-CDC 
_entity_src_gen.gene_src_tissue                    ? 
_entity_src_gen.gene_src_tissue_fraction           ? 
_entity_src_gen.gene_src_details                   ? 
_entity_src_gen.pdbx_gene_src_fragment             ? 
_entity_src_gen.pdbx_gene_src_scientific_name      'Enterovirus A71' 
_entity_src_gen.pdbx_gene_src_ncbi_taxonomy_id     39054 
_entity_src_gen.pdbx_gene_src_variant              ? 
_entity_src_gen.pdbx_gene_src_cell_line            ? 
_entity_src_gen.pdbx_gene_src_atcc                 ? 
_entity_src_gen.pdbx_gene_src_organ                ? 
_entity_src_gen.pdbx_gene_src_organelle            ? 
_entity_src_gen.pdbx_gene_src_cell                 ? 
_entity_src_gen.pdbx_gene_src_cellular_location    ? 
_entity_src_gen.host_org_common_name               ? 
_entity_src_gen.pdbx_host_org_scientific_name      'Escherichia coli BL21(DE3)' 
_entity_src_gen.pdbx_host_org_ncbi_taxonomy_id     469008 
_entity_src_gen.host_org_genus                     ? 
_entity_src_gen.pdbx_host_org_gene                 ? 
_entity_src_gen.pdbx_host_org_organ                ? 
_entity_src_gen.host_org_species                   ? 
_entity_src_gen.pdbx_host_org_tissue               ? 
_entity_src_gen.pdbx_host_org_tissue_fraction      ? 
_entity_src_gen.pdbx_host_org_strain               'BL21(DE3)' 
_entity_src_gen.pdbx_host_org_variant              ? 
_entity_src_gen.pdbx_host_org_cell_line            ? 
_entity_src_gen.pdbx_host_org_atcc                 ? 
_entity_src_gen.pdbx_host_org_culture_collection   ? 
_entity_src_gen.pdbx_host_org_cell                 ? 
_entity_src_gen.pdbx_host_org_organelle            ? 
_entity_src_gen.pdbx_host_org_cellular_location    ? 
_entity_src_gen.pdbx_host_org_vector_type          PLASMID 
_entity_src_gen.pdbx_host_org_vector               ? 
_entity_src_gen.host_org_details                   ? 
_entity_src_gen.expression_system_id               ? 
_entity_src_gen.plasmid_name                       PET28A 
_entity_src_gen.plasmid_details                    ? 
_entity_src_gen.pdbx_description                   ? 
# 
loop_
_chem_comp.id 
_chem_comp.type 
_chem_comp.mon_nstd_flag 
_chem_comp.name 
_chem_comp.pdbx_synonyms 
_chem_comp.formula 
_chem_comp.formula_weight 
ALA 'L-peptide linking' y ALANINE ? 'C3 H7 N O2'     89.093  
ARG 'L-peptide linking' y ARGININE ? 'C6 H15 N4 O2 1' 175.209 
ASN 'L-peptide linking' y ASPARAGINE ? 'C4 H8 N2 O3'    132.118 
ASP 'L-peptide linking' y 'ASPARTIC ACID' ? 'C4 H7 N O4'     133.103 
CYS 'L-peptide linking' y CYSTEINE ? 'C3 H7 N O2 S'   121.158 
GHY non-polymer         . 
;propan-2-yl N-[(2S)-1-oxidanylidene-1-[[(2S)-1-oxidanyl-3-[(3S)-2-oxidanylidenepyrrolidin-3-yl]propan-2-yl]amino]-3-phenyl-propan-2-yl]carbamate
;
? 'C20 H29 N3 O5'  391.461 
GLN 'L-peptide linking' y GLUTAMINE ? 'C5 H10 N2 O3'   146.144 
GLU 'L-peptide linking' y 'GLUTAMIC ACID' ? 'C5 H9 N O4'     147.129 
GLY 'peptide linking'   y GLYCINE ? 'C2 H5 N O2'     75.067  
HIS 'L-peptide linking' y HISTIDINE ? 'C6 H10 N3 O2 1' 156.162 
HOH non-polymer         . WATER ? 'H2 O'           18.015  
ILE 'L-peptide linking' y ISOLEUCINE ? 'C6 H13 N O2'    131.173 
LEU 'L-peptide linking' y LEUCINE ? 'C6 H13 N O2'    131.173 
LYS 'L-peptide linking' y LYSINE ? 'C6 H15 N2 O2 1' 147.195 
MET 'L-peptide linking' y METHIONINE ? 'C5 H11 N O2 S'  149.211 
PHE 'L-peptide linking' y PHENYLALANINE ? 'C9 H11 N O2'    165.189 
PRO 'L-peptide linking' y PROLINE ? 'C5 H9 N O2'     115.130 
SER 'L-peptide linking' y SERINE ? 'C3 H7 N O3'     105.093 
THR 'L-peptide linking' y THREONINE ? 'C4 H9 N O3'     119.119 
TRP 'L-peptide linking' y TRYPTOPHAN ? 'C11 H12 N2 O2'  204.225 
TYR 'L-peptide linking' y TYROSINE ? 'C9 H11 N O3'    181.189 
VAL 'L-peptide linking' y VALINE ? 'C5 H11 N O2'    117.146 
# 
loop_
_pdbx_poly_seq_scheme.asym_id 
_pdbx_poly_seq_scheme.entity_id 
_pdbx_poly_seq_scheme.seq_id 
_pdbx_poly_seq_scheme.mon_id 
_pdbx_poly_seq_scheme.ndb_seq_num 
_pdbx_poly_seq_scheme.pdb_seq_num 
_pdbx_poly_seq_scheme.auth_seq_num 
_pdbx_poly_seq_scheme.pdb_mon_id 
_pdbx_poly_seq_scheme.auth_mon_id 
_pdbx_poly_seq_scheme.pdb_strand_id 
_pdbx_poly_seq_scheme.pdb_ins_code 
_pdbx_poly_seq_scheme.hetero 
A 1 1   MET 1   0   0   MET MET A . n 
A 1 2   GLY 2   1   1   GLY GLY A . n 
A 1 3   PRO 3   2   2   PRO PRO A . n 
A 1 4   SER 4   3   3   SER SER A . n 
A 1 5   LEU 5   4   4   LEU LEU A . n 
A 1 6   ASP 6   5   5   ASP ASP A . n 
A 1 7   PHE 7   6   6   PHE PHE A . n 
A 1 8   ALA 8   7   7   ALA ALA A . n 
A 1 9   LEU 9   8   8   LEU LEU A . n 
A 1 10  SER 10  9   9   SER SER A . n 
A 1 11  LEU 11  10  10  LEU LEU A . n 
A 1 12  LEU 12  11  11  LEU LEU A . n 
A 1 13  ARG 13  12  12  ARG ARG A . n 
A 1 14  ARG 14  13  13  ARG ARG A . n 
A 1 15  ASN 15  14  14  ASN ASN A . n 
A 1 16  VAL 16  15  15  VAL VAL A . n 
A 1 17  ARG 17  16  16  ARG ARG A . n 
A 1 18  GLN 18  17  17  GLN GLN A . n 
A 1 19  VAL 19  18  18  VAL VAL A . n 
A 1 20  GLN 20  19  19  GLN GLN A . n 
A 1 21  THR 21  20  20  THR THR A . n 
A 1 22  ASP 22  21  21  ASP ASP A . n 
A 1 23  GLN 23  22  22  GLN GLN A . n 
A 1 24  GLY 24  23  23  GLY GLY A . n 
A 1 25  HIS 25  24  24  HIS HIS A . n 
A 1 26  PHE 26  25  25  PHE PHE A . n 
A 1 27  THR 27  26  26  THR THR A . n 
A 1 28  MET 28  27  27  MET MET A . n 
A 1 29  LEU 29  28  28  LEU LEU A . n 
A 1 30  GLY 30  29  29  GLY GLY A . n 
A 1 31  VAL 31  30  30  VAL VAL A . n 
A 1 32  ARG 32  31  31  ARG ARG A . n 
A 1 33  ASP 33  32  32  ASP ASP A . n 
A 1 34  ARG 34  33  33  ARG ARG A . n 
A 1 35  LEU 35  34  34  LEU LEU A . n 
A 1 36  ALA 36  35  35  ALA ALA A . n 
A 1 37  VAL 37  36  36  VAL VAL A . n 
A 1 38  LEU 38  37  37  LEU LEU A . n 
A 1 39  PRO 39  38  38  PRO PRO A . n 
A 1 40  ARG 40  39  39  ARG ARG A . n 
A 1 41  HIS 41  40  40  HIS HIS A . n 
A 1 42  SER 42  41  41  SER SER A . n 
A 1 43  GLN 43  42  42  GLN GLN A . n 
A 1 44  PRO 44  43  43  PRO PRO A . n 
A 1 45  GLY 45  44  44  GLY GLY A . n 
A 1 46  LYS 46  45  45  LYS LYS A . n 
A 1 47  THR 47  46  46  THR THR A . n 
A 1 48  ILE 48  47  47  ILE ILE A . n 
A 1 49  TRP 49  48  48  TRP TRP A . n 
A 1 50  ILE 50  49  49  ILE ILE A . n 
A 1 51  GLU 51  50  50  GLU GLU A . n 
A 1 52  HIS 52  51  51  HIS HIS A . n 
A 1 53  LYS 53  52  52  LYS LYS A . n 
A 1 54  LEU 54  53  53  LEU LEU A . n 
A 1 55  VAL 55  54  54  VAL VAL A . n 
A 1 56  ASN 56  55  55  ASN ASN A . n 
A 1 57  ILE 57  56  56  ILE ILE A . n 
A 1 58  LEU 58  57  57  LEU LEU A . n 
A 1 59  ASP 59  58  58  ASP ASP A . n 
A 1 60  ALA 60  59  59  ALA ALA A . n 
A 1 61  VAL 61  60  60  VAL VAL A . n 
A 1 62  GLU 62  61  61  GLU GLU A . n 
A 1 63  LEU 63  62  62  LEU LEU A . n 
A 1 64  VAL 64  63  63  VAL VAL A . n 
A 1 65  ASP 65  64  64  ASP ASP A . n 
A 1 66  GLU 66  65  65  GLU GLU A . n 
A 1 67  GLN 67  66  66  GLN GLN A . n 
A 1 68  GLY 68  67  67  GLY GLY A . n 
A 1 69  VAL 69  68  68  VAL VAL A . n 
A 1 70  ASN 70  69  69  ASN ASN A . n 
A 1 71  LEU 71  70  70  LEU LEU A . n 
A 1 72  GLU 72  71  71  GLU GLU A . n 
A 1 73  LEU 73  72  72  LEU LEU A . n 
A 1 74  THR 74  73  73  THR THR A . n 
A 1 75  LEU 75  74  74  LEU LEU A . n 
A 1 76  ILE 76  75  75  ILE ILE A . n 
A 1 77  THR 77  76  76  THR THR A . n 
A 1 78  LEU 78  77  77  LEU LEU A . n 
A 1 79  ASP 79  78  78  ASP ASP A . n 
A 1 80  THR 80  79  79  THR THR A . n 
A 1 81  ASN 81  80  80  ASN ASN A . n 
A 1 82  GLU 82  81  81  GLU GLU A . n 
A 1 83  LYS 83  82  82  LYS LYS A . n 
A 1 84  PHE 84  83  83  PHE PHE A . n 
A 1 85  ARG 85  84  84  ARG ARG A . n 
A 1 86  ASP 86  85  85  ASP ASP A . n 
A 1 87  ILE 87  86  86  ILE ILE A . n 
A 1 88  THR 88  87  87  THR THR A . n 
A 1 89  LYS 89  88  88  LYS LYS A . n 
A 1 90  PHE 90  89  89  PHE PHE A . n 
A 1 91  ILE 91  90  90  ILE ILE A . n 
A 1 92  PRO 92  91  91  PRO PRO A . n 
A 1 93  GLU 93  92  92  GLU GLU A . n 
A 1 94  ASN 94  93  93  ASN ASN A . n 
A 1 95  ILE 95  94  94  ILE ILE A . n 
A 1 96  SER 96  95  95  SER SER A . n 
A 1 97  THR 97  96  96  THR THR A . n 
A 1 98  ALA 98  97  97  ALA ALA A . n 
A 1 99  SER 99  98  98  SER SER A . n 
A 1 100 ASP 100 99  99  ASP ASP A . n 
A 1 101 ALA 101 100 100 ALA ALA A . n 
A 1 102 THR 102 101 101 THR THR A . n 
A 1 103 LEU 103 102 102 LEU LEU A . n 
A 1 104 VAL 104 103 103 VAL VAL A . n 
A 1 105 ILE 105 104 104 ILE ILE A . n 
A 1 106 ASN 106 105 105 ASN ASN A . n 
A 1 107 THR 107 106 106 THR THR A . n 
A 1 108 GLU 108 107 107 GLU GLU A . n 
A 1 109 HIS 109 108 108 HIS HIS A . n 
A 1 110 MET 110 109 109 MET MET A . n 
A 1 111 PRO 111 110 110 PRO PRO A . n 
A 1 112 SER 112 111 111 SER SER A . n 
A 1 113 MET 113 112 112 MET MET A . n 
A 1 114 PHE 114 113 113 PHE PHE A . n 
A 1 115 VAL 115 114 114 VAL VAL A . n 
A 1 116 PRO 116 115 115 PRO PRO A . n 
A 1 117 VAL 117 116 116 VAL VAL A . n 
A 1 118 GLY 118 117 117 GLY GLY A . n 
A 1 119 ASP 119 118 118 ASP ASP A . n 
A 1 120 VAL 120 119 119 VAL VAL A . n 
A 1 121 VAL 121 120 120 VAL VAL A . n 
A 1 122 GLN 122 121 121 GLN GLN A . n 
A 1 123 TYR 123 122 122 TYR TYR A . n 
A 1 124 GLY 124 123 123 GLY GLY A . n 
A 1 125 PHE 125 124 124 PHE PHE A . n 
A 1 126 LEU 126 125 125 LEU LEU A . n 
A 1 127 ASN 127 126 126 ASN ASN A . n 
A 1 128 LEU 128 127 127 LEU LEU A . n 
A 1 129 SER 129 128 128 SER SER A . n 
A 1 130 GLY 130 129 129 GLY GLY A . n 
A 1 131 LYS 131 130 130 LYS LYS A . n 
A 1 132 PRO 132 131 131 PRO PRO A . n 
A 1 133 THR 133 132 132 THR THR A . n 
A 1 134 HIS 134 133 133 HIS HIS A . n 
A 1 135 ARG 135 134 134 ARG ARG A . n 
A 1 136 THR 136 135 135 THR THR A . n 
A 1 137 MET 137 136 136 MET MET A . n 
A 1 138 MET 138 137 137 MET MET A . n 
A 1 139 TYR 139 138 138 TYR TYR A . n 
A 1 140 ASN 140 139 139 ASN ASN A . n 
A 1 141 PHE 141 140 140 PHE PHE A . n 
A 1 142 PRO 142 141 141 PRO PRO A . n 
A 1 143 THR 143 142 142 THR THR A . n 
A 1 144 LYS 144 143 143 LYS LYS A . n 
A 1 145 ALA 145 144 144 ALA ALA A . n 
A 1 146 GLY 146 145 145 GLY GLY A . n 
A 1 147 GLN 147 146 146 GLN GLN A . n 
A 1 148 CYS 148 147 147 CYS CYS A . n 
A 1 149 GLY 149 148 148 GLY GLY A . n 
A 1 150 GLY 150 149 149 GLY GLY A . n 
A 1 151 VAL 151 150 150 VAL VAL A . n 
A 1 152 VAL 152 151 151 VAL VAL A . n 
A 1 153 THR 153 152 152 THR THR A . n 
A 1 154 SER 154 153 153 SER SER A . n 
A 1 155 VAL 155 154 154 VAL VAL A . n 
A 1 156 GLY 156 155 155 GLY GLY A . n 
A 1 157 LYS 157 156 156 LYS LYS A . n 
A 1 158 VAL 158 157 157 VAL VAL A . n 
A 1 159 ILE 159 158 158 ILE ILE A . n 
A 1 160 GLY 160 159 159 GLY GLY A . n 
A 1 161 ILE 161 160 160 ILE ILE A . n 
A 1 162 HIS 162 161 161 HIS HIS A . n 
A 1 163 ILE 163 162 162 ILE ILE A . n 
A 1 164 GLY 164 163 163 GLY GLY A . n 
A 1 165 GLY 165 164 164 GLY GLY A . n 
A 1 166 ASN 166 165 165 ASN ASN A . n 
A 1 167 GLY 167 166 166 GLY GLY A . n 
A 1 168 ARG 168 167 167 ARG ARG A . n 
A 1 169 GLN 169 168 168 GLN GLN A . n 
A 1 170 GLY 170 169 169 GLY GLY A . n 
A 1 171 PHE 171 170 170 PHE PHE A . n 
A 1 172 CYS 172 171 171 CYS CYS A . n 
A 1 173 ALA 173 172 172 ALA ALA A . n 
A 1 174 GLY 174 173 173 GLY GLY A . n 
A 1 175 LEU 175 174 174 LEU LEU A . n 
A 1 176 LYS 176 175 175 LYS LYS A . n 
A 1 177 ARG 177 176 176 ARG ARG A . n 
A 1 178 SER 178 177 177 SER SER A . n 
A 1 179 TYR 179 178 178 TYR TYR A . n 
A 1 180 PHE 180 179 179 PHE PHE A . n 
A 1 181 ALA 181 180 180 ALA ALA A . n 
A 1 182 SER 182 181 ?   ?   ?   A . n 
A 1 183 GLU 183 182 ?   ?   ?   A . n 
A 1 184 GLN 184 183 ?   ?   ?   A . n 
A 1 185 LEU 185 184 ?   ?   ?   A . n 
A 1 186 GLU 186 185 ?   ?   ?   A . n 
A 1 187 HIS 187 186 ?   ?   ?   A . n 
A 1 188 HIS 188 187 ?   ?   ?   A . n 
A 1 189 HIS 189 188 ?   ?   ?   A . n 
A 1 190 HIS 190 189 ?   ?   ?   A . n 
A 1 191 HIS 191 190 ?   ?   ?   A . n 
A 1 192 HIS 192 191 ?   ?   ?   A . n 
# 
loop_
_pdbx_nonpoly_scheme.asym_id 
_pdbx_nonpoly_scheme.entity_id 
_pdbx_nonpoly_scheme.mon_id 
_pdbx_nonpoly_scheme.ndb_seq_num 
_pdbx_nonpoly_scheme.pdb_seq_num 
_pdbx_nonpoly_scheme.auth_seq_num 
_pdbx_nonpoly_scheme.pdb_mon_id 
_pdbx_nonpoly_scheme.auth_mon_id 
_pdbx_nonpoly_scheme.pdb_strand_id 
_pdbx_nonpoly_scheme.pdb_ins_code 
B 2 GHY 1  201 201 GHY GHY A . 
C 3 HOH 1  301 355 HOH HOH A . 
C 3 HOH 2  302 333 HOH HOH A . 
C 3 HOH 3  303 332 HOH HOH A . 
C 3 HOH 4  304 309 HOH HOH A . 
C 3 HOH 5  305 352 HOH HOH A . 
C 3 HOH 6  306 357 HOH HOH A . 
C 3 HOH 7  307 306 HOH HOH A . 
C 3 HOH 8  308 346 HOH HOH A . 
C 3 HOH 9  309 323 HOH HOH A . 
C 3 HOH 10 310 313 HOH HOH A . 
C 3 HOH 11 311 324 HOH HOH A . 
C 3 HOH 12 312 334 HOH HOH A . 
C 3 HOH 13 313 356 HOH HOH A . 
C 3 HOH 14 314 335 HOH HOH A . 
C 3 HOH 15 315 314 HOH HOH A . 
C 3 HOH 16 316 351 HOH HOH A . 
C 3 HOH 17 317 328 HOH HOH A . 
C 3 HOH 18 318 321 HOH HOH A . 
C 3 HOH 19 319 336 HOH HOH A . 
C 3 HOH 20 320 319 HOH HOH A . 
C 3 HOH 21 321 353 HOH HOH A . 
C 3 HOH 22 322 345 HOH HOH A . 
C 3 HOH 23 323 317 HOH HOH A . 
C 3 HOH 24 324 347 HOH HOH A . 
C 3 HOH 25 325 337 HOH HOH A . 
C 3 HOH 26 326 320 HOH HOH A . 
C 3 HOH 27 327 304 HOH HOH A . 
C 3 HOH 28 328 343 HOH HOH A . 
C 3 HOH 29 329 325 HOH HOH A . 
C 3 HOH 30 330 303 HOH HOH A . 
C 3 HOH 31 331 302 HOH HOH A . 
C 3 HOH 32 332 315 HOH HOH A . 
C 3 HOH 33 333 344 HOH HOH A . 
C 3 HOH 34 334 331 HOH HOH A . 
C 3 HOH 35 335 348 HOH HOH A . 
C 3 HOH 36 336 307 HOH HOH A . 
C 3 HOH 37 337 349 HOH HOH A . 
C 3 HOH 38 338 354 HOH HOH A . 
C 3 HOH 39 339 308 HOH HOH A . 
C 3 HOH 40 340 322 HOH HOH A . 
C 3 HOH 41 341 330 HOH HOH A . 
C 3 HOH 42 342 329 HOH HOH A . 
C 3 HOH 43 343 350 HOH HOH A . 
C 3 HOH 44 344 311 HOH HOH A . 
C 3 HOH 45 345 318 HOH HOH A . 
C 3 HOH 46 346 305 HOH HOH A . 
C 3 HOH 47 347 326 HOH HOH A . 
C 3 HOH 48 348 327 HOH HOH A . 
C 3 HOH 49 349 312 HOH HOH A . 
C 3 HOH 50 350 338 HOH HOH A . 
C 3 HOH 51 351 310 HOH HOH A . 
C 3 HOH 52 352 342 HOH HOH A . 
C 3 HOH 53 353 340 HOH HOH A . 
C 3 HOH 54 354 301 HOH HOH A . 
C 3 HOH 55 355 316 HOH HOH A . 
C 3 HOH 56 356 341 HOH HOH A . 
C 3 HOH 57 357 339 HOH HOH A . 
# 
loop_
_software.citation_id 
_software.classification 
_software.compiler_name 
_software.compiler_version 
_software.contact_author 
_software.contact_author_email 
_software.date 
_software.description 
_software.dependencies 
_software.hardware 
_software.language 
_software.location 
_software.mods 
_software.name 
_software.os 
_software.os_version 
_software.type 
_software.version 
_software.pdbx_ordinal 
? 'data reduction' ? ? ? ? ? ? ? ? ? ? ? HKL-2000 ? ? ? .        1 
? 'data scaling'   ? ? ? ? ? ? ? ? ? ? ? HKL-2000 ? ? ? .        2 
? phasing          ? ? ? ? ? ? ? ? ? ? ? PHASER   ? ? ? .        3 
? refinement       ? ? ? ? ? ? ? ? ? ? ? REFMAC   ? ? ? 5.7.0029 4 
# 
_cell.angle_alpha                  90.00 
_cell.angle_alpha_esd              ? 
_cell.angle_beta                   90.00 
_cell.angle_beta_esd               ? 
_cell.angle_gamma                  90.00 
_cell.angle_gamma_esd              ? 
_cell.entry_id                     5C1Y 
_cell.details                      ? 
_cell.formula_units_Z              ? 
_cell.length_a                     64.367 
_cell.length_a_esd                 ? 
_cell.length_b                     65.062 
_cell.length_b_esd                 ? 
_cell.length_c                     75.862 
_cell.length_c_esd                 ? 
_cell.volume                       ? 
_cell.volume_esd                   ? 
_cell.Z_PDB                        8 
_cell.reciprocal_angle_alpha       ? 
_cell.reciprocal_angle_beta        ? 
_cell.reciprocal_angle_gamma       ? 
_cell.reciprocal_angle_alpha_esd   ? 
_cell.reciprocal_angle_beta_esd    ? 
_cell.reciprocal_angle_gamma_esd   ? 
_cell.reciprocal_length_a          ? 
_cell.reciprocal_length_b          ? 
_cell.reciprocal_length_c          ? 
_cell.reciprocal_length_a_esd      ? 
_cell.reciprocal_length_b_esd      ? 
_cell.reciprocal_length_c_esd      ? 
_cell.pdbx_unique_axis             ? 
# 
_symmetry.entry_id                         5C1Y 
_symmetry.cell_setting                     ? 
_symmetry.Int_Tables_number                20 
_symmetry.space_group_name_Hall            ? 
_symmetry.space_group_name_H-M             'C 2 2 21' 
_symmetry.pdbx_full_space_group_name_H-M   ? 
# 
_exptl.absorpt_coefficient_mu     ? 
_exptl.absorpt_correction_T_max   ? 
_exptl.absorpt_correction_T_min   ? 
_exptl.absorpt_correction_type    ? 
_exptl.absorpt_process_details    ? 
_exptl.entry_id                   5C1Y 
_exptl.crystals_number            1 
_exptl.details                    ? 
_exptl.method                     'X-RAY DIFFRACTION' 
_exptl.method_details             ? 
# 
_exptl_crystal.colour                      ? 
_exptl_crystal.density_diffrn              ? 
_exptl_crystal.density_Matthews            1.86 
_exptl_crystal.density_method              ? 
_exptl_crystal.density_percent_sol         33.74 
_exptl_crystal.description                 ? 
_exptl_crystal.F_000                       ? 
_exptl_crystal.id                          1 
_exptl_crystal.preparation                 ? 
_exptl_crystal.size_max                    ? 
_exptl_crystal.size_mid                    ? 
_exptl_crystal.size_min                    ? 
_exptl_crystal.size_rad                    ? 
_exptl_crystal.colour_lustre               ? 
_exptl_crystal.colour_modifier             ? 
_exptl_crystal.colour_primary              ? 
_exptl_crystal.density_meas                ? 
_exptl_crystal.density_meas_esd            ? 
_exptl_crystal.density_meas_gt             ? 
_exptl_crystal.density_meas_lt             ? 
_exptl_crystal.density_meas_temp           ? 
_exptl_crystal.density_meas_temp_esd       ? 
_exptl_crystal.density_meas_temp_gt        ? 
_exptl_crystal.density_meas_temp_lt        ? 
_exptl_crystal.pdbx_crystal_image_url      ? 
_exptl_crystal.pdbx_crystal_image_format   ? 
_exptl_crystal.pdbx_mosaicity              ? 
_exptl_crystal.pdbx_mosaicity_esd          ? 
# 
_exptl_crystal_grow.apparatus       ? 
_exptl_crystal_grow.atmosphere      ? 
_exptl_crystal_grow.crystal_id      1 
_exptl_crystal_grow.details         ? 
_exptl_crystal_grow.method          'VAPOR DIFFUSION, HANGING DROP' 
_exptl_crystal_grow.method_ref      ? 
_exptl_crystal_grow.pH              8.5 
_exptl_crystal_grow.pressure        ? 
_exptl_crystal_grow.pressure_esd    ? 
_exptl_crystal_grow.seeding         ? 
_exptl_crystal_grow.seeding_ref     ? 
_exptl_crystal_grow.temp            289 
_exptl_crystal_grow.temp_details    ? 
_exptl_crystal_grow.temp_esd        ? 
_exptl_crystal_grow.time            ? 
_exptl_crystal_grow.pdbx_details    '100MM TRIS, 25% PEG4000, 0.8M LITHIUM CHLORIDE' 
_exptl_crystal_grow.pdbx_pH_range   ? 
# 
_diffrn.ambient_environment    ? 
_diffrn.ambient_temp           100 
_diffrn.ambient_temp_details   ? 
_diffrn.ambient_temp_esd       ? 
_diffrn.crystal_id             1 
_diffrn.crystal_support        ? 
_diffrn.crystal_treatment      ? 
_diffrn.details                ? 
_diffrn.id                     1 
_diffrn.ambient_pressure       ? 
_diffrn.ambient_pressure_esd   ? 
_diffrn.ambient_pressure_gt    ? 
_diffrn.ambient_pressure_lt    ? 
_diffrn.ambient_temp_gt        ? 
_diffrn.ambient_temp_lt        ? 
# 
_diffrn_detector.details                      ? 
_diffrn_detector.detector                     CCD 
_diffrn_detector.diffrn_id                    1 
_diffrn_detector.type                         'ADSC QUANTUM 315r' 
_diffrn_detector.area_resol_mean              ? 
_diffrn_detector.dtime                        ? 
_diffrn_detector.pdbx_frames_total            ? 
_diffrn_detector.pdbx_collection_time_total   ? 
_diffrn_detector.pdbx_collection_date         2011-03-01 
# 
_diffrn_radiation.collimation                      ? 
_diffrn_radiation.diffrn_id                        1 
_diffrn_radiation.filter_edge                      ? 
_diffrn_radiation.inhomogeneity                    ? 
_diffrn_radiation.monochromator                    'SI 111 CHANNEL' 
_diffrn_radiation.polarisn_norm                    ? 
_diffrn_radiation.polarisn_ratio                   ? 
_diffrn_radiation.probe                            ? 
_diffrn_radiation.type                             ? 
_diffrn_radiation.xray_symbol                      ? 
_diffrn_radiation.wavelength_id                    1 
_diffrn_radiation.pdbx_monochromatic_or_laue_m_l   M 
_diffrn_radiation.pdbx_wavelength_list             ? 
_diffrn_radiation.pdbx_wavelength                  ? 
_diffrn_radiation.pdbx_diffrn_protocol             'SINGLE WAVELENGTH' 
_diffrn_radiation.pdbx_analyzer                    ? 
_diffrn_radiation.pdbx_scattering_type             x-ray 
# 
_diffrn_radiation_wavelength.id           1 
_diffrn_radiation_wavelength.wavelength   0.97930 
_diffrn_radiation_wavelength.wt           1.0 
# 
_diffrn_source.current                     ? 
_diffrn_source.details                     ? 
_diffrn_source.diffrn_id                   1 
_diffrn_source.power                       ? 
_diffrn_source.size                        ? 
_diffrn_source.source                      SYNCHROTRON 
_diffrn_source.target                      ? 
_diffrn_source.type                        'SSRF BEAMLINE BL17U' 
_diffrn_source.voltage                     ? 
_diffrn_source.take-off_angle              ? 
_diffrn_source.pdbx_wavelength_list        0.97930 
_diffrn_source.pdbx_wavelength             ? 
_diffrn_source.pdbx_synchrotron_beamline   BL17U 
_diffrn_source.pdbx_synchrotron_site       SSRF 
# 
_reflns.B_iso_Wilson_estimate            ? 
_reflns.entry_id                         5C1Y 
_reflns.data_reduction_details           ? 
_reflns.data_reduction_method            ? 
_reflns.d_resolution_high                1.970 
_reflns.d_resolution_low                 50.000 
_reflns.details                          ? 
_reflns.limit_h_max                      ? 
_reflns.limit_h_min                      ? 
_reflns.limit_k_max                      ? 
_reflns.limit_k_min                      ? 
_reflns.limit_l_max                      ? 
_reflns.limit_l_min                      ? 
_reflns.number_all                       ? 
_reflns.number_obs                       10831 
_reflns.observed_criterion               ? 
_reflns.observed_criterion_F_max         ? 
_reflns.observed_criterion_F_min         ? 
_reflns.observed_criterion_I_max         ? 
_reflns.observed_criterion_I_min         ? 
_reflns.observed_criterion_sigma_F       ? 
_reflns.observed_criterion_sigma_I       -3.000 
_reflns.percent_possible_obs             93.3 
_reflns.R_free_details                   ? 
_reflns.Rmerge_F_all                     ? 
_reflns.Rmerge_F_obs                     ? 
_reflns.Friedel_coverage                 ? 
_reflns.number_gt                        ? 
_reflns.threshold_expression             ? 
_reflns.pdbx_redundancy                  5.800 
_reflns.pdbx_Rmerge_I_obs                0.09600 
_reflns.pdbx_Rmerge_I_all                ? 
_reflns.pdbx_Rsym_value                  ? 
_reflns.pdbx_netI_over_av_sigmaI         ? 
_reflns.pdbx_netI_over_sigmaI            14.4000 
_reflns.pdbx_res_netI_over_av_sigmaI_2   ? 
_reflns.pdbx_res_netI_over_sigmaI_2      ? 
_reflns.pdbx_chi_squared                 ? 
_reflns.pdbx_scaling_rejects             ? 
_reflns.pdbx_d_res_high_opt              ? 
_reflns.pdbx_d_res_low_opt               ? 
_reflns.pdbx_d_res_opt_method            ? 
_reflns.phase_calculation_details        ? 
_reflns.pdbx_Rrim_I_all                  ? 
_reflns.pdbx_Rpim_I_all                  ? 
_reflns.pdbx_d_opt                       ? 
_reflns.pdbx_number_measured_all         ? 
_reflns.pdbx_diffrn_id                   1 
_reflns.pdbx_ordinal                     1 
_reflns.pdbx_CC_half                     ? 
_reflns.pdbx_R_split                     ? 
# 
_reflns_shell.d_res_high                  1.97 
_reflns_shell.d_res_low                   2.00 
_reflns_shell.meanI_over_sigI_all         ? 
_reflns_shell.meanI_over_sigI_obs         ? 
_reflns_shell.number_measured_all         ? 
_reflns_shell.number_measured_obs         ? 
_reflns_shell.number_possible             ? 
_reflns_shell.number_unique_all           ? 
_reflns_shell.number_unique_obs           ? 
_reflns_shell.percent_possible_all        100.0 
_reflns_shell.percent_possible_obs        ? 
_reflns_shell.Rmerge_F_all                ? 
_reflns_shell.Rmerge_F_obs                ? 
_reflns_shell.Rmerge_I_all                ? 
_reflns_shell.Rmerge_I_obs                0.36300 
_reflns_shell.meanI_over_sigI_gt          ? 
_reflns_shell.meanI_over_uI_all           ? 
_reflns_shell.meanI_over_uI_gt            ? 
_reflns_shell.number_measured_gt          ? 
_reflns_shell.number_unique_gt            ? 
_reflns_shell.percent_possible_gt         ? 
_reflns_shell.Rmerge_F_gt                 ? 
_reflns_shell.Rmerge_I_gt                 ? 
_reflns_shell.pdbx_redundancy             6.60 
_reflns_shell.pdbx_Rsym_value             ? 
_reflns_shell.pdbx_chi_squared            ? 
_reflns_shell.pdbx_netI_over_sigmaI_all   ? 
_reflns_shell.pdbx_netI_over_sigmaI_obs   ? 
_reflns_shell.pdbx_Rrim_I_all             ? 
_reflns_shell.pdbx_Rpim_I_all             ? 
_reflns_shell.pdbx_rejects                ? 
_reflns_shell.pdbx_ordinal                1 
_reflns_shell.pdbx_diffrn_id              1 
_reflns_shell.pdbx_CC_half                ? 
_reflns_shell.pdbx_R_split                ? 
# 
_refine.aniso_B[1][1]                            -1.56000 
_refine.aniso_B[1][2]                            -0.00000 
_refine.aniso_B[1][3]                            0.00000 
_refine.aniso_B[2][2]                            0.57000 
_refine.aniso_B[2][3]                            -0.00000 
_refine.aniso_B[3][3]                            0.99000 
_refine.B_iso_max                                ? 
_refine.B_iso_mean                               31.01 
_refine.B_iso_min                                ? 
_refine.correlation_coeff_Fo_to_Fc               0.942 
_refine.correlation_coeff_Fo_to_Fc_free          0.898 
_refine.details                                  'HYDROGENS HAVE BEEN ADDED IN THE RIDING' 
_refine.diff_density_max                         ? 
_refine.diff_density_max_esd                     ? 
_refine.diff_density_min                         ? 
_refine.diff_density_min_esd                     ? 
_refine.diff_density_rms                         ? 
_refine.diff_density_rms_esd                     ? 
_refine.entry_id                                 5C1Y 
_refine.pdbx_refine_id                           'X-RAY DIFFRACTION' 
_refine.ls_abs_structure_details                 ? 
_refine.ls_abs_structure_Flack                   ? 
_refine.ls_abs_structure_Flack_esd               ? 
_refine.ls_abs_structure_Rogers                  ? 
_refine.ls_abs_structure_Rogers_esd              ? 
_refine.ls_d_res_high                            1.97 
_refine.ls_d_res_low                             39.21 
_refine.ls_extinction_coef                       ? 
_refine.ls_extinction_coef_esd                   ? 
_refine.ls_extinction_expression                 ? 
_refine.ls_extinction_method                     ? 
_refine.ls_goodness_of_fit_all                   ? 
_refine.ls_goodness_of_fit_all_esd               ? 
_refine.ls_goodness_of_fit_obs                   ? 
_refine.ls_goodness_of_fit_obs_esd               ? 
_refine.ls_hydrogen_treatment                    ? 
_refine.ls_matrix_type                           ? 
_refine.ls_number_constraints                    ? 
_refine.ls_number_parameters                     ? 
_refine.ls_number_reflns_all                     ? 
_refine.ls_number_reflns_obs                     10755 
_refine.ls_number_reflns_R_free                  513 
_refine.ls_number_reflns_R_work                  ? 
_refine.ls_number_restraints                     ? 
_refine.ls_percent_reflns_obs                    92.7 
_refine.ls_percent_reflns_R_free                 4.800 
_refine.ls_R_factor_all                          ? 
_refine.ls_R_factor_obs                          0.214 
_refine.ls_R_factor_R_free                       0.290 
_refine.ls_R_factor_R_free_error                 ? 
_refine.ls_R_factor_R_free_error_details         ? 
_refine.ls_R_factor_R_work                       0.211 
_refine.ls_R_Fsqd_factor_obs                     ? 
_refine.ls_R_I_factor_obs                        ? 
_refine.ls_redundancy_reflns_all                 ? 
_refine.ls_redundancy_reflns_obs                 ? 
_refine.ls_restrained_S_all                      ? 
_refine.ls_restrained_S_obs                      ? 
_refine.ls_shift_over_esd_max                    ? 
_refine.ls_shift_over_esd_mean                   ? 
_refine.ls_structure_factor_coef                 ? 
_refine.ls_weighting_details                     ? 
_refine.ls_weighting_scheme                      ? 
_refine.ls_wR_factor_all                         ? 
_refine.ls_wR_factor_obs                         ? 
_refine.ls_wR_factor_R_free                      ? 
_refine.ls_wR_factor_R_work                      ? 
_refine.occupancy_max                            ? 
_refine.occupancy_min                            ? 
_refine.solvent_model_details                    MASK 
_refine.solvent_model_param_bsol                 ? 
_refine.solvent_model_param_ksol                 ? 
_refine.ls_R_factor_gt                           ? 
_refine.ls_goodness_of_fit_gt                    ? 
_refine.ls_goodness_of_fit_ref                   ? 
_refine.ls_shift_over_su_max                     ? 
_refine.ls_shift_over_su_max_lt                  ? 
_refine.ls_shift_over_su_mean                    ? 
_refine.ls_shift_over_su_mean_lt                 ? 
_refine.pdbx_ls_sigma_I                          ? 
_refine.pdbx_ls_sigma_F                          0.000 
_refine.pdbx_ls_sigma_Fsqd                       ? 
_refine.pdbx_data_cutoff_high_absF               ? 
_refine.pdbx_data_cutoff_high_rms_absF           ? 
_refine.pdbx_data_cutoff_low_absF                ? 
_refine.pdbx_isotropic_thermal_model             ? 
_refine.pdbx_ls_cross_valid_method               THROUGHOUT 
_refine.pdbx_method_to_determine_struct          'MOLECULAR REPLACEMENT' 
_refine.pdbx_starting_model                      'PDB ENTRY 4GHQ' 
_refine.pdbx_stereochemistry_target_values       'MAXIMUM LIKELIHOOD' 
_refine.pdbx_R_Free_selection_details            RANDOM 
_refine.pdbx_stereochem_target_val_spec_case     ? 
_refine.pdbx_overall_ESU_R                       0.254 
_refine.pdbx_overall_ESU_R_Free                  0.226 
_refine.pdbx_solvent_vdw_probe_radii             1.20 
_refine.pdbx_solvent_ion_probe_radii             0.80 
_refine.pdbx_solvent_shrinkage_radii             0.80 
_refine.pdbx_real_space_R                        ? 
_refine.pdbx_density_correlation                 ? 
_refine.pdbx_pd_number_of_powder_patterns        ? 
_refine.pdbx_pd_number_of_points                 ? 
_refine.pdbx_pd_meas_number_of_points            ? 
_refine.pdbx_pd_proc_ls_prof_R_factor            ? 
_refine.pdbx_pd_proc_ls_prof_wR_factor           ? 
_refine.pdbx_pd_Marquardt_correlation_coeff      ? 
_refine.pdbx_pd_Fsqrd_R_factor                   ? 
_refine.pdbx_pd_ls_matrix_band_width             ? 
_refine.pdbx_overall_phase_error                 ? 
_refine.pdbx_overall_SU_R_free_Cruickshank_DPI   ? 
_refine.pdbx_overall_SU_R_free_Blow_DPI          ? 
_refine.pdbx_overall_SU_R_Blow_DPI               ? 
_refine.pdbx_TLS_residual_ADP_flag               ? 
_refine.pdbx_diffrn_id                           1 
_refine.overall_SU_B                             5.063 
_refine.overall_SU_ML                            0.144 
_refine.overall_SU_R_Cruickshank_DPI             ? 
_refine.overall_SU_R_free                        ? 
_refine.overall_FOM_free_R_set                   ? 
_refine.overall_FOM_work_R_set                   ? 
_refine.pdbx_average_fsc_overall                 ? 
_refine.pdbx_average_fsc_work                    ? 
_refine.pdbx_average_fsc_free                    ? 
# 
_refine_hist.pdbx_refine_id                   'X-RAY DIFFRACTION' 
_refine_hist.cycle_id                         LAST 
_refine_hist.pdbx_number_atoms_protein        1401 
_refine_hist.pdbx_number_atoms_nucleic_acid   0 
_refine_hist.pdbx_number_atoms_ligand         28 
_refine_hist.number_atoms_solvent             57 
_refine_hist.number_atoms_total               1486 
_refine_hist.d_res_high                       1.97 
_refine_hist.d_res_low                        39.21 
# 
loop_
_refine_ls_restr.pdbx_refine_id 
_refine_ls_restr.criterion 
_refine_ls_restr.dev_ideal 
_refine_ls_restr.dev_ideal_target 
_refine_ls_restr.number 
_refine_ls_restr.rejects 
_refine_ls_restr.type 
_refine_ls_restr.weight 
_refine_ls_restr.pdbx_restraint_function 
'X-RAY DIFFRACTION' ? 0.016  0.019  1458 ? r_bond_refined_d             ? ? 
'X-RAY DIFFRACTION' ? 0.003  0.020  1423 ? r_bond_other_d               ? ? 
'X-RAY DIFFRACTION' ? 1.756  1.979  1974 ? r_angle_refined_deg          ? ? 
'X-RAY DIFFRACTION' ? 0.877  3.000  3264 ? r_angle_other_deg            ? ? 
'X-RAY DIFFRACTION' ? 6.299  5.000  180  ? r_dihedral_angle_1_deg       ? ? 
'X-RAY DIFFRACTION' ? 36.605 23.710 62   ? r_dihedral_angle_2_deg       ? ? 
'X-RAY DIFFRACTION' ? 16.499 15.000 247  ? r_dihedral_angle_3_deg       ? ? 
'X-RAY DIFFRACTION' ? 19.722 15.000 10   ? r_dihedral_angle_4_deg       ? ? 
'X-RAY DIFFRACTION' ? 0.097  0.200  228  ? r_chiral_restr               ? ? 
'X-RAY DIFFRACTION' ? 0.008  0.021  1638 ? r_gen_planes_refined         ? ? 
'X-RAY DIFFRACTION' ? 0.001  0.020  338  ? r_gen_planes_other           ? ? 
'X-RAY DIFFRACTION' ? ?      ?      ?    ? r_nbd_refined                ? ? 
'X-RAY DIFFRACTION' ? ?      ?      ?    ? r_nbd_other                  ? ? 
'X-RAY DIFFRACTION' ? ?      ?      ?    ? r_nbtor_refined              ? ? 
'X-RAY DIFFRACTION' ? ?      ?      ?    ? r_nbtor_other                ? ? 
'X-RAY DIFFRACTION' ? ?      ?      ?    ? r_xyhbond_nbd_refined        ? ? 
'X-RAY DIFFRACTION' ? ?      ?      ?    ? r_xyhbond_nbd_other          ? ? 
'X-RAY DIFFRACTION' ? ?      ?      ?    ? r_metal_ion_refined          ? ? 
'X-RAY DIFFRACTION' ? ?      ?      ?    ? r_metal_ion_other            ? ? 
'X-RAY DIFFRACTION' ? ?      ?      ?    ? r_symmetry_vdw_refined       ? ? 
'X-RAY DIFFRACTION' ? ?      ?      ?    ? r_symmetry_vdw_other         ? ? 
'X-RAY DIFFRACTION' ? ?      ?      ?    ? r_symmetry_hbond_refined     ? ? 
'X-RAY DIFFRACTION' ? ?      ?      ?    ? r_symmetry_hbond_other       ? ? 
'X-RAY DIFFRACTION' ? ?      ?      ?    ? r_symmetry_metal_ion_refined ? ? 
'X-RAY DIFFRACTION' ? ?      ?      ?    ? r_symmetry_metal_ion_other   ? ? 
'X-RAY DIFFRACTION' ? ?      ?      ?    ? r_mcbond_it                  ? ? 
'X-RAY DIFFRACTION' ? ?      ?      ?    ? r_mcbond_other               ? ? 
'X-RAY DIFFRACTION' ? ?      ?      ?    ? r_mcangle_it                 ? ? 
'X-RAY DIFFRACTION' ? ?      ?      ?    ? r_mcangle_other              ? ? 
'X-RAY DIFFRACTION' ? ?      ?      ?    ? r_scbond_it                  ? ? 
'X-RAY DIFFRACTION' ? ?      ?      ?    ? r_scbond_other               ? ? 
'X-RAY DIFFRACTION' ? ?      ?      ?    ? r_scangle_it                 ? ? 
'X-RAY DIFFRACTION' ? ?      ?      ?    ? r_scangle_other              ? ? 
'X-RAY DIFFRACTION' ? ?      ?      ?    ? r_long_range_B_refined       ? ? 
'X-RAY DIFFRACTION' ? ?      ?      ?    ? r_long_range_B_other         ? ? 
'X-RAY DIFFRACTION' ? ?      ?      ?    ? r_rigid_bond_restr           ? ? 
'X-RAY DIFFRACTION' ? ?      ?      ?    ? r_sphericity_free            ? ? 
'X-RAY DIFFRACTION' ? ?      ?      ?    ? r_sphericity_bonded          ? ? 
# 
_refine_ls_shell.pdbx_refine_id                   'X-RAY DIFFRACTION' 
_refine_ls_shell.d_res_high                       1.97 
_refine_ls_shell.d_res_low                        2.02 
_refine_ls_shell.number_reflns_all                ? 
_refine_ls_shell.number_reflns_obs                ? 
_refine_ls_shell.number_reflns_R_free             44 
_refine_ls_shell.number_reflns_R_work             782 
_refine_ls_shell.percent_reflns_obs               98.10 
_refine_ls_shell.percent_reflns_R_free            ? 
_refine_ls_shell.R_factor_all                     ? 
_refine_ls_shell.R_factor_obs                     ? 
_refine_ls_shell.R_factor_R_free                  0.3390 
_refine_ls_shell.R_factor_R_free_error            ? 
_refine_ls_shell.R_factor_R_work                  0.2250 
_refine_ls_shell.redundancy_reflns_all            ? 
_refine_ls_shell.redundancy_reflns_obs            ? 
_refine_ls_shell.wR_factor_all                    ? 
_refine_ls_shell.wR_factor_obs                    ? 
_refine_ls_shell.wR_factor_R_free                 ? 
_refine_ls_shell.wR_factor_R_work                 ? 
_refine_ls_shell.pdbx_total_number_of_bins_used   20 
_refine_ls_shell.pdbx_phase_error                 ? 
_refine_ls_shell.pdbx_fsc_work                    ? 
_refine_ls_shell.pdbx_fsc_free                    ? 
# 
_struct.entry_id                     5C1Y 
_struct.title                        'Crystal structure of EV71 3C Proteinase in complex with Compound 1' 
_struct.pdbx_model_details           ? 
_struct.pdbx_formula_weight          ? 
_struct.pdbx_formula_weight_method   ? 
_struct.pdbx_model_type_details      ? 
_struct.pdbx_CASP_flag               ? 
# 
_struct_keywords.entry_id        5C1Y 
_struct_keywords.text            'HYDROLASE, CYSTEINE PROTEINASE, INHIBITOR, HYDROLASE-HYDROLASE INHIBITOR COMPLEX' 
_struct_keywords.pdbx_keywords   'HYDROLASE/HYDROLASE INHIBITOR' 
# 
loop_
_struct_asym.id 
_struct_asym.pdbx_blank_PDB_chainid_flag 
_struct_asym.pdbx_modified 
_struct_asym.entity_id 
_struct_asym.details 
A N N 1 ? 
B N N 2 ? 
C N N 3 ? 
# 
_struct_ref.id                         1 
_struct_ref.db_name                    UNP 
_struct_ref.db_code                    A9XG43_9ENTO 
_struct_ref.pdbx_db_accession          A9XG43 
_struct_ref.pdbx_db_isoform            ? 
_struct_ref.entity_id                  1 
_struct_ref.pdbx_seq_one_letter_code   
;GPSLDFALSLLRRNVRQVQTDQGHFTMLGVRDRLAVLPRHSQPGKTIWIEHKLVNILDAVELVDEQGVNLELTLITLDTN
EKFRDITKFIPENISTASDATLVINTEHMPSMFVPVGDVVQYGFLNLSGKPTHRTMMYNFPTKAGQCGGVVTSVGKVIGI
HIGGNGRQGFCAGLKRSYFASEQ
;
_struct_ref.pdbx_align_begin           1549 
# 
_struct_ref_seq.align_id                      1 
_struct_ref_seq.ref_id                        1 
_struct_ref_seq.pdbx_PDB_id_code              5C1Y 
_struct_ref_seq.pdbx_strand_id                A 
_struct_ref_seq.seq_align_beg                 2 
_struct_ref_seq.pdbx_seq_align_beg_ins_code   ? 
_struct_ref_seq.seq_align_end                 184 
_struct_ref_seq.pdbx_seq_align_end_ins_code   ? 
_struct_ref_seq.pdbx_db_accession             A9XG43 
_struct_ref_seq.db_align_beg                  1549 
_struct_ref_seq.pdbx_db_align_beg_ins_code    ? 
_struct_ref_seq.db_align_end                  1731 
_struct_ref_seq.pdbx_db_align_end_ins_code    ? 
_struct_ref_seq.pdbx_auth_seq_align_beg       1 
_struct_ref_seq.pdbx_auth_seq_align_end       183 
# 
loop_
_struct_ref_seq_dif.align_id 
_struct_ref_seq_dif.pdbx_pdb_id_code 
_struct_ref_seq_dif.mon_id 
_struct_ref_seq_dif.pdbx_pdb_strand_id 
_struct_ref_seq_dif.seq_num 
_struct_ref_seq_dif.pdbx_pdb_ins_code 
_struct_ref_seq_dif.pdbx_seq_db_name 
_struct_ref_seq_dif.pdbx_seq_db_accession_code 
_struct_ref_seq_dif.db_mon_id 
_struct_ref_seq_dif.pdbx_seq_db_seq_num 
_struct_ref_seq_dif.details 
_struct_ref_seq_dif.pdbx_auth_seq_num 
_struct_ref_seq_dif.pdbx_ordinal 
1 5C1Y MET A 1   ? UNP A9XG43 ? ? 'expression tag' 0   1 
1 5C1Y LEU A 185 ? UNP A9XG43 ? ? 'expression tag' 184 2 
1 5C1Y GLU A 186 ? UNP A9XG43 ? ? 'expression tag' 185 3 
1 5C1Y HIS A 187 ? UNP A9XG43 ? ? 'expression tag' 186 4 
1 5C1Y HIS A 188 ? UNP A9XG43 ? ? 'expression tag' 187 5 
1 5C1Y HIS A 189 ? UNP A9XG43 ? ? 'expression tag' 188 6 
1 5C1Y HIS A 190 ? UNP A9XG43 ? ? 'expression tag' 189 7 
1 5C1Y HIS A 191 ? UNP A9XG43 ? ? 'expression tag' 190 8 
1 5C1Y HIS A 192 ? UNP A9XG43 ? ? 'expression tag' 191 9 
# 
_pdbx_struct_assembly.id                   1 
_pdbx_struct_assembly.details              author_defined_assembly 
_pdbx_struct_assembly.method_details       ? 
_pdbx_struct_assembly.oligomeric_details   monomeric 
_pdbx_struct_assembly.oligomeric_count     1 
# 
loop_
_pdbx_struct_assembly_prop.biol_id 
_pdbx_struct_assembly_prop.type 
_pdbx_struct_assembly_prop.value 
_pdbx_struct_assembly_prop.details 
1 'ABSA (A^2)' 0    ? 
1 MORE         0    ? 
1 'SSA (A^2)'  8420 ? 
# 
_pdbx_struct_assembly_gen.assembly_id       1 
_pdbx_struct_assembly_gen.oper_expression   1 
_pdbx_struct_assembly_gen.asym_id_list      A,B,C 
# 
_pdbx_struct_oper_list.id                   1 
_pdbx_struct_oper_list.type                 'identity operation' 
_pdbx_struct_oper_list.name                 1_555 
_pdbx_struct_oper_list.symmetry_operation   x,y,z 
_pdbx_struct_oper_list.matrix[1][1]         1.0000000000 
_pdbx_struct_oper_list.matrix[1][2]         0.0000000000 
_pdbx_struct_oper_list.matrix[1][3]         0.0000000000 
_pdbx_struct_oper_list.vector[1]            0.0000000000 
_pdbx_struct_oper_list.matrix[2][1]         0.0000000000 
_pdbx_struct_oper_list.matrix[2][2]         1.0000000000 
_pdbx_struct_oper_list.matrix[2][3]         0.0000000000 
_pdbx_struct_oper_list.vector[2]            0.0000000000 
_pdbx_struct_oper_list.matrix[3][1]         0.0000000000 
_pdbx_struct_oper_list.matrix[3][2]         0.0000000000 
_pdbx_struct_oper_list.matrix[3][3]         1.0000000000 
_pdbx_struct_oper_list.vector[3]            0.0000000000 
# 
loop_
_struct_conf.conf_type_id 
_struct_conf.id 
_struct_conf.pdbx_PDB_helix_id 
_struct_conf.beg_label_comp_id 
_struct_conf.beg_label_asym_id 
_struct_conf.beg_label_seq_id 
_struct_conf.pdbx_beg_PDB_ins_code 
_struct_conf.end_label_comp_id 
_struct_conf.end_label_asym_id 
_struct_conf.end_label_seq_id 
_struct_conf.pdbx_end_PDB_ins_code 
_struct_conf.beg_auth_comp_id 
_struct_conf.beg_auth_asym_id 
_struct_conf.beg_auth_seq_id 
_struct_conf.end_auth_comp_id 
_struct_conf.end_auth_asym_id 
_struct_conf.end_auth_seq_id 
_struct_conf.pdbx_PDB_helix_class 
_struct_conf.details 
_struct_conf.pdbx_PDB_helix_length 
HELX_P HELX_P1 AA1 GLY A 2   ? ASN A 15  ? GLY A 1   ASN A 14  1 ? 14 
HELX_P HELX_P2 AA2 HIS A 41  ? GLN A 43  ? HIS A 40  GLN A 42  5 ? 3  
HELX_P HELX_P3 AA3 ILE A 87  ? ILE A 91  ? ILE A 86  ILE A 90  5 ? 5  
HELX_P HELX_P4 AA4 LYS A 176 ? ALA A 181 ? LYS A 175 ALA A 180 5 ? 6  
# 
_struct_conf_type.id          HELX_P 
_struct_conf_type.criteria    ? 
_struct_conf_type.reference   ? 
# 
_struct_conn.id                            covale1 
_struct_conn.conn_type_id                  covale 
_struct_conn.pdbx_leaving_atom_flag        none 
_struct_conn.pdbx_PDB_id                   ? 
_struct_conn.ptnr1_label_asym_id           A 
_struct_conn.ptnr1_label_comp_id           CYS 
_struct_conn.ptnr1_label_seq_id            148 
_struct_conn.ptnr1_label_atom_id           SG 
_struct_conn.pdbx_ptnr1_label_alt_id       ? 
_struct_conn.pdbx_ptnr1_PDB_ins_code       ? 
_struct_conn.pdbx_ptnr1_standard_comp_id   ? 
_struct_conn.ptnr1_symmetry                1_555 
_struct_conn.ptnr2_label_asym_id           B 
_struct_conn.ptnr2_label_comp_id           GHY 
_struct_conn.ptnr2_label_seq_id            . 
_struct_conn.ptnr2_label_atom_id           C27 
_struct_conn.pdbx_ptnr2_label_alt_id       ? 
_struct_conn.pdbx_ptnr2_PDB_ins_code       ? 
_struct_conn.ptnr1_auth_asym_id            A 
_struct_conn.ptnr1_auth_comp_id            CYS 
_struct_conn.ptnr1_auth_seq_id             147 
_struct_conn.ptnr2_auth_asym_id            A 
_struct_conn.ptnr2_auth_comp_id            GHY 
_struct_conn.ptnr2_auth_seq_id             201 
_struct_conn.ptnr2_symmetry                1_555 
_struct_conn.pdbx_ptnr3_label_atom_id      ? 
_struct_conn.pdbx_ptnr3_label_seq_id       ? 
_struct_conn.pdbx_ptnr3_label_comp_id      ? 
_struct_conn.pdbx_ptnr3_label_asym_id      ? 
_struct_conn.pdbx_ptnr3_label_alt_id       ? 
_struct_conn.pdbx_ptnr3_PDB_ins_code       ? 
_struct_conn.details                       ? 
_struct_conn.pdbx_dist_value               1.744 
_struct_conn.pdbx_value_order              ? 
_struct_conn.pdbx_role                     ? 
# 
_struct_conn_type.id          covale 
_struct_conn_type.criteria    ? 
_struct_conn_type.reference   ? 
# 
_pdbx_modification_feature.ordinal                            1 
_pdbx_modification_feature.label_comp_id                      GHY 
_pdbx_modification_feature.label_asym_id                      B 
_pdbx_modification_feature.label_seq_id                       . 
_pdbx_modification_feature.label_alt_id                       ? 
_pdbx_modification_feature.modified_residue_label_comp_id     CYS 
_pdbx_modification_feature.modified_residue_label_asym_id     A 
_pdbx_modification_feature.modified_residue_label_seq_id      148 
_pdbx_modification_feature.modified_residue_label_alt_id      ? 
_pdbx_modification_feature.auth_comp_id                       GHY 
_pdbx_modification_feature.auth_asym_id                       A 
_pdbx_modification_feature.auth_seq_id                        201 
_pdbx_modification_feature.PDB_ins_code                       ? 
_pdbx_modification_feature.symmetry                           1_555 
_pdbx_modification_feature.modified_residue_auth_comp_id      CYS 
_pdbx_modification_feature.modified_residue_auth_asym_id      A 
_pdbx_modification_feature.modified_residue_auth_seq_id       147 
_pdbx_modification_feature.modified_residue_PDB_ins_code      ? 
_pdbx_modification_feature.modified_residue_symmetry          1_555 
_pdbx_modification_feature.comp_id_linking_atom               C27 
_pdbx_modification_feature.modified_residue_id_linking_atom   SG 
_pdbx_modification_feature.modified_residue_id                CYS 
_pdbx_modification_feature.ref_pcm_id                         1 
_pdbx_modification_feature.ref_comp_id                        GHY 
_pdbx_modification_feature.type                               None 
_pdbx_modification_feature.category                           'Covalent chemical modification' 
# 
loop_
_struct_sheet.id 
_struct_sheet.type 
_struct_sheet.number_strands 
_struct_sheet.details 
AA1 ? 7 ? 
AA2 ? 7 ? 
# 
loop_
_struct_sheet_order.sheet_id 
_struct_sheet_order.range_id_1 
_struct_sheet_order.range_id_2 
_struct_sheet_order.offset 
_struct_sheet_order.sense 
AA1 1 2 ? anti-parallel 
AA1 2 3 ? anti-parallel 
AA1 3 4 ? anti-parallel 
AA1 4 5 ? anti-parallel 
AA1 5 6 ? anti-parallel 
AA1 6 7 ? anti-parallel 
AA2 1 2 ? anti-parallel 
AA2 2 3 ? anti-parallel 
AA2 3 4 ? anti-parallel 
AA2 4 5 ? anti-parallel 
AA2 5 6 ? anti-parallel 
AA2 6 7 ? anti-parallel 
# 
loop_
_struct_sheet_range.sheet_id 
_struct_sheet_range.id 
_struct_sheet_range.beg_label_comp_id 
_struct_sheet_range.beg_label_asym_id 
_struct_sheet_range.beg_label_seq_id 
_struct_sheet_range.pdbx_beg_PDB_ins_code 
_struct_sheet_range.end_label_comp_id 
_struct_sheet_range.end_label_asym_id 
_struct_sheet_range.end_label_seq_id 
_struct_sheet_range.pdbx_end_PDB_ins_code 
_struct_sheet_range.beg_auth_comp_id 
_struct_sheet_range.beg_auth_asym_id 
_struct_sheet_range.beg_auth_seq_id 
_struct_sheet_range.end_auth_comp_id 
_struct_sheet_range.end_auth_asym_id 
_struct_sheet_range.end_auth_seq_id 
AA1 1 VAL A 16  ? THR A 21  ? VAL A 15  THR A 20  
AA1 2 GLY A 24  ? ARG A 32  ? GLY A 23  ARG A 31  
AA1 3 LEU A 35  ? PRO A 39  ? LEU A 34  PRO A 38  
AA1 4 ASN A 70  ? LEU A 78  ? ASN A 69  LEU A 77  
AA1 5 LYS A 53  ? VAL A 64  ? LYS A 52  VAL A 63  
AA1 6 THR A 47  ? ILE A 50  ? THR A 46  ILE A 49  
AA1 7 VAL A 16  ? THR A 21  ? VAL A 15  THR A 20  
AA2 1 ALA A 98  ? ILE A 105 ? ALA A 97  ILE A 104 
AA2 2 MET A 113 ? LEU A 128 ? MET A 112 LEU A 127 
AA2 3 LYS A 131 ? TYR A 139 ? LYS A 130 TYR A 138 
AA2 4 GLY A 170 ? GLY A 174 ? GLY A 169 GLY A 173 
AA2 5 LYS A 157 ? GLY A 165 ? LYS A 156 GLY A 164 
AA2 6 VAL A 151 ? SER A 154 ? VAL A 150 SER A 153 
AA2 7 ALA A 98  ? ILE A 105 ? ALA A 97  ILE A 104 
# 
loop_
_pdbx_struct_sheet_hbond.sheet_id 
_pdbx_struct_sheet_hbond.range_id_1 
_pdbx_struct_sheet_hbond.range_id_2 
_pdbx_struct_sheet_hbond.range_1_label_atom_id 
_pdbx_struct_sheet_hbond.range_1_label_comp_id 
_pdbx_struct_sheet_hbond.range_1_label_asym_id 
_pdbx_struct_sheet_hbond.range_1_label_seq_id 
_pdbx_struct_sheet_hbond.range_1_PDB_ins_code 
_pdbx_struct_sheet_hbond.range_1_auth_atom_id 
_pdbx_struct_sheet_hbond.range_1_auth_comp_id 
_pdbx_struct_sheet_hbond.range_1_auth_asym_id 
_pdbx_struct_sheet_hbond.range_1_auth_seq_id 
_pdbx_struct_sheet_hbond.range_2_label_atom_id 
_pdbx_struct_sheet_hbond.range_2_label_comp_id 
_pdbx_struct_sheet_hbond.range_2_label_asym_id 
_pdbx_struct_sheet_hbond.range_2_label_seq_id 
_pdbx_struct_sheet_hbond.range_2_PDB_ins_code 
_pdbx_struct_sheet_hbond.range_2_auth_atom_id 
_pdbx_struct_sheet_hbond.range_2_auth_comp_id 
_pdbx_struct_sheet_hbond.range_2_auth_asym_id 
_pdbx_struct_sheet_hbond.range_2_auth_seq_id 
AA1 1 2 N ARG A 17  ? N ARG A 16  O MET A 28  ? O MET A 27  
AA1 2 3 N ARG A 32  ? N ARG A 31  O LEU A 35  ? O LEU A 34  
AA1 3 4 N LEU A 38  ? N LEU A 37  O THR A 74  ? O THR A 73  
AA1 4 5 O LEU A 75  ? O LEU A 74  N VAL A 61  ? N VAL A 60  
AA1 5 6 O VAL A 55  ? O VAL A 54  N ILE A 48  ? N ILE A 47  
AA1 6 7 O TRP A 49  ? O TRP A 48  N GLN A 20  ? N GLN A 19  
AA2 1 2 N ILE A 105 ? N ILE A 104 O MET A 113 ? O MET A 112 
AA2 2 3 N VAL A 121 ? N VAL A 120 O MET A 138 ? O MET A 137 
AA2 3 4 N TYR A 139 ? N TYR A 138 O GLY A 170 ? O GLY A 169 
AA2 4 5 O PHE A 171 ? O PHE A 170 N GLY A 164 ? N GLY A 163 
AA2 5 6 O GLY A 160 ? O GLY A 159 N VAL A 152 ? N VAL A 151 
AA2 6 7 O THR A 153 ? O THR A 152 N THR A 102 ? N THR A 101 
# 
_struct_site.id                   AC1 
_struct_site.pdbx_evidence_code   Software 
_struct_site.pdbx_auth_asym_id    A 
_struct_site.pdbx_auth_comp_id    GHY 
_struct_site.pdbx_auth_seq_id     201 
_struct_site.pdbx_auth_ins_code   ? 
_struct_site.pdbx_num_residues    12 
_struct_site.details              'binding site for residue GHY A 201' 
# 
loop_
_struct_site_gen.id 
_struct_site_gen.site_id 
_struct_site_gen.pdbx_num_res 
_struct_site_gen.label_comp_id 
_struct_site_gen.label_asym_id 
_struct_site_gen.label_seq_id 
_struct_site_gen.pdbx_auth_ins_code 
_struct_site_gen.auth_comp_id 
_struct_site_gen.auth_asym_id 
_struct_site_gen.auth_seq_id 
_struct_site_gen.label_atom_id 
_struct_site_gen.label_alt_id 
_struct_site_gen.symmetry 
_struct_site_gen.details 
1  AC1 12 ARG A 40  ? ARG A 39  . ? 1_555 ? 
2  AC1 12 HIS A 41  ? HIS A 40  . ? 1_555 ? 
3  AC1 12 GLU A 72  ? GLU A 71  . ? 1_555 ? 
4  AC1 12 LEU A 128 ? LEU A 127 . ? 1_555 ? 
5  AC1 12 SER A 129 ? SER A 128 . ? 1_555 ? 
6  AC1 12 THR A 143 ? THR A 142 . ? 1_555 ? 
7  AC1 12 LYS A 144 ? LYS A 143 . ? 1_555 ? 
8  AC1 12 CYS A 148 ? CYS A 147 . ? 1_555 ? 
9  AC1 12 HIS A 162 ? HIS A 161 . ? 1_555 ? 
10 AC1 12 ILE A 163 ? ILE A 162 . ? 1_555 ? 
11 AC1 12 GLY A 164 ? GLY A 163 . ? 1_555 ? 
12 AC1 12 GLY A 165 ? GLY A 164 . ? 1_555 ? 
# 
_pdbx_entry_details.entry_id                   5C1Y 
_pdbx_entry_details.compound_details           ? 
_pdbx_entry_details.source_details             ? 
_pdbx_entry_details.nonpolymer_details         ? 
_pdbx_entry_details.sequence_details           ? 
_pdbx_entry_details.has_ligand_of_interest     ? 
_pdbx_entry_details.has_protein_modification   Y 
# 
loop_
_pdbx_validate_close_contact.id 
_pdbx_validate_close_contact.PDB_model_num 
_pdbx_validate_close_contact.auth_atom_id_1 
_pdbx_validate_close_contact.auth_asym_id_1 
_pdbx_validate_close_contact.auth_comp_id_1 
_pdbx_validate_close_contact.auth_seq_id_1 
_pdbx_validate_close_contact.PDB_ins_code_1 
_pdbx_validate_close_contact.label_alt_id_1 
_pdbx_validate_close_contact.auth_atom_id_2 
_pdbx_validate_close_contact.auth_asym_id_2 
_pdbx_validate_close_contact.auth_comp_id_2 
_pdbx_validate_close_contact.auth_seq_id_2 
_pdbx_validate_close_contact.PDB_ins_code_2 
_pdbx_validate_close_contact.label_alt_id_2 
_pdbx_validate_close_contact.dist 
1 1 OD2 A ASP 58 ? ? OG1 A THR 76  ? ? 2.08 
2 1 NE2 A HIS 40 ? ? O28 A GHY 201 ? ? 2.11 
# 
loop_
_pdbx_validate_torsion.id 
_pdbx_validate_torsion.PDB_model_num 
_pdbx_validate_torsion.auth_comp_id 
_pdbx_validate_torsion.auth_asym_id 
_pdbx_validate_torsion.auth_seq_id 
_pdbx_validate_torsion.PDB_ins_code 
_pdbx_validate_torsion.label_alt_id 
_pdbx_validate_torsion.phi 
_pdbx_validate_torsion.psi 
1 1 ASP A 32 ? ? 52.50 -126.79 
2 1 GLU A 50 ? ? 62.12 -75.48  
# 
loop_
_pdbx_struct_special_symmetry.id 
_pdbx_struct_special_symmetry.PDB_model_num 
_pdbx_struct_special_symmetry.auth_asym_id 
_pdbx_struct_special_symmetry.auth_comp_id 
_pdbx_struct_special_symmetry.auth_seq_id 
_pdbx_struct_special_symmetry.PDB_ins_code 
_pdbx_struct_special_symmetry.label_asym_id 
_pdbx_struct_special_symmetry.label_comp_id 
_pdbx_struct_special_symmetry.label_seq_id 
1 1 A HOH 330 ? C HOH . 
2 1 A HOH 342 ? C HOH . 
3 1 A HOH 354 ? C HOH . 
# 
loop_
_pdbx_unobs_or_zero_occ_residues.id 
_pdbx_unobs_or_zero_occ_residues.PDB_model_num 
_pdbx_unobs_or_zero_occ_residues.polymer_flag 
_pdbx_unobs_or_zero_occ_residues.occupancy_flag 
_pdbx_unobs_or_zero_occ_residues.auth_asym_id 
_pdbx_unobs_or_zero_occ_residues.auth_comp_id 
_pdbx_unobs_or_zero_occ_residues.auth_seq_id 
_pdbx_unobs_or_zero_occ_residues.PDB_ins_code 
_pdbx_unobs_or_zero_occ_residues.label_asym_id 
_pdbx_unobs_or_zero_occ_residues.label_comp_id 
_pdbx_unobs_or_zero_occ_residues.label_seq_id 
1  1 Y 1 A SER 181 ? A SER 182 
2  1 Y 1 A GLU 182 ? A GLU 183 
3  1 Y 1 A GLN 183 ? A GLN 184 
4  1 Y 1 A LEU 184 ? A LEU 185 
5  1 Y 1 A GLU 185 ? A GLU 186 
6  1 Y 1 A HIS 186 ? A HIS 187 
7  1 Y 1 A HIS 187 ? A HIS 188 
8  1 Y 1 A HIS 188 ? A HIS 189 
9  1 Y 1 A HIS 189 ? A HIS 190 
10 1 Y 1 A HIS 190 ? A HIS 191 
11 1 Y 1 A HIS 191 ? A HIS 192 
# 
loop_
_chem_comp_atom.comp_id 
_chem_comp_atom.atom_id 
_chem_comp_atom.type_symbol 
_chem_comp_atom.pdbx_aromatic_flag 
_chem_comp_atom.pdbx_stereo_config 
_chem_comp_atom.pdbx_ordinal 
ALA N    N N N 1   
ALA CA   C N S 2   
ALA C    C N N 3   
ALA O    O N N 4   
ALA CB   C N N 5   
ALA OXT  O N N 6   
ALA H    H N N 7   
ALA H2   H N N 8   
ALA HA   H N N 9   
ALA HB1  H N N 10  
ALA HB2  H N N 11  
ALA HB3  H N N 12  
ALA HXT  H N N 13  
ARG N    N N N 14  
ARG CA   C N S 15  
ARG C    C N N 16  
ARG O    O N N 17  
ARG CB   C N N 18  
ARG CG   C N N 19  
ARG CD   C N N 20  
ARG NE   N N N 21  
ARG CZ   C N N 22  
ARG NH1  N N N 23  
ARG NH2  N N N 24  
ARG OXT  O N N 25  
ARG H    H N N 26  
ARG H2   H N N 27  
ARG HA   H N N 28  
ARG HB2  H N N 29  
ARG HB3  H N N 30  
ARG HG2  H N N 31  
ARG HG3  H N N 32  
ARG HD2  H N N 33  
ARG HD3  H N N 34  
ARG HE   H N N 35  
ARG HH11 H N N 36  
ARG HH12 H N N 37  
ARG HH21 H N N 38  
ARG HH22 H N N 39  
ARG HXT  H N N 40  
ASN N    N N N 41  
ASN CA   C N S 42  
ASN C    C N N 43  
ASN O    O N N 44  
ASN CB   C N N 45  
ASN CG   C N N 46  
ASN OD1  O N N 47  
ASN ND2  N N N 48  
ASN OXT  O N N 49  
ASN H    H N N 50  
ASN H2   H N N 51  
ASN HA   H N N 52  
ASN HB2  H N N 53  
ASN HB3  H N N 54  
ASN HD21 H N N 55  
ASN HD22 H N N 56  
ASN HXT  H N N 57  
ASP N    N N N 58  
ASP CA   C N S 59  
ASP C    C N N 60  
ASP O    O N N 61  
ASP CB   C N N 62  
ASP CG   C N N 63  
ASP OD1  O N N 64  
ASP OD2  O N N 65  
ASP OXT  O N N 66  
ASP H    H N N 67  
ASP H2   H N N 68  
ASP HA   H N N 69  
ASP HB2  H N N 70  
ASP HB3  H N N 71  
ASP HD2  H N N 72  
ASP HXT  H N N 73  
CYS N    N N N 74  
CYS CA   C N R 75  
CYS C    C N N 76  
CYS O    O N N 77  
CYS CB   C N N 78  
CYS SG   S N N 79  
CYS OXT  O N N 80  
CYS H    H N N 81  
CYS H2   H N N 82  
CYS HA   H N N 83  
CYS HB2  H N N 84  
CYS HB3  H N N 85  
CYS HG   H N N 86  
CYS HXT  H N N 87  
GHY O25  O N N 88  
GHY C23  C N N 89  
GHY C15  C N S 90  
GHY C16  C N N 91  
GHY C17  C Y N 92  
GHY C22  C Y N 93  
GHY C21  C Y N 94  
GHY C20  C Y N 95  
GHY C19  C Y N 96  
GHY C18  C Y N 97  
GHY N13  N N N 98  
GHY C12  C N N 99  
GHY O11  O N N 100 
GHY C10  C N N 101 
GHY C1   C N N 102 
GHY C5   C N N 103 
GHY O14  O N N 104 
GHY N24  N N N 105 
GHY C26  C N S 106 
GHY C27  C N N 107 
GHY O28  O N N 108 
GHY C29  C N N 109 
GHY C30  C N S 110 
GHY C31  C N N 111 
GHY C32  C N N 112 
GHY N33  N N N 113 
GHY C34  C N N 114 
GHY O1   O N N 115 
GHY H1   H N N 116 
GHY H2   H N N 117 
GHY H3   H N N 118 
GHY H4   H N N 119 
GHY H5   H N N 120 
GHY H6   H N N 121 
GHY H7   H N N 122 
GHY H8   H N N 123 
GHY H9   H N N 124 
GHY H10  H N N 125 
GHY H11  H N N 126 
GHY H12  H N N 127 
GHY H13  H N N 128 
GHY H14  H N N 129 
GHY H15  H N N 130 
GHY H16  H N N 131 
GHY H17  H N N 132 
GHY H18  H N N 133 
GHY H19  H N N 134 
GHY H20  H N N 135 
GHY H21  H N N 136 
GHY H22  H N N 137 
GHY H23  H N N 138 
GHY H24  H N N 139 
GHY H25  H N N 140 
GHY H26  H N N 141 
GHY H27  H N N 142 
GHY H28  H N N 143 
GHY H29  H N N 144 
GLN N    N N N 145 
GLN CA   C N S 146 
GLN C    C N N 147 
GLN O    O N N 148 
GLN CB   C N N 149 
GLN CG   C N N 150 
GLN CD   C N N 151 
GLN OE1  O N N 152 
GLN NE2  N N N 153 
GLN OXT  O N N 154 
GLN H    H N N 155 
GLN H2   H N N 156 
GLN HA   H N N 157 
GLN HB2  H N N 158 
GLN HB3  H N N 159 
GLN HG2  H N N 160 
GLN HG3  H N N 161 
GLN HE21 H N N 162 
GLN HE22 H N N 163 
GLN HXT  H N N 164 
GLU N    N N N 165 
GLU CA   C N S 166 
GLU C    C N N 167 
GLU O    O N N 168 
GLU CB   C N N 169 
GLU CG   C N N 170 
GLU CD   C N N 171 
GLU OE1  O N N 172 
GLU OE2  O N N 173 
GLU OXT  O N N 174 
GLU H    H N N 175 
GLU H2   H N N 176 
GLU HA   H N N 177 
GLU HB2  H N N 178 
GLU HB3  H N N 179 
GLU HG2  H N N 180 
GLU HG3  H N N 181 
GLU HE2  H N N 182 
GLU HXT  H N N 183 
GLY N    N N N 184 
GLY CA   C N N 185 
GLY C    C N N 186 
GLY O    O N N 187 
GLY OXT  O N N 188 
GLY H    H N N 189 
GLY H2   H N N 190 
GLY HA2  H N N 191 
GLY HA3  H N N 192 
GLY HXT  H N N 193 
HIS N    N N N 194 
HIS CA   C N S 195 
HIS C    C N N 196 
HIS O    O N N 197 
HIS CB   C N N 198 
HIS CG   C Y N 199 
HIS ND1  N Y N 200 
HIS CD2  C Y N 201 
HIS CE1  C Y N 202 
HIS NE2  N Y N 203 
HIS OXT  O N N 204 
HIS H    H N N 205 
HIS H2   H N N 206 
HIS HA   H N N 207 
HIS HB2  H N N 208 
HIS HB3  H N N 209 
HIS HD1  H N N 210 
HIS HD2  H N N 211 
HIS HE1  H N N 212 
HIS HE2  H N N 213 
HIS HXT  H N N 214 
HOH O    O N N 215 
HOH H1   H N N 216 
HOH H2   H N N 217 
ILE N    N N N 218 
ILE CA   C N S 219 
ILE C    C N N 220 
ILE O    O N N 221 
ILE CB   C N S 222 
ILE CG1  C N N 223 
ILE CG2  C N N 224 
ILE CD1  C N N 225 
ILE OXT  O N N 226 
ILE H    H N N 227 
ILE H2   H N N 228 
ILE HA   H N N 229 
ILE HB   H N N 230 
ILE HG12 H N N 231 
ILE HG13 H N N 232 
ILE HG21 H N N 233 
ILE HG22 H N N 234 
ILE HG23 H N N 235 
ILE HD11 H N N 236 
ILE HD12 H N N 237 
ILE HD13 H N N 238 
ILE HXT  H N N 239 
LEU N    N N N 240 
LEU CA   C N S 241 
LEU C    C N N 242 
LEU O    O N N 243 
LEU CB   C N N 244 
LEU CG   C N N 245 
LEU CD1  C N N 246 
LEU CD2  C N N 247 
LEU OXT  O N N 248 
LEU H    H N N 249 
LEU H2   H N N 250 
LEU HA   H N N 251 
LEU HB2  H N N 252 
LEU HB3  H N N 253 
LEU HG   H N N 254 
LEU HD11 H N N 255 
LEU HD12 H N N 256 
LEU HD13 H N N 257 
LEU HD21 H N N 258 
LEU HD22 H N N 259 
LEU HD23 H N N 260 
LEU HXT  H N N 261 
LYS N    N N N 262 
LYS CA   C N S 263 
LYS C    C N N 264 
LYS O    O N N 265 
LYS CB   C N N 266 
LYS CG   C N N 267 
LYS CD   C N N 268 
LYS CE   C N N 269 
LYS NZ   N N N 270 
LYS OXT  O N N 271 
LYS H    H N N 272 
LYS H2   H N N 273 
LYS HA   H N N 274 
LYS HB2  H N N 275 
LYS HB3  H N N 276 
LYS HG2  H N N 277 
LYS HG3  H N N 278 
LYS HD2  H N N 279 
LYS HD3  H N N 280 
LYS HE2  H N N 281 
LYS HE3  H N N 282 
LYS HZ1  H N N 283 
LYS HZ2  H N N 284 
LYS HZ3  H N N 285 
LYS HXT  H N N 286 
MET N    N N N 287 
MET CA   C N S 288 
MET C    C N N 289 
MET O    O N N 290 
MET CB   C N N 291 
MET CG   C N N 292 
MET SD   S N N 293 
MET CE   C N N 294 
MET OXT  O N N 295 
MET H    H N N 296 
MET H2   H N N 297 
MET HA   H N N 298 
MET HB2  H N N 299 
MET HB3  H N N 300 
MET HG2  H N N 301 
MET HG3  H N N 302 
MET HE1  H N N 303 
MET HE2  H N N 304 
MET HE3  H N N 305 
MET HXT  H N N 306 
PHE N    N N N 307 
PHE CA   C N S 308 
PHE C    C N N 309 
PHE O    O N N 310 
PHE CB   C N N 311 
PHE CG   C Y N 312 
PHE CD1  C Y N 313 
PHE CD2  C Y N 314 
PHE CE1  C Y N 315 
PHE CE2  C Y N 316 
PHE CZ   C Y N 317 
PHE OXT  O N N 318 
PHE H    H N N 319 
PHE H2   H N N 320 
PHE HA   H N N 321 
PHE HB2  H N N 322 
PHE HB3  H N N 323 
PHE HD1  H N N 324 
PHE HD2  H N N 325 
PHE HE1  H N N 326 
PHE HE2  H N N 327 
PHE HZ   H N N 328 
PHE HXT  H N N 329 
PRO N    N N N 330 
PRO CA   C N S 331 
PRO C    C N N 332 
PRO O    O N N 333 
PRO CB   C N N 334 
PRO CG   C N N 335 
PRO CD   C N N 336 
PRO OXT  O N N 337 
PRO H    H N N 338 
PRO HA   H N N 339 
PRO HB2  H N N 340 
PRO HB3  H N N 341 
PRO HG2  H N N 342 
PRO HG3  H N N 343 
PRO HD2  H N N 344 
PRO HD3  H N N 345 
PRO HXT  H N N 346 
SER N    N N N 347 
SER CA   C N S 348 
SER C    C N N 349 
SER O    O N N 350 
SER CB   C N N 351 
SER OG   O N N 352 
SER OXT  O N N 353 
SER H    H N N 354 
SER H2   H N N 355 
SER HA   H N N 356 
SER HB2  H N N 357 
SER HB3  H N N 358 
SER HG   H N N 359 
SER HXT  H N N 360 
THR N    N N N 361 
THR CA   C N S 362 
THR C    C N N 363 
THR O    O N N 364 
THR CB   C N R 365 
THR OG1  O N N 366 
THR CG2  C N N 367 
THR OXT  O N N 368 
THR H    H N N 369 
THR H2   H N N 370 
THR HA   H N N 371 
THR HB   H N N 372 
THR HG1  H N N 373 
THR HG21 H N N 374 
THR HG22 H N N 375 
THR HG23 H N N 376 
THR HXT  H N N 377 
TRP N    N N N 378 
TRP CA   C N S 379 
TRP C    C N N 380 
TRP O    O N N 381 
TRP CB   C N N 382 
TRP CG   C Y N 383 
TRP CD1  C Y N 384 
TRP CD2  C Y N 385 
TRP NE1  N Y N 386 
TRP CE2  C Y N 387 
TRP CE3  C Y N 388 
TRP CZ2  C Y N 389 
TRP CZ3  C Y N 390 
TRP CH2  C Y N 391 
TRP OXT  O N N 392 
TRP H    H N N 393 
TRP H2   H N N 394 
TRP HA   H N N 395 
TRP HB2  H N N 396 
TRP HB3  H N N 397 
TRP HD1  H N N 398 
TRP HE1  H N N 399 
TRP HE3  H N N 400 
TRP HZ2  H N N 401 
TRP HZ3  H N N 402 
TRP HH2  H N N 403 
TRP HXT  H N N 404 
TYR N    N N N 405 
TYR CA   C N S 406 
TYR C    C N N 407 
TYR O    O N N 408 
TYR CB   C N N 409 
TYR CG   C Y N 410 
TYR CD1  C Y N 411 
TYR CD2  C Y N 412 
TYR CE1  C Y N 413 
TYR CE2  C Y N 414 
TYR CZ   C Y N 415 
TYR OH   O N N 416 
TYR OXT  O N N 417 
TYR H    H N N 418 
TYR H2   H N N 419 
TYR HA   H N N 420 
TYR HB2  H N N 421 
TYR HB3  H N N 422 
TYR HD1  H N N 423 
TYR HD2  H N N 424 
TYR HE1  H N N 425 
TYR HE2  H N N 426 
TYR HH   H N N 427 
TYR HXT  H N N 428 
VAL N    N N N 429 
VAL CA   C N S 430 
VAL C    C N N 431 
VAL O    O N N 432 
VAL CB   C N N 433 
VAL CG1  C N N 434 
VAL CG2  C N N 435 
VAL OXT  O N N 436 
VAL H    H N N 437 
VAL H2   H N N 438 
VAL HA   H N N 439 
VAL HB   H N N 440 
VAL HG11 H N N 441 
VAL HG12 H N N 442 
VAL HG13 H N N 443 
VAL HG21 H N N 444 
VAL HG22 H N N 445 
VAL HG23 H N N 446 
VAL HXT  H N N 447 
# 
loop_
_chem_comp_bond.comp_id 
_chem_comp_bond.atom_id_1 
_chem_comp_bond.atom_id_2 
_chem_comp_bond.value_order 
_chem_comp_bond.pdbx_aromatic_flag 
_chem_comp_bond.pdbx_stereo_config 
_chem_comp_bond.pdbx_ordinal 
ALA N   CA   sing N N 1   
ALA N   H    sing N N 2   
ALA N   H2   sing N N 3   
ALA CA  C    sing N N 4   
ALA CA  CB   sing N N 5   
ALA CA  HA   sing N N 6   
ALA C   O    doub N N 7   
ALA C   OXT  sing N N 8   
ALA CB  HB1  sing N N 9   
ALA CB  HB2  sing N N 10  
ALA CB  HB3  sing N N 11  
ALA OXT HXT  sing N N 12  
ARG N   CA   sing N N 13  
ARG N   H    sing N N 14  
ARG N   H2   sing N N 15  
ARG CA  C    sing N N 16  
ARG CA  CB   sing N N 17  
ARG CA  HA   sing N N 18  
ARG C   O    doub N N 19  
ARG C   OXT  sing N N 20  
ARG CB  CG   sing N N 21  
ARG CB  HB2  sing N N 22  
ARG CB  HB3  sing N N 23  
ARG CG  CD   sing N N 24  
ARG CG  HG2  sing N N 25  
ARG CG  HG3  sing N N 26  
ARG CD  NE   sing N N 27  
ARG CD  HD2  sing N N 28  
ARG CD  HD3  sing N N 29  
ARG NE  CZ   sing N N 30  
ARG NE  HE   sing N N 31  
ARG CZ  NH1  sing N N 32  
ARG CZ  NH2  doub N N 33  
ARG NH1 HH11 sing N N 34  
ARG NH1 HH12 sing N N 35  
ARG NH2 HH21 sing N N 36  
ARG NH2 HH22 sing N N 37  
ARG OXT HXT  sing N N 38  
ASN N   CA   sing N N 39  
ASN N   H    sing N N 40  
ASN N   H2   sing N N 41  
ASN CA  C    sing N N 42  
ASN CA  CB   sing N N 43  
ASN CA  HA   sing N N 44  
ASN C   O    doub N N 45  
ASN C   OXT  sing N N 46  
ASN CB  CG   sing N N 47  
ASN CB  HB2  sing N N 48  
ASN CB  HB3  sing N N 49  
ASN CG  OD1  doub N N 50  
ASN CG  ND2  sing N N 51  
ASN ND2 HD21 sing N N 52  
ASN ND2 HD22 sing N N 53  
ASN OXT HXT  sing N N 54  
ASP N   CA   sing N N 55  
ASP N   H    sing N N 56  
ASP N   H2   sing N N 57  
ASP CA  C    sing N N 58  
ASP CA  CB   sing N N 59  
ASP CA  HA   sing N N 60  
ASP C   O    doub N N 61  
ASP C   OXT  sing N N 62  
ASP CB  CG   sing N N 63  
ASP CB  HB2  sing N N 64  
ASP CB  HB3  sing N N 65  
ASP CG  OD1  doub N N 66  
ASP CG  OD2  sing N N 67  
ASP OD2 HD2  sing N N 68  
ASP OXT HXT  sing N N 69  
CYS N   CA   sing N N 70  
CYS N   H    sing N N 71  
CYS N   H2   sing N N 72  
CYS CA  C    sing N N 73  
CYS CA  CB   sing N N 74  
CYS CA  HA   sing N N 75  
CYS C   O    doub N N 76  
CYS C   OXT  sing N N 77  
CYS CB  SG   sing N N 78  
CYS CB  HB2  sing N N 79  
CYS CB  HB3  sing N N 80  
CYS SG  HG   sing N N 81  
CYS OXT HXT  sing N N 82  
GHY C27 O28  sing N N 83  
GHY C27 C26  sing N N 84  
GHY C29 C26  sing N N 85  
GHY C29 C30  sing N N 86  
GHY C26 N24  sing N N 87  
GHY O1  C34  doub N N 88  
GHY C34 C30  sing N N 89  
GHY C34 N33  sing N N 90  
GHY C30 C31  sing N N 91  
GHY C31 C32  sing N N 92  
GHY N24 C23  sing N N 93  
GHY N33 C32  sing N N 94  
GHY O25 C23  doub N N 95  
GHY C23 C15  sing N N 96  
GHY C15 C16  sing N N 97  
GHY C15 N13  sing N N 98  
GHY C16 C17  sing N N 99  
GHY C17 C22  doub Y N 100 
GHY C17 C18  sing Y N 101 
GHY N13 C12  sing N N 102 
GHY O14 C12  doub N N 103 
GHY C22 C21  sing Y N 104 
GHY C18 C19  doub Y N 105 
GHY C12 O11  sing N N 106 
GHY C21 C20  doub Y N 107 
GHY C19 C20  sing Y N 108 
GHY O11 C10  sing N N 109 
GHY C1  C10  sing N N 110 
GHY C10 C5   sing N N 111 
GHY C15 H1   sing N N 112 
GHY C16 H2   sing N N 113 
GHY C16 H3   sing N N 114 
GHY C22 H4   sing N N 115 
GHY C21 H5   sing N N 116 
GHY C20 H6   sing N N 117 
GHY C19 H7   sing N N 118 
GHY C18 H8   sing N N 119 
GHY N13 H9   sing N N 120 
GHY C10 H10  sing N N 121 
GHY C1  H11  sing N N 122 
GHY C1  H12  sing N N 123 
GHY C1  H13  sing N N 124 
GHY C5  H14  sing N N 125 
GHY C5  H15  sing N N 126 
GHY C5  H16  sing N N 127 
GHY N24 H17  sing N N 128 
GHY C26 H18  sing N N 129 
GHY C27 H19  sing N N 130 
GHY C27 H20  sing N N 131 
GHY O28 H21  sing N N 132 
GHY C29 H22  sing N N 133 
GHY C29 H23  sing N N 134 
GHY C30 H24  sing N N 135 
GHY C31 H25  sing N N 136 
GHY C31 H26  sing N N 137 
GHY C32 H27  sing N N 138 
GHY C32 H28  sing N N 139 
GHY N33 H29  sing N N 140 
GLN N   CA   sing N N 141 
GLN N   H    sing N N 142 
GLN N   H2   sing N N 143 
GLN CA  C    sing N N 144 
GLN CA  CB   sing N N 145 
GLN CA  HA   sing N N 146 
GLN C   O    doub N N 147 
GLN C   OXT  sing N N 148 
GLN CB  CG   sing N N 149 
GLN CB  HB2  sing N N 150 
GLN CB  HB3  sing N N 151 
GLN CG  CD   sing N N 152 
GLN CG  HG2  sing N N 153 
GLN CG  HG3  sing N N 154 
GLN CD  OE1  doub N N 155 
GLN CD  NE2  sing N N 156 
GLN NE2 HE21 sing N N 157 
GLN NE2 HE22 sing N N 158 
GLN OXT HXT  sing N N 159 
GLU N   CA   sing N N 160 
GLU N   H    sing N N 161 
GLU N   H2   sing N N 162 
GLU CA  C    sing N N 163 
GLU CA  CB   sing N N 164 
GLU CA  HA   sing N N 165 
GLU C   O    doub N N 166 
GLU C   OXT  sing N N 167 
GLU CB  CG   sing N N 168 
GLU CB  HB2  sing N N 169 
GLU CB  HB3  sing N N 170 
GLU CG  CD   sing N N 171 
GLU CG  HG2  sing N N 172 
GLU CG  HG3  sing N N 173 
GLU CD  OE1  doub N N 174 
GLU CD  OE2  sing N N 175 
GLU OE2 HE2  sing N N 176 
GLU OXT HXT  sing N N 177 
GLY N   CA   sing N N 178 
GLY N   H    sing N N 179 
GLY N   H2   sing N N 180 
GLY CA  C    sing N N 181 
GLY CA  HA2  sing N N 182 
GLY CA  HA3  sing N N 183 
GLY C   O    doub N N 184 
GLY C   OXT  sing N N 185 
GLY OXT HXT  sing N N 186 
HIS N   CA   sing N N 187 
HIS N   H    sing N N 188 
HIS N   H2   sing N N 189 
HIS CA  C    sing N N 190 
HIS CA  CB   sing N N 191 
HIS CA  HA   sing N N 192 
HIS C   O    doub N N 193 
HIS C   OXT  sing N N 194 
HIS CB  CG   sing N N 195 
HIS CB  HB2  sing N N 196 
HIS CB  HB3  sing N N 197 
HIS CG  ND1  sing Y N 198 
HIS CG  CD2  doub Y N 199 
HIS ND1 CE1  doub Y N 200 
HIS ND1 HD1  sing N N 201 
HIS CD2 NE2  sing Y N 202 
HIS CD2 HD2  sing N N 203 
HIS CE1 NE2  sing Y N 204 
HIS CE1 HE1  sing N N 205 
HIS NE2 HE2  sing N N 206 
HIS OXT HXT  sing N N 207 
HOH O   H1   sing N N 208 
HOH O   H2   sing N N 209 
ILE N   CA   sing N N 210 
ILE N   H    sing N N 211 
ILE N   H2   sing N N 212 
ILE CA  C    sing N N 213 
ILE CA  CB   sing N N 214 
ILE CA  HA   sing N N 215 
ILE C   O    doub N N 216 
ILE C   OXT  sing N N 217 
ILE CB  CG1  sing N N 218 
ILE CB  CG2  sing N N 219 
ILE CB  HB   sing N N 220 
ILE CG1 CD1  sing N N 221 
ILE CG1 HG12 sing N N 222 
ILE CG1 HG13 sing N N 223 
ILE CG2 HG21 sing N N 224 
ILE CG2 HG22 sing N N 225 
ILE CG2 HG23 sing N N 226 
ILE CD1 HD11 sing N N 227 
ILE CD1 HD12 sing N N 228 
ILE CD1 HD13 sing N N 229 
ILE OXT HXT  sing N N 230 
LEU N   CA   sing N N 231 
LEU N   H    sing N N 232 
LEU N   H2   sing N N 233 
LEU CA  C    sing N N 234 
LEU CA  CB   sing N N 235 
LEU CA  HA   sing N N 236 
LEU C   O    doub N N 237 
LEU C   OXT  sing N N 238 
LEU CB  CG   sing N N 239 
LEU CB  HB2  sing N N 240 
LEU CB  HB3  sing N N 241 
LEU CG  CD1  sing N N 242 
LEU CG  CD2  sing N N 243 
LEU CG  HG   sing N N 244 
LEU CD1 HD11 sing N N 245 
LEU CD1 HD12 sing N N 246 
LEU CD1 HD13 sing N N 247 
LEU CD2 HD21 sing N N 248 
LEU CD2 HD22 sing N N 249 
LEU CD2 HD23 sing N N 250 
LEU OXT HXT  sing N N 251 
LYS N   CA   sing N N 252 
LYS N   H    sing N N 253 
LYS N   H2   sing N N 254 
LYS CA  C    sing N N 255 
LYS CA  CB   sing N N 256 
LYS CA  HA   sing N N 257 
LYS C   O    doub N N 258 
LYS C   OXT  sing N N 259 
LYS CB  CG   sing N N 260 
LYS CB  HB2  sing N N 261 
LYS CB  HB3  sing N N 262 
LYS CG  CD   sing N N 263 
LYS CG  HG2  sing N N 264 
LYS CG  HG3  sing N N 265 
LYS CD  CE   sing N N 266 
LYS CD  HD2  sing N N 267 
LYS CD  HD3  sing N N 268 
LYS CE  NZ   sing N N 269 
LYS CE  HE2  sing N N 270 
LYS CE  HE3  sing N N 271 
LYS NZ  HZ1  sing N N 272 
LYS NZ  HZ2  sing N N 273 
LYS NZ  HZ3  sing N N 274 
LYS OXT HXT  sing N N 275 
MET N   CA   sing N N 276 
MET N   H    sing N N 277 
MET N   H2   sing N N 278 
MET CA  C    sing N N 279 
MET CA  CB   sing N N 280 
MET CA  HA   sing N N 281 
MET C   O    doub N N 282 
MET C   OXT  sing N N 283 
MET CB  CG   sing N N 284 
MET CB  HB2  sing N N 285 
MET CB  HB3  sing N N 286 
MET CG  SD   sing N N 287 
MET CG  HG2  sing N N 288 
MET CG  HG3  sing N N 289 
MET SD  CE   sing N N 290 
MET CE  HE1  sing N N 291 
MET CE  HE2  sing N N 292 
MET CE  HE3  sing N N 293 
MET OXT HXT  sing N N 294 
PHE N   CA   sing N N 295 
PHE N   H    sing N N 296 
PHE N   H2   sing N N 297 
PHE CA  C    sing N N 298 
PHE CA  CB   sing N N 299 
PHE CA  HA   sing N N 300 
PHE C   O    doub N N 301 
PHE C   OXT  sing N N 302 
PHE CB  CG   sing N N 303 
PHE CB  HB2  sing N N 304 
PHE CB  HB3  sing N N 305 
PHE CG  CD1  doub Y N 306 
PHE CG  CD2  sing Y N 307 
PHE CD1 CE1  sing Y N 308 
PHE CD1 HD1  sing N N 309 
PHE CD2 CE2  doub Y N 310 
PHE CD2 HD2  sing N N 311 
PHE CE1 CZ   doub Y N 312 
PHE CE1 HE1  sing N N 313 
PHE CE2 CZ   sing Y N 314 
PHE CE2 HE2  sing N N 315 
PHE CZ  HZ   sing N N 316 
PHE OXT HXT  sing N N 317 
PRO N   CA   sing N N 318 
PRO N   CD   sing N N 319 
PRO N   H    sing N N 320 
PRO CA  C    sing N N 321 
PRO CA  CB   sing N N 322 
PRO CA  HA   sing N N 323 
PRO C   O    doub N N 324 
PRO C   OXT  sing N N 325 
PRO CB  CG   sing N N 326 
PRO CB  HB2  sing N N 327 
PRO CB  HB3  sing N N 328 
PRO CG  CD   sing N N 329 
PRO CG  HG2  sing N N 330 
PRO CG  HG3  sing N N 331 
PRO CD  HD2  sing N N 332 
PRO CD  HD3  sing N N 333 
PRO OXT HXT  sing N N 334 
SER N   CA   sing N N 335 
SER N   H    sing N N 336 
SER N   H2   sing N N 337 
SER CA  C    sing N N 338 
SER CA  CB   sing N N 339 
SER CA  HA   sing N N 340 
SER C   O    doub N N 341 
SER C   OXT  sing N N 342 
SER CB  OG   sing N N 343 
SER CB  HB2  sing N N 344 
SER CB  HB3  sing N N 345 
SER OG  HG   sing N N 346 
SER OXT HXT  sing N N 347 
THR N   CA   sing N N 348 
THR N   H    sing N N 349 
THR N   H2   sing N N 350 
THR CA  C    sing N N 351 
THR CA  CB   sing N N 352 
THR CA  HA   sing N N 353 
THR C   O    doub N N 354 
THR C   OXT  sing N N 355 
THR CB  OG1  sing N N 356 
THR CB  CG2  sing N N 357 
THR CB  HB   sing N N 358 
THR OG1 HG1  sing N N 359 
THR CG2 HG21 sing N N 360 
THR CG2 HG22 sing N N 361 
THR CG2 HG23 sing N N 362 
THR OXT HXT  sing N N 363 
TRP N   CA   sing N N 364 
TRP N   H    sing N N 365 
TRP N   H2   sing N N 366 
TRP CA  C    sing N N 367 
TRP CA  CB   sing N N 368 
TRP CA  HA   sing N N 369 
TRP C   O    doub N N 370 
TRP C   OXT  sing N N 371 
TRP CB  CG   sing N N 372 
TRP CB  HB2  sing N N 373 
TRP CB  HB3  sing N N 374 
TRP CG  CD1  doub Y N 375 
TRP CG  CD2  sing Y N 376 
TRP CD1 NE1  sing Y N 377 
TRP CD1 HD1  sing N N 378 
TRP CD2 CE2  doub Y N 379 
TRP CD2 CE3  sing Y N 380 
TRP NE1 CE2  sing Y N 381 
TRP NE1 HE1  sing N N 382 
TRP CE2 CZ2  sing Y N 383 
TRP CE3 CZ3  doub Y N 384 
TRP CE3 HE3  sing N N 385 
TRP CZ2 CH2  doub Y N 386 
TRP CZ2 HZ2  sing N N 387 
TRP CZ3 CH2  sing Y N 388 
TRP CZ3 HZ3  sing N N 389 
TRP CH2 HH2  sing N N 390 
TRP OXT HXT  sing N N 391 
TYR N   CA   sing N N 392 
TYR N   H    sing N N 393 
TYR N   H2   sing N N 394 
TYR CA  C    sing N N 395 
TYR CA  CB   sing N N 396 
TYR CA  HA   sing N N 397 
TYR C   O    doub N N 398 
TYR C   OXT  sing N N 399 
TYR CB  CG   sing N N 400 
TYR CB  HB2  sing N N 401 
TYR CB  HB3  sing N N 402 
TYR CG  CD1  doub Y N 403 
TYR CG  CD2  sing Y N 404 
TYR CD1 CE1  sing Y N 405 
TYR CD1 HD1  sing N N 406 
TYR CD2 CE2  doub Y N 407 
TYR CD2 HD2  sing N N 408 
TYR CE1 CZ   doub Y N 409 
TYR CE1 HE1  sing N N 410 
TYR CE2 CZ   sing Y N 411 
TYR CE2 HE2  sing N N 412 
TYR CZ  OH   sing N N 413 
TYR OH  HH   sing N N 414 
TYR OXT HXT  sing N N 415 
VAL N   CA   sing N N 416 
VAL N   H    sing N N 417 
VAL N   H2   sing N N 418 
VAL CA  C    sing N N 419 
VAL CA  CB   sing N N 420 
VAL CA  HA   sing N N 421 
VAL C   O    doub N N 422 
VAL C   OXT  sing N N 423 
VAL CB  CG1  sing N N 424 
VAL CB  CG2  sing N N 425 
VAL CB  HB   sing N N 426 
VAL CG1 HG11 sing N N 427 
VAL CG1 HG12 sing N N 428 
VAL CG1 HG13 sing N N 429 
VAL CG2 HG21 sing N N 430 
VAL CG2 HG22 sing N N 431 
VAL CG2 HG23 sing N N 432 
VAL OXT HXT  sing N N 433 
# 
_pdbx_initial_refinement_model.id               1 
_pdbx_initial_refinement_model.entity_id_list   ? 
_pdbx_initial_refinement_model.type             'experimental model' 
_pdbx_initial_refinement_model.source_name      PDB 
_pdbx_initial_refinement_model.accession_code   4GHQ 
_pdbx_initial_refinement_model.details          'PDB ENTRY 4GHQ' 
# 
_atom_sites.entry_id                    5C1Y 
_atom_sites.fract_transf_matrix[1][1]   -0.01134973 
_atom_sites.fract_transf_matrix[1][2]   -0.01057761 
_atom_sites.fract_transf_matrix[1][3]   -0.00081552 
_atom_sites.fract_transf_matrix[2][1]   0.00840644 
_atom_sites.fract_transf_matrix[2][2]   -0.00967419 
_atom_sites.fract_transf_matrix[2][3]   0.00848402 
_atom_sites.fract_transf_matrix[3][1]   -0.00538955 
_atom_sites.fract_transf_matrix[3][2]   0.00493718 
_atom_sites.fract_transf_matrix[3][3]   0.01097005 
_atom_sites.fract_transf_vector[1]      0.196006 
_atom_sites.fract_transf_vector[2]      0.256093 
_atom_sites.fract_transf_vector[3]      -0.121342 
# 
loop_
_atom_type.symbol 
C 
N 
O 
S 
# 
loop_
_atom_site.group_PDB 
_atom_site.id 
_atom_site.type_symbol 
_atom_site.label_atom_id 
_atom_site.label_alt_id 
_atom_site.label_comp_id 
_atom_site.label_asym_id 
_atom_site.label_entity_id 
_atom_site.label_seq_id 
_atom_site.pdbx_PDB_ins_code 
_atom_site.Cartn_x 
_atom_site.Cartn_y 
_atom_site.Cartn_z 
_atom_site.occupancy 
_atom_site.B_iso_or_equiv 
_atom_site.pdbx_formal_charge 
_atom_site.auth_seq_id 
_atom_site.auth_comp_id 
_atom_site.auth_asym_id 
_atom_site.auth_atom_id 
_atom_site.pdbx_PDB_model_num 
ATOM   1    N N   . MET A 1 1   ? 24.601  -7.576  -5.738  1.00 47.78 ? 0   MET A N   1 
ATOM   2    C CA  . MET A 1 1   ? 23.552  -6.871  -4.932  1.00 46.83 ? 0   MET A CA  1 
ATOM   3    C C   . MET A 1 1   ? 23.421  -7.370  -3.521  1.00 42.37 ? 0   MET A C   1 
ATOM   4    O O   . MET A 1 1   ? 23.479  -8.568  -3.271  1.00 50.83 ? 0   MET A O   1 
ATOM   5    C CB  . MET A 1 1   ? 22.214  -7.115  -5.547  1.00 48.67 ? 0   MET A CB  1 
ATOM   6    C CG  . MET A 1 1   ? 21.286  -5.942  -5.438  1.00 49.65 ? 0   MET A CG  1 
ATOM   7    S SD  . MET A 1 1   ? 19.992  -6.313  -6.588  1.00 50.86 ? 0   MET A SD  1 
ATOM   8    C CE  . MET A 1 1   ? 20.521  -5.582  -8.141  1.00 53.52 ? 0   MET A CE  1 
ATOM   9    N N   . GLY A 1 2   ? 23.141  -6.455  -2.618  1.00 36.41 ? 1   GLY A N   1 
ATOM   10   C CA  . GLY A 1 2   ? 22.735  -6.812  -1.271  1.00 34.97 ? 1   GLY A CA  1 
ATOM   11   C C   . GLY A 1 2   ? 21.267  -7.203  -1.127  1.00 36.11 ? 1   GLY A C   1 
ATOM   12   O O   . GLY A 1 2   ? 20.461  -7.090  -2.075  1.00 29.69 ? 1   GLY A O   1 
ATOM   13   N N   . PRO A 1 3   ? 20.903  -7.606  0.075   1.00 39.24 ? 2   PRO A N   1 
ATOM   14   C CA  . PRO A 1 3   ? 19.627  -8.256  0.346   1.00 40.62 ? 2   PRO A CA  1 
ATOM   15   C C   . PRO A 1 3   ? 18.449  -7.319  0.392   1.00 37.78 ? 2   PRO A C   1 
ATOM   16   O O   . PRO A 1 3   ? 17.381  -7.705  -0.086  1.00 35.60 ? 2   PRO A O   1 
ATOM   17   C CB  . PRO A 1 3   ? 19.834  -8.851  1.744   1.00 39.37 ? 2   PRO A CB  1 
ATOM   18   C CG  . PRO A 1 3   ? 20.868  -7.950  2.384   1.00 39.21 ? 2   PRO A CG  1 
ATOM   19   C CD  . PRO A 1 3   ? 21.802  -7.655  1.249   1.00 40.81 ? 2   PRO A CD  1 
ATOM   20   N N   . SER A 1 4   ? 18.627  -6.127  0.954   1.00 33.32 ? 3   SER A N   1 
ATOM   21   C CA  . SER A 1 4   ? 17.527  -5.169  1.049   1.00 32.28 ? 3   SER A CA  1 
ATOM   22   C C   . SER A 1 4   ? 17.179  -4.593  -0.318  1.00 28.57 ? 3   SER A C   1 
ATOM   23   O O   . SER A 1 4   ? 15.989  -4.381  -0.638  1.00 22.86 ? 3   SER A O   1 
ATOM   24   C CB  . SER A 1 4   ? 17.843  -4.017  1.992   1.00 37.41 ? 3   SER A CB  1 
ATOM   25   O OG  . SER A 1 4   ? 17.975  -4.433  3.328   1.00 37.91 ? 3   SER A OG  1 
ATOM   26   N N   . LEU A 1 5   ? 18.210  -4.352  -1.121  1.00 28.61 ? 4   LEU A N   1 
ATOM   27   C CA  . LEU A 1 5   ? 18.002  -3.827  -2.435  1.00 28.12 ? 4   LEU A CA  1 
ATOM   28   C C   . LEU A 1 5   ? 17.346  -4.911  -3.280  1.00 30.32 ? 4   LEU A C   1 
ATOM   29   O O   . LEU A 1 5   ? 16.458  -4.645  -4.071  1.00 21.72 ? 4   LEU A O   1 
ATOM   30   C CB  . LEU A 1 5   ? 19.322  -3.375  -3.069  1.00 26.03 ? 4   LEU A CB  1 
ATOM   31   C CG  . LEU A 1 5   ? 19.211  -2.770  -4.485  1.00 26.88 ? 4   LEU A CG  1 
ATOM   32   C CD1 . LEU A 1 5   ? 18.243  -1.572  -4.562  1.00 25.06 ? 4   LEU A CD1 1 
ATOM   33   C CD2 . LEU A 1 5   ? 20.590  -2.348  -4.992  1.00 25.98 ? 4   LEU A CD2 1 
ATOM   34   N N   . ASP A 1 6   ? 17.818  -6.144  -3.118  1.00 27.32 ? 5   ASP A N   1 
ATOM   35   C CA  . ASP A 1 6   ? 17.243  -7.249  -3.881  1.00 27.33 ? 5   ASP A CA  1 
ATOM   36   C C   . ASP A 1 6   ? 15.768  -7.467  -3.552  1.00 24.86 ? 5   ASP A C   1 
ATOM   37   O O   . ASP A 1 6   ? 14.938  -7.655  -4.466  1.00 28.65 ? 5   ASP A O   1 
ATOM   38   C CB  . ASP A 1 6   ? 18.026  -8.537  -3.597  1.00 27.98 ? 5   ASP A CB  1 
ATOM   39   C CG  . ASP A 1 6   ? 17.416  -9.736  -4.223  1.00 32.97 ? 5   ASP A CG  1 
ATOM   40   O OD1 . ASP A 1 6   ? 17.565  -9.901  -5.476  1.00 38.25 ? 5   ASP A OD1 1 
ATOM   41   O OD2 . ASP A 1 6   ? 16.810  -10.504 -3.440  1.00 34.62 ? 5   ASP A OD2 1 
ATOM   42   N N   . PHE A 1 7   ? 15.415  -7.415  -2.288  1.00 21.80 ? 6   PHE A N   1 
ATOM   43   C CA  . PHE A 1 7   ? 14.044  -7.571  -1.874  1.00 23.46 ? 6   PHE A CA  1 
ATOM   44   C C   . PHE A 1 7   ? 13.107  -6.439  -2.403  1.00 24.35 ? 6   PHE A C   1 
ATOM   45   O O   . PHE A 1 7   ? 12.038  -6.722  -2.888  1.00 20.44 ? 6   PHE A O   1 
ATOM   46   C CB  . PHE A 1 7   ? 13.968  -7.653  -0.373  1.00 24.58 ? 6   PHE A CB  1 
ATOM   47   C CG  . PHE A 1 7   ? 12.595  -7.826  0.177   1.00 25.24 ? 6   PHE A CG  1 
ATOM   48   C CD1 . PHE A 1 7   ? 12.005  -9.094  0.216   1.00 27.13 ? 6   PHE A CD1 1 
ATOM   49   C CD2 . PHE A 1 7   ? 11.920  -6.760  0.715   1.00 24.60 ? 6   PHE A CD2 1 
ATOM   50   C CE1 . PHE A 1 7   ? 10.747  -9.261  0.763   1.00 28.27 ? 6   PHE A CE1 1 
ATOM   51   C CE2 . PHE A 1 7   ? 10.661  -6.914  1.274   1.00 25.92 ? 6   PHE A CE2 1 
ATOM   52   C CZ  . PHE A 1 7   ? 10.063  -8.168  1.306   1.00 26.22 ? 6   PHE A CZ  1 
ATOM   53   N N   . ALA A 1 8   ? 13.516  -5.194  -2.297  1.00 22.51 ? 7   ALA A N   1 
ATOM   54   C CA  . ALA A 1 8   ? 12.692  -4.082  -2.799  1.00 23.73 ? 7   ALA A CA  1 
ATOM   55   C C   . ALA A 1 8   ? 12.552  -4.127  -4.285  1.00 22.08 ? 7   ALA A C   1 
ATOM   56   O O   . ALA A 1 8   ? 11.462  -3.872  -4.800  1.00 23.54 ? 7   ALA A O   1 
ATOM   57   C CB  . ALA A 1 8   ? 13.276  -2.760  -2.351  1.00 23.99 ? 7   ALA A CB  1 
ATOM   58   N N   . LEU A 1 9   ? 13.637  -4.415  -5.004  1.00 23.98 ? 8   LEU A N   1 
ATOM   59   C CA  . LEU A 1 9   ? 13.549  -4.526  -6.461  1.00 21.87 ? 8   LEU A CA  1 
ATOM   60   C C   . LEU A 1 9   ? 12.661  -5.713  -6.881  1.00 24.78 ? 8   LEU A C   1 
ATOM   61   O O   . LEU A 1 9   ? 11.913  -5.667  -7.862  1.00 21.34 ? 8   LEU A O   1 
ATOM   62   C CB  . LEU A 1 9   ? 14.912  -4.667  -7.089  1.00 24.45 ? 8   LEU A CB  1 
ATOM   63   C CG  . LEU A 1 9   ? 15.848  -3.447  -6.946  1.00 23.88 ? 8   LEU A CG  1 
ATOM   64   C CD1 . LEU A 1 9   ? 17.169  -3.804  -7.581  1.00 26.75 ? 8   LEU A CD1 1 
ATOM   65   C CD2 . LEU A 1 9   ? 15.268  -2.235  -7.678  1.00 25.23 ? 8   LEU A CD2 1 
ATOM   66   N N   . SER A 1 10  ? 12.756  -6.806  -6.148  1.00 24.23 ? 9   SER A N   1 
ATOM   67   C CA  . SER A 1 10  ? 11.927  -7.945  -6.446  1.00 26.58 ? 9   SER A CA  1 
ATOM   68   C C   . SER A 1 10  ? 10.423  -7.638  -6.172  1.00 25.45 ? 9   SER A C   1 
ATOM   69   O O   . SER A 1 10  ? 9.522   -8.008  -6.953  1.00 24.34 ? 9   SER A O   1 
ATOM   70   C CB  . SER A 1 10  ? 12.435  -9.124  -5.638  1.00 31.92 ? 9   SER A CB  1 
ATOM   71   O OG  . SER A 1 10  ? 11.398  -10.020 -5.464  1.00 39.46 ? 9   SER A OG  1 
ATOM   72   N N   . LEU A 1 11  ? 10.152  -6.917  -5.105  1.00 23.55 ? 10  LEU A N   1 
ATOM   73   C CA  . LEU A 1 11  ? 8.822   -6.379  -4.887  1.00 25.42 ? 10  LEU A CA  1 
ATOM   74   C C   . LEU A 1 11  ? 8.310   -5.579  -6.050  1.00 25.09 ? 10  LEU A C   1 
ATOM   75   O O   . LEU A 1 11  ? 7.183   -5.784  -6.515  1.00 25.72 ? 10  LEU A O   1 
ATOM   76   C CB  . LEU A 1 11  ? 8.799   -5.534  -3.648  1.00 27.80 ? 10  LEU A CB  1 
ATOM   77   C CG  . LEU A 1 11  ? 8.475   -6.193  -2.334  1.00 28.13 ? 10  LEU A CG  1 
ATOM   78   C CD1 . LEU A 1 11  ? 8.312   -5.082  -1.314  1.00 29.69 ? 10  LEU A CD1 1 
ATOM   79   C CD2 . LEU A 1 11  ? 7.206   -7.052  -2.341  1.00 27.27 ? 10  LEU A CD2 1 
ATOM   80   N N   . LEU A 1 12  ? 9.134   -4.679  -6.545  1.00 24.05 ? 11  LEU A N   1 
ATOM   81   C CA  . LEU A 1 12  ? 8.780   -3.866  -7.656  1.00 24.56 ? 11  LEU A CA  1 
ATOM   82   C C   . LEU A 1 12  ? 8.504   -4.644  -8.913  1.00 25.65 ? 11  LEU A C   1 
ATOM   83   O O   . LEU A 1 12  ? 7.586   -4.339  -9.669  1.00 27.86 ? 11  LEU A O   1 
ATOM   84   C CB  . LEU A 1 12  ? 9.911   -2.892  -7.944  1.00 25.64 ? 11  LEU A CB  1 
ATOM   85   C CG  . LEU A 1 12  ? 9.750   -1.613  -7.149  1.00 24.49 ? 11  LEU A CG  1 
ATOM   86   C CD1 . LEU A 1 12  ? 11.049  -0.816  -7.121  1.00 28.14 ? 11  LEU A CD1 1 
ATOM   87   C CD2 . LEU A 1 12  ? 8.631   -0.777  -7.739  1.00 23.11 ? 11  LEU A CD2 1 
ATOM   88   N N   . ARG A 1 13  ? 9.311   -5.653  -9.164  1.00 23.03 ? 12  ARG A N   1 
ATOM   89   C CA  . ARG A 1 13  ? 9.094   -6.444  -10.331 1.00 24.88 ? 12  ARG A CA  1 
ATOM   90   C C   . ARG A 1 13  ? 7.834   -7.281  -10.220 1.00 22.43 ? 12  ARG A C   1 
ATOM   91   O O   . ARG A 1 13  ? 7.134   -7.474  -11.160 1.00 26.36 ? 12  ARG A O   1 
ATOM   92   C CB  . ARG A 1 13  ? 10.253  -7.428  -10.511 1.00 29.19 ? 12  ARG A CB  1 
ATOM   93   C CG  . ARG A 1 13  ? 11.338  -6.990  -11.476 1.00 37.62 ? 12  ARG A CG  1 
ATOM   94   C CD  . ARG A 1 13  ? 11.930  -8.202  -12.174 1.00 35.89 ? 12  ARG A CD  1 
ATOM   95   N NE  . ARG A 1 13  ? 11.903  -9.331  -11.260 1.00 38.63 ? 12  ARG A NE  1 
ATOM   96   C CZ  . ARG A 1 13  ? 12.759  -9.469  -10.259 1.00 46.96 ? 12  ARG A CZ  1 
ATOM   97   N NH1 . ARG A 1 13  ? 13.727  -8.558  -10.106 1.00 52.56 ? 12  ARG A NH1 1 
ATOM   98   N NH2 . ARG A 1 13  ? 12.662  -10.507 -9.425  1.00 41.20 ? 12  ARG A NH2 1 
ATOM   99   N N   . ARG A 1 14  ? 7.616   -7.880  -9.086  1.00 20.10 ? 13  ARG A N   1 
ATOM   100  C CA  . ARG A 1 14  ? 6.628   -8.947  -8.952  1.00 22.01 ? 13  ARG A CA  1 
ATOM   101  C C   . ARG A 1 14  ? 5.304   -8.513  -8.336  1.00 19.38 ? 13  ARG A C   1 
ATOM   102  O O   . ARG A 1 14  ? 4.289   -9.114  -8.650  1.00 19.50 ? 13  ARG A O   1 
ATOM   103  C CB  . ARG A 1 14  ? 7.213   -10.089 -8.133  1.00 25.95 ? 13  ARG A CB  1 
ATOM   104  C CG  . ARG A 1 14  ? 8.270   -10.861 -8.904  1.00 31.13 ? 13  ARG A CG  1 
ATOM   105  C CD  . ARG A 1 14  ? 8.705   -12.032 -8.045  1.00 40.42 ? 13  ARG A CD  1 
ATOM   106  N NE  . ARG A 1 14  ? 9.659   -12.907 -8.699  1.00 50.45 ? 13  ARG A NE  1 
ATOM   107  C CZ  . ARG A 1 14  ? 9.491   -14.215 -8.879  1.00 57.82 ? 13  ARG A CZ  1 
ATOM   108  N NH1 . ARG A 1 14  ? 8.374   -14.834 -8.472  1.00 49.51 ? 13  ARG A NH1 1 
ATOM   109  N NH2 . ARG A 1 14  ? 10.454  -14.905 -9.519  1.00 63.71 ? 13  ARG A NH2 1 
ATOM   110  N N   . ASN A 1 15  ? 5.300   -7.529  -7.444  1.00 18.61 ? 14  ASN A N   1 
ATOM   111  C CA  . ASN A 1 15  ? 4.085   -7.251  -6.678  1.00 16.25 ? 14  ASN A CA  1 
ATOM   112  C C   . ASN A 1 15  ? 3.603   -5.813  -6.689  1.00 16.57 ? 14  ASN A C   1 
ATOM   113  O O   . ASN A 1 15  ? 2.489   -5.584  -6.302  1.00 16.91 ? 14  ASN A O   1 
ATOM   114  C CB  . ASN A 1 15  ? 4.260   -7.703  -5.244  1.00 14.49 ? 14  ASN A CB  1 
ATOM   115  C CG  . ASN A 1 15  ? 4.458   -9.184  -5.117  1.00 16.06 ? 14  ASN A CG  1 
ATOM   116  O OD1 . ASN A 1 15  ? 5.609   -9.696  -5.249  1.00 17.93 ? 14  ASN A OD1 1 
ATOM   117  N ND2 . ASN A 1 15  ? 3.383   -9.907  -4.859  1.00 15.44 ? 14  ASN A ND2 1 
ATOM   118  N N   . VAL A 1 16  ? 4.422   -4.832  -7.068  1.00 17.07 ? 15  VAL A N   1 
ATOM   119  C CA  . VAL A 1 16  ? 4.055   -3.435  -6.832  1.00 18.00 ? 15  VAL A CA  1 
ATOM   120  C C   . VAL A 1 16  ? 3.812   -2.784  -8.168  1.00 20.22 ? 15  VAL A C   1 
ATOM   121  O O   . VAL A 1 16  ? 4.747   -2.621  -8.917  1.00 20.86 ? 15  VAL A O   1 
ATOM   122  C CB  . VAL A 1 16  ? 5.172   -2.674  -6.087  1.00 18.29 ? 15  VAL A CB  1 
ATOM   123  C CG1 . VAL A 1 16  ? 4.825   -1.210  -5.950  1.00 20.74 ? 15  VAL A CG1 1 
ATOM   124  C CG2 . VAL A 1 16  ? 5.452   -3.333  -4.721  1.00 17.87 ? 15  VAL A CG2 1 
ATOM   125  N N   . ARG A 1 17  ? 2.560   -2.425  -8.473  1.00 17.98 ? 16  ARG A N   1 
ATOM   126  C CA  . ARG A 1 17  ? 2.182   -2.039  -9.806  1.00 18.15 ? 16  ARG A CA  1 
ATOM   127  C C   . ARG A 1 17  ? 1.739   -0.592  -9.972  1.00 15.79 ? 16  ARG A C   1 
ATOM   128  O O   . ARG A 1 17  ? 1.179   0.016   -9.083  1.00 16.49 ? 16  ARG A O   1 
ATOM   129  C CB  . ARG A 1 17  ? 0.987   -2.909  -10.239 1.00 21.04 ? 16  ARG A CB  1 
ATOM   130  C CG  . ARG A 1 17  ? 1.249   -4.394  -10.226 1.00 23.46 ? 16  ARG A CG  1 
ATOM   131  C CD  . ARG A 1 17  ? 1.904   -4.834  -11.522 1.00 26.32 ? 16  ARG A CD  1 
ATOM   132  N NE  . ARG A 1 17  ? 1.993   -6.282  -11.578 1.00 32.05 ? 16  ARG A NE  1 
ATOM   133  C CZ  . ARG A 1 17  ? 3.101   -6.962  -11.298 1.00 34.09 ? 16  ARG A CZ  1 
ATOM   134  N NH1 . ARG A 1 17  ? 4.220   -6.310  -10.976 1.00 35.84 ? 16  ARG A NH1 1 
ATOM   135  N NH2 . ARG A 1 17  ? 3.089   -8.280  -11.389 1.00 37.87 ? 16  ARG A NH2 1 
ATOM   136  N N   . GLN A 1 18  ? 1.947   -0.055  -11.162 1.00 15.93 ? 17  GLN A N   1 
ATOM   137  C CA  . GLN A 1 18  ? 1.492   1.259   -11.552 1.00 14.84 ? 17  GLN A CA  1 
ATOM   138  C C   . GLN A 1 18  ? 0.018   1.238   -11.961 1.00 15.80 ? 17  GLN A C   1 
ATOM   139  O O   . GLN A 1 18  ? -0.367  0.505   -12.863 1.00 17.51 ? 17  GLN A O   1 
ATOM   140  C CB  . GLN A 1 18  ? 2.326   1.753   -12.720 1.00 15.94 ? 17  GLN A CB  1 
ATOM   141  C CG  . GLN A 1 18  ? 3.844   1.921   -12.456 1.00 16.25 ? 17  GLN A CG  1 
ATOM   142  C CD  . GLN A 1 18  ? 4.579   2.350   -13.706 1.00 20.52 ? 17  GLN A CD  1 
ATOM   143  O OE1 . GLN A 1 18  ? 3.965   2.581   -14.754 1.00 21.27 ? 17  GLN A OE1 1 
ATOM   144  N NE2 . GLN A 1 18  ? 5.899   2.461   -13.614 1.00 21.44 ? 17  GLN A NE2 1 
ATOM   145  N N   . VAL A 1 19  ? -0.813  2.034   -11.293 1.00 14.86 ? 18  VAL A N   1 
ATOM   146  C CA  . VAL A 1 19  ? -2.245  2.052   -11.615 1.00 14.84 ? 18  VAL A CA  1 
ATOM   147  C C   . VAL A 1 19  ? -2.820  3.455   -11.672 1.00 14.28 ? 18  VAL A C   1 
ATOM   148  O O   . VAL A 1 19  ? -2.247  4.403   -11.187 1.00 14.82 ? 18  VAL A O   1 
ATOM   149  C CB  . VAL A 1 19  ? -3.111  1.180   -10.650 1.00 14.64 ? 18  VAL A CB  1 
ATOM   150  C CG1 . VAL A 1 19  ? -2.459  -0.206  -10.476 1.00 15.28 ? 18  VAL A CG1 1 
ATOM   151  C CG2 . VAL A 1 19  ? -3.220  1.889   -9.304  1.00 15.70 ? 18  VAL A CG2 1 
ATOM   152  N N   . GLN A 1 20  ? -3.966  3.537   -12.334 1.00 16.91 ? 19  GLN A N   1 
ATOM   153  C CA  . GLN A 1 20  ? -4.705  4.777   -12.481 1.00 21.42 ? 19  GLN A CA  1 
ATOM   154  C C   . GLN A 1 20  ? -6.185  4.462   -12.324 1.00 19.94 ? 19  GLN A C   1 
ATOM   155  O O   . GLN A 1 20  ? -6.661  3.478   -12.851 1.00 21.49 ? 19  GLN A O   1 
ATOM   156  C CB  . GLN A 1 20  ? -4.529  5.408   -13.883 1.00 22.54 ? 19  GLN A CB  1 
ATOM   157  C CG  . GLN A 1 20  ? -3.137  5.863   -14.214 1.00 28.16 ? 19  GLN A CG  1 
ATOM   158  C CD  . GLN A 1 20  ? -3.042  6.386   -15.637 1.00 28.38 ? 19  GLN A CD  1 
ATOM   159  O OE1 . GLN A 1 20  ? -3.873  7.181   -16.031 1.00 25.34 ? 19  GLN A OE1 1 
ATOM   160  N NE2 . GLN A 1 20  ? -2.006  5.937   -16.407 1.00 27.96 ? 19  GLN A NE2 1 
ATOM   161  N N   . THR A 1 21  ? -6.867  5.293   -11.583 1.00 23.89 ? 20  THR A N   1 
ATOM   162  C CA  . THR A 1 21  ? -8.326  5.211   -11.415 1.00 24.06 ? 20  THR A CA  1 
ATOM   163  C C   . THR A 1 21  ? -8.860  6.578   -11.753 1.00 30.31 ? 20  THR A C   1 
ATOM   164  O O   . THR A 1 21  ? -8.090  7.451   -12.137 1.00 30.05 ? 20  THR A O   1 
ATOM   165  C CB  . THR A 1 21  ? -8.721  4.907   -9.965  1.00 20.91 ? 20  THR A CB  1 
ATOM   166  O OG1 . THR A 1 21  ? -8.426  6.050   -9.142  1.00 20.53 ? 20  THR A OG1 1 
ATOM   167  C CG2 . THR A 1 21  ? -7.942  3.716   -9.457  1.00 23.25 ? 20  THR A CG2 1 
ATOM   168  N N   . ASP A 1 22  ? -10.170 6.775   -11.571 1.00 31.38 ? 21  ASP A N   1 
ATOM   169  C CA  . ASP A 1 22  ? -10.746 8.107   -11.813 1.00 35.08 ? 21  ASP A CA  1 
ATOM   170  C C   . ASP A 1 22  ? -10.078 9.142   -10.956 1.00 34.05 ? 21  ASP A C   1 
ATOM   171  O O   . ASP A 1 22  ? -10.018 10.297  -11.320 1.00 34.45 ? 21  ASP A O   1 
ATOM   172  C CB  . ASP A 1 22  ? -12.265 8.085   -11.580 1.00 36.41 ? 21  ASP A CB  1 
ATOM   173  C CG  . ASP A 1 22  ? -12.993 7.323   -12.669 1.00 44.40 ? 21  ASP A CG  1 
ATOM   174  O OD1 . ASP A 1 22  ? -12.538 7.361   -13.829 1.00 51.71 ? 21  ASP A OD1 1 
ATOM   175  O OD2 . ASP A 1 22  ? -14.010 6.656   -12.379 1.00 54.70 ? 21  ASP A OD2 1 
ATOM   176  N N   . GLN A 1 23  ? -9.578  8.735   -9.790  1.00 31.02 ? 22  GLN A N   1 
ATOM   177  C CA  . GLN A 1 23  ? -8.909  9.662   -8.875  1.00 28.08 ? 22  GLN A CA  1 
ATOM   178  C C   . GLN A 1 23  ? -7.458  9.945   -9.215  1.00 28.41 ? 22  GLN A C   1 
ATOM   179  O O   . GLN A 1 23  ? -6.834  10.705  -8.564  1.00 29.17 ? 22  GLN A O   1 
ATOM   180  C CB  . GLN A 1 23  ? -8.968  9.113   -7.432  1.00 29.53 ? 22  GLN A CB  1 
ATOM   181  C CG  . GLN A 1 23  ? -10.376 9.028   -6.865  1.00 29.97 ? 22  GLN A CG  1 
ATOM   182  C CD  . GLN A 1 23  ? -11.114 10.356  -6.966  1.00 31.77 ? 22  GLN A CD  1 
ATOM   183  O OE1 . GLN A 1 23  ? -12.019 10.487  -7.761  1.00 32.44 ? 22  GLN A OE1 1 
ATOM   184  N NE2 . GLN A 1 23  ? -10.717 11.339  -6.151  1.00 33.48 ? 22  GLN A NE2 1 
ATOM   185  N N   . GLY A 1 24  ? -6.890  9.289   -10.217 1.00 28.87 ? 23  GLY A N   1 
ATOM   186  C CA  . GLY A 1 24  ? -5.492  9.557   -10.571 1.00 27.45 ? 23  GLY A CA  1 
ATOM   187  C C   . GLY A 1 24  ? -4.546  8.371   -10.370 1.00 23.59 ? 23  GLY A C   1 
ATOM   188  O O   . GLY A 1 24  ? -4.986  7.234   -10.380 1.00 22.71 ? 23  GLY A O   1 
ATOM   189  N N   . HIS A 1 25  ? -3.268  8.666   -10.187 1.00 21.62 ? 24  HIS A N   1 
ATOM   190  C CA  . HIS A 1 25  ? -2.186  7.643   -10.159 1.00 22.42 ? 24  HIS A CA  1 
ATOM   191  C C   . HIS A 1 25  ? -1.913  7.136   -8.759  1.00 19.31 ? 24  HIS A C   1 
ATOM   192  O O   . HIS A 1 25  ? -1.734  7.910   -7.816  1.00 20.27 ? 24  HIS A O   1 
ATOM   193  C CB  . HIS A 1 25  ? -0.908  8.249   -10.712 1.00 23.57 ? 24  HIS A CB  1 
ATOM   194  C CG  . HIS A 1 25  ? -1.000  8.550   -12.188 1.00 24.61 ? 24  HIS A CG  1 
ATOM   195  N ND1 . HIS A 1 25  ? -1.504  9.745   -12.684 1.00 31.90 ? 24  HIS A ND1 1 
ATOM   196  C CD2 . HIS A 1 25  ? -0.679  7.808   -13.272 1.00 25.03 ? 24  HIS A CD2 1 
ATOM   197  C CE1 . HIS A 1 25  ? -1.467  9.730   -14.006 1.00 27.57 ? 24  HIS A CE1 1 
ATOM   198  N NE2 . HIS A 1 25  ? -0.984  8.557   -14.391 1.00 32.67 ? 24  HIS A NE2 1 
ATOM   199  N N   . PHE A 1 26  ? -1.830  5.824   -8.629  1.00 19.01 ? 25  PHE A N   1 
ATOM   200  C CA  . PHE A 1 26  ? -1.587  5.226   -7.341  1.00 16.62 ? 25  PHE A CA  1 
ATOM   201  C C   . PHE A 1 26  ? -0.605  4.092   -7.553  1.00 15.41 ? 25  PHE A C   1 
ATOM   202  O O   . PHE A 1 26  ? -0.481  3.533   -8.640  1.00 16.41 ? 25  PHE A O   1 
ATOM   203  C CB  . PHE A 1 26  ? -2.886  4.720   -6.742  1.00 16.47 ? 25  PHE A CB  1 
ATOM   204  C CG  . PHE A 1 26  ? -3.789  5.827   -6.307  1.00 17.94 ? 25  PHE A CG  1 
ATOM   205  C CD1 . PHE A 1 26  ? -3.708  6.348   -5.027  1.00 18.99 ? 25  PHE A CD1 1 
ATOM   206  C CD2 . PHE A 1 26  ? -4.682  6.384   -7.194  1.00 20.11 ? 25  PHE A CD2 1 
ATOM   207  C CE1 . PHE A 1 26  ? -4.538  7.406   -4.644  1.00 22.87 ? 25  PHE A CE1 1 
ATOM   208  C CE2 . PHE A 1 26  ? -5.521  7.424   -6.840  1.00 21.27 ? 25  PHE A CE2 1 
ATOM   209  C CZ  . PHE A 1 26  ? -5.457  7.949   -5.563  1.00 21.32 ? 25  PHE A CZ  1 
ATOM   210  N N   . THR A 1 27  ? 0.036   3.712   -6.486  1.00 15.09 ? 26  THR A N   1 
ATOM   211  C CA  . THR A 1 27  ? 0.774   2.437   -6.409  1.00 16.13 ? 26  THR A CA  1 
ATOM   212  C C   . THR A 1 27  ? -0.166  1.386   -5.837  1.00 16.27 ? 26  THR A C   1 
ATOM   213  O O   . THR A 1 27  ? -0.900  1.687   -4.917  1.00 16.00 ? 26  THR A O   1 
ATOM   214  C CB  . THR A 1 27  ? 1.938   2.621   -5.460  1.00 16.25 ? 26  THR A CB  1 
ATOM   215  O OG1 . THR A 1 27  ? 2.834   3.616   -5.993  1.00 16.96 ? 26  THR A OG1 1 
ATOM   216  C CG2 . THR A 1 27  ? 2.721   1.314   -5.276  1.00 15.08 ? 26  THR A CG2 1 
ATOM   217  N N   . MET A 1 28  ? -0.181  0.179   -6.414  1.00 15.90 ? 27  MET A N   1 
ATOM   218  C CA  . MET A 1 28  ? -1.039  -0.911  -5.982  1.00 16.09 ? 27  MET A CA  1 
ATOM   219  C C   . MET A 1 28  ? -0.180  -2.074  -5.532  1.00 15.27 ? 27  MET A C   1 
ATOM   220  O O   . MET A 1 28  ? 0.736   -2.439  -6.217  1.00 17.47 ? 27  MET A O   1 
ATOM   221  C CB  . MET A 1 28  ? -1.896  -1.401  -7.101  1.00 16.62 ? 27  MET A CB  1 
ATOM   222  C CG  . MET A 1 28  ? -2.959  -2.456  -6.698  1.00 20.55 ? 27  MET A CG  1 
ATOM   223  S SD  . MET A 1 28  ? -3.899  -3.097  -8.119  1.00 21.82 ? 27  MET A SD  1 
ATOM   224  C CE  . MET A 1 28  ? -2.639  -4.189  -8.758  1.00 22.33 ? 27  MET A CE  1 
ATOM   225  N N   . LEU A 1 29  ? -0.478  -2.682  -4.398  1.00 14.95 ? 28  LEU A N   1 
ATOM   226  C CA  . LEU A 1 29  ? 0.259   -3.898  -3.995  1.00 13.83 ? 28  LEU A CA  1 
ATOM   227  C C   . LEU A 1 29  ? -0.592  -5.165  -4.274  1.00 13.63 ? 28  LEU A C   1 
ATOM   228  O O   . LEU A 1 29  ? -1.653  -5.319  -3.747  1.00 12.64 ? 28  LEU A O   1 
ATOM   229  C CB  . LEU A 1 29  ? 0.575   -3.856  -2.526  1.00 12.84 ? 28  LEU A CB  1 
ATOM   230  C CG  . LEU A 1 29  ? 1.352   -5.011  -1.895  1.00 12.36 ? 28  LEU A CG  1 
ATOM   231  C CD1 . LEU A 1 29  ? 2.706   -5.135  -2.412  1.00 13.10 ? 28  LEU A CD1 1 
ATOM   232  C CD2 . LEU A 1 29  ? 1.344   -4.749  -0.328  1.00 14.08 ? 28  LEU A CD2 1 
ATOM   233  N N   . GLY A 1 30  ? -0.077  -6.045  -5.113  1.00 15.12 ? 29  GLY A N   1 
ATOM   234  C CA  . GLY A 1 30  ? -0.667  -7.360  -5.383  1.00 14.99 ? 29  GLY A CA  1 
ATOM   235  C C   . GLY A 1 30  ? -0.132  -8.309  -4.289  1.00 14.79 ? 29  GLY A C   1 
ATOM   236  O O   . GLY A 1 30  ? 1.072   -8.368  -4.071  1.00 17.16 ? 29  GLY A O   1 
ATOM   237  N N   . VAL A 1 31  ? -1.017  -8.984  -3.569  1.00 15.22 ? 30  VAL A N   1 
ATOM   238  C CA  . VAL A 1 31  ? -0.643  -9.703  -2.356  1.00 17.73 ? 30  VAL A CA  1 
ATOM   239  C C   . VAL A 1 31  ? -0.537  -11.198 -2.573  1.00 18.86 ? 30  VAL A C   1 
ATOM   240  O O   . VAL A 1 31  ? 0.433   -11.810 -2.198  1.00 18.85 ? 30  VAL A O   1 
ATOM   241  C CB  . VAL A 1 31  ? -1.620  -9.393  -1.221  1.00 22.88 ? 30  VAL A CB  1 
ATOM   242  C CG1 . VAL A 1 31  ? -1.392  -10.341 -0.046  1.00 23.55 ? 30  VAL A CG1 1 
ATOM   243  C CG2 . VAL A 1 31  ? -1.467  -7.928  -0.778  1.00 20.52 ? 30  VAL A CG2 1 
ATOM   244  N N   . ARG A 1 32  ? -1.532  -11.781 -3.211  1.00 19.41 ? 31  ARG A N   1 
ATOM   245  C CA  . ARG A 1 32  ? -1.513  -13.171 -3.568  1.00 18.00 ? 31  ARG A CA  1 
ATOM   246  C C   . ARG A 1 32  ? -2.612  -13.389 -4.589  1.00 19.89 ? 31  ARG A C   1 
ATOM   247  O O   . ARG A 1 32  ? -3.591  -12.613 -4.628  1.00 17.41 ? 31  ARG A O   1 
ATOM   248  C CB  . ARG A 1 32  ? -1.753  -14.068 -2.346  1.00 19.67 ? 31  ARG A CB  1 
ATOM   249  C CG  . ARG A 1 32  ? -3.123  -13.970 -1.753  1.00 19.58 ? 31  ARG A CG  1 
ATOM   250  C CD  . ARG A 1 32  ? -3.416  -15.160 -0.834  1.00 22.43 ? 31  ARG A CD  1 
ATOM   251  N NE  . ARG A 1 32  ? -4.647  -14.921 -0.087  1.00 22.97 ? 31  ARG A NE  1 
ATOM   252  C CZ  . ARG A 1 32  ? -5.881  -15.009 -0.577  1.00 25.95 ? 31  ARG A CZ  1 
ATOM   253  N NH1 . ARG A 1 32  ? -6.087  -15.369 -1.817  1.00 28.40 ? 31  ARG A NH1 1 
ATOM   254  N NH2 . ARG A 1 32  ? -6.929  -14.741 0.181   1.00 28.23 ? 31  ARG A NH2 1 
ATOM   255  N N   . ASP A 1 33  ? -2.482  -14.452 -5.392  1.00 20.30 ? 32  ASP A N   1 
ATOM   256  C CA  . ASP A 1 33  ? -3.567  -14.879 -6.267  1.00 22.30 ? 32  ASP A CA  1 
ATOM   257  C C   . ASP A 1 33  ? -4.024  -13.675 -7.097  1.00 20.08 ? 32  ASP A C   1 
ATOM   258  O O   . ASP A 1 33  ? -3.184  -13.047 -7.688  1.00 18.08 ? 32  ASP A O   1 
ATOM   259  C CB  . ASP A 1 33  ? -4.695  -15.500 -5.437  1.00 26.66 ? 32  ASP A CB  1 
ATOM   260  C CG  . ASP A 1 33  ? -4.184  -16.737 -4.618  1.00 30.70 ? 32  ASP A CG  1 
ATOM   261  O OD1 . ASP A 1 33  ? -3.685  -17.692 -5.290  1.00 33.22 ? 32  ASP A OD1 1 
ATOM   262  O OD2 . ASP A 1 33  ? -4.204  -16.730 -3.376  1.00 26.82 ? 32  ASP A OD2 1 
ATOM   263  N N   . ARG A 1 34  ? -5.318  -13.337 -7.108  1.00 19.30 ? 33  ARG A N   1 
ATOM   264  C CA  . ARG A 1 34  ? -5.788  -12.152 -7.888  1.00 20.34 ? 33  ARG A CA  1 
ATOM   265  C C   . ARG A 1 34  ? -6.210  -11.014 -6.942  1.00 18.95 ? 33  ARG A C   1 
ATOM   266  O O   . ARG A 1 34  ? -6.960  -10.115 -7.317  1.00 19.48 ? 33  ARG A O   1 
ATOM   267  C CB  . ARG A 1 34  ? -6.955  -12.570 -8.806  1.00 23.54 ? 33  ARG A CB  1 
ATOM   268  C CG  . ARG A 1 34  ? -6.715  -13.905 -9.451  1.00 31.19 ? 33  ARG A CG  1 
ATOM   269  C CD  . ARG A 1 34  ? -7.507  -14.131 -10.724 1.00 39.81 ? 33  ARG A CD  1 
ATOM   270  N NE  . ARG A 1 34  ? -6.725  -14.964 -11.642 1.00 47.33 ? 33  ARG A NE  1 
ATOM   271  C CZ  . ARG A 1 34  ? -6.322  -16.206 -11.371 1.00 50.84 ? 33  ARG A CZ  1 
ATOM   272  N NH1 . ARG A 1 34  ? -6.613  -16.798 -10.206 1.00 54.68 ? 33  ARG A NH1 1 
ATOM   273  N NH2 . ARG A 1 34  ? -5.624  -16.881 -12.266 1.00 55.53 ? 33  ARG A NH2 1 
ATOM   274  N N   . LEU A 1 35  ? -5.713  -11.081 -5.707  1.00 17.90 ? 34  LEU A N   1 
ATOM   275  C CA  . LEU A 1 35  ? -5.967  -10.125 -4.648  1.00 19.69 ? 34  LEU A CA  1 
ATOM   276  C C   . LEU A 1 35  ? -4.891  -9.060  -4.523  1.00 17.64 ? 34  LEU A C   1 
ATOM   277  O O   . LEU A 1 35  ? -3.730  -9.344  -4.306  1.00 15.05 ? 34  LEU A O   1 
ATOM   278  C CB  . LEU A 1 35  ? -6.057  -10.873 -3.309  1.00 20.57 ? 34  LEU A CB  1 
ATOM   279  C CG  . LEU A 1 35  ? -6.457  -10.053 -2.096  1.00 23.88 ? 34  LEU A CG  1 
ATOM   280  C CD1 . LEU A 1 35  ? -7.890  -9.635  -2.205  1.00 25.19 ? 34  LEU A CD1 1 
ATOM   281  C CD2 . LEU A 1 35  ? -6.293  -10.930 -0.860  1.00 27.85 ? 34  LEU A CD2 1 
ATOM   282  N N   . ALA A 1 36  ? -5.337  -7.809  -4.616  1.00 15.08 ? 35  ALA A N   1 
ATOM   283  C CA  . ALA A 1 36  ? -4.485  -6.629  -4.383  1.00 14.91 ? 35  ALA A CA  1 
ATOM   284  C C   . ALA A 1 36  ? -5.122  -5.668  -3.370  1.00 15.73 ? 35  ALA A C   1 
ATOM   285  O O   . ALA A 1 36  ? -6.323  -5.748  -3.086  1.00 15.91 ? 35  ALA A O   1 
ATOM   286  C CB  . ALA A 1 36  ? -4.211  -5.876  -5.676  1.00 14.53 ? 35  ALA A CB  1 
ATOM   287  N N   . VAL A 1 37  ? -4.319  -4.740  -2.920  1.00 16.28 ? 36  VAL A N   1 
ATOM   288  C CA  . VAL A 1 37  ? -4.766  -3.737  -2.037  1.00 18.31 ? 36  VAL A CA  1 
ATOM   289  C C   . VAL A 1 37  ? -4.372  -2.341  -2.512  1.00 18.24 ? 36  VAL A C   1 
ATOM   290  O O   . VAL A 1 37  ? -3.255  -2.075  -2.977  1.00 19.21 ? 36  VAL A O   1 
ATOM   291  C CB  . VAL A 1 37  ? -4.260  -4.030  -0.633  1.00 17.61 ? 36  VAL A CB  1 
ATOM   292  C CG1 . VAL A 1 37  ? -2.767  -3.902  -0.554  1.00 18.39 ? 36  VAL A CG1 1 
ATOM   293  C CG2 . VAL A 1 37  ? -4.951  -3.145  0.391   1.00 20.19 ? 36  VAL A CG2 1 
ATOM   294  N N   . LEU A 1 38  ? -5.294  -1.436  -2.295  1.00 19.74 ? 37  LEU A N   1 
ATOM   295  C CA  . LEU A 1 38  ? -5.110  -0.013  -2.580  1.00 21.50 ? 37  LEU A CA  1 
ATOM   296  C C   . LEU A 1 38  ? -5.636  0.870   -1.448  1.00 19.92 ? 37  LEU A C   1 
ATOM   297  O O   . LEU A 1 38  ? -6.516  0.462   -0.714  1.00 18.47 ? 37  LEU A O   1 
ATOM   298  C CB  . LEU A 1 38  ? -5.988  0.364   -3.786  1.00 23.07 ? 37  LEU A CB  1 
ATOM   299  C CG  . LEU A 1 38  ? -5.597  -0.061  -5.172  1.00 26.48 ? 37  LEU A CG  1 
ATOM   300  C CD1 . LEU A 1 38  ? -6.851  -0.017  -6.030  1.00 30.13 ? 37  LEU A CD1 1 
ATOM   301  C CD2 . LEU A 1 38  ? -4.609  0.872   -5.790  1.00 28.91 ? 37  LEU A CD2 1 
ATOM   302  N N   . PRO A 1 39  ? -5.185  2.108   -1.369  1.00 19.32 ? 38  PRO A N   1 
ATOM   303  C CA  . PRO A 1 39  ? -5.824  3.051   -0.471  1.00 18.73 ? 38  PRO A CA  1 
ATOM   304  C C   . PRO A 1 39  ? -7.269  3.296   -0.862  1.00 20.26 ? 38  PRO A C   1 
ATOM   305  O O   . PRO A 1 39  ? -7.597  3.465   -2.054  1.00 20.07 ? 38  PRO A O   1 
ATOM   306  C CB  . PRO A 1 39  ? -5.041  4.337   -0.667  1.00 19.95 ? 38  PRO A CB  1 
ATOM   307  C CG  . PRO A 1 39  ? -3.807  3.950   -1.331  1.00 20.66 ? 38  PRO A CG  1 
ATOM   308  C CD  . PRO A 1 39  ? -4.071  2.711   -2.094  1.00 20.55 ? 38  PRO A CD  1 
ATOM   309  N N   . ARG A 1 40  ? -8.139  3.263   0.133   1.00 22.35 ? 39  ARG A N   1 
ATOM   310  C CA  . ARG A 1 40  ? -9.569  3.471   -0.084  1.00 22.34 ? 39  ARG A CA  1 
ATOM   311  C C   . ARG A 1 40  ? -9.840  4.720   -0.942  1.00 22.42 ? 39  ARG A C   1 
ATOM   312  O O   . ARG A 1 40  ? -10.704 4.663   -1.849  1.00 23.30 ? 39  ARG A O   1 
ATOM   313  C CB  . ARG A 1 40  ? -10.283 3.555   1.254   1.00 24.66 ? 39  ARG A CB  1 
ATOM   314  C CG  . ARG A 1 40  ? -11.798 3.554   1.105   1.00 28.56 ? 39  ARG A CG  1 
ATOM   315  C CD  . ARG A 1 40  ? -12.492 4.207   2.296   1.00 33.52 ? 39  ARG A CD  1 
ATOM   316  N NE  . ARG A 1 40  ? -11.794 5.438   2.693   1.00 39.18 ? 39  ARG A NE  1 
ATOM   317  C CZ  . ARG A 1 40  ? -11.980 6.640   2.143   1.00 42.59 ? 39  ARG A CZ  1 
ATOM   318  N NH1 . ARG A 1 40  ? -12.855 6.810   1.146   1.00 48.78 ? 39  ARG A NH1 1 
ATOM   319  N NH2 . ARG A 1 40  ? -11.284 7.678   2.584   1.00 41.82 ? 39  ARG A NH2 1 
ATOM   320  N N   . HIS A 1 41  ? -9.114  5.813   -0.745  1.00 22.27 ? 40  HIS A N   1 
ATOM   321  C CA  . HIS A 1 41  ? -9.476  7.062   -1.484  1.00 22.47 ? 40  HIS A CA  1 
ATOM   322  C C   . HIS A 1 41  ? -9.097  7.043   -2.941  1.00 24.70 ? 40  HIS A C   1 
ATOM   323  O O   . HIS A 1 41  ? -9.391  8.002   -3.696  1.00 24.99 ? 40  HIS A O   1 
ATOM   324  C CB  . HIS A 1 41  ? -8.946  8.332   -0.824  1.00 23.93 ? 40  HIS A CB  1 
ATOM   325  C CG  . HIS A 1 41  ? -7.459  8.472   -0.818  1.00 22.22 ? 40  HIS A CG  1 
ATOM   326  N ND1 . HIS A 1 41  ? -6.656  7.942   0.189   1.00 25.39 ? 40  HIS A ND1 1 
ATOM   327  C CD2 . HIS A 1 41  ? -6.630  9.112   -1.664  1.00 21.84 ? 40  HIS A CD2 1 
ATOM   328  C CE1 . HIS A 1 41  ? -5.395  8.220   -0.064  1.00 22.52 ? 40  HIS A CE1 1 
ATOM   329  N NE2 . HIS A 1 41  ? -5.353  8.969   -1.166  1.00 23.10 ? 40  HIS A NE2 1 
ATOM   330  N N   . SER A 1 42  ? -8.449  5.954   -3.375  1.00 24.40 ? 41  SER A N   1 
ATOM   331  C CA  . SER A 1 42  ? -8.276  5.720   -4.804  1.00 21.78 ? 41  SER A CA  1 
ATOM   332  C C   . SER A 1 42  ? -9.635  5.482   -5.488  1.00 25.83 ? 41  SER A C   1 
ATOM   333  O O   . SER A 1 42  ? -9.789  5.745   -6.664  1.00 23.35 ? 41  SER A O   1 
ATOM   334  C CB  . SER A 1 42  ? -7.272  4.586   -5.057  1.00 23.69 ? 41  SER A CB  1 
ATOM   335  O OG  . SER A 1 42  ? -7.804  3.314   -4.838  1.00 20.74 ? 41  SER A OG  1 
ATOM   336  N N   . GLN A 1 43  ? -10.607 4.961   -4.761  1.00 25.07 ? 42  GLN A N   1 
ATOM   337  C CA  . GLN A 1 43  ? -11.969 4.781   -5.280  1.00 26.76 ? 42  GLN A CA  1 
ATOM   338  C C   . GLN A 1 43  ? -12.040 4.009   -6.602  1.00 28.29 ? 42  GLN A C   1 
ATOM   339  O O   . GLN A 1 43  ? -12.619 4.480   -7.568  1.00 29.12 ? 42  GLN A O   1 
ATOM   340  C CB  . GLN A 1 43  ? -12.670 6.141   -5.421  1.00 28.10 ? 42  GLN A CB  1 
ATOM   341  C CG  . GLN A 1 43  ? -12.868 6.801   -4.058  1.00 32.62 ? 42  GLN A CG  1 
ATOM   342  C CD  . GLN A 1 43  ? -13.232 8.266   -4.140  1.00 37.23 ? 42  GLN A CD  1 
ATOM   343  O OE1 . GLN A 1 43  ? -14.122 8.664   -4.900  1.00 41.71 ? 42  GLN A OE1 1 
ATOM   344  N NE2 . GLN A 1 43  ? -12.545 9.086   -3.349  1.00 41.67 ? 42  GLN A NE2 1 
ATOM   345  N N   . PRO A 1 44  ? -11.433 2.809   -6.631  1.00 28.10 ? 43  PRO A N   1 
ATOM   346  C CA  . PRO A 1 44  ? -11.446 1.985   -7.823  1.00 30.10 ? 43  PRO A CA  1 
ATOM   347  C C   . PRO A 1 44  ? -12.878 1.667   -8.250  1.00 29.76 ? 43  PRO A C   1 
ATOM   348  O O   . PRO A 1 44  ? -13.724 1.384   -7.411  1.00 27.30 ? 43  PRO A O   1 
ATOM   349  C CB  . PRO A 1 44  ? -10.755 0.720   -7.378  1.00 28.52 ? 43  PRO A CB  1 
ATOM   350  C CG  . PRO A 1 44  ? -11.013 0.637   -5.943  1.00 31.79 ? 43  PRO A CG  1 
ATOM   351  C CD  . PRO A 1 44  ? -11.045 2.047   -5.440  1.00 30.14 ? 43  PRO A CD  1 
ATOM   352  N N   . GLY A 1 45  ? -13.142 1.710   -9.550  1.00 33.39 ? 44  GLY A N   1 
ATOM   353  C CA  . GLY A 1 45  ? -14.496 1.422   -10.066 1.00 30.94 ? 44  GLY A CA  1 
ATOM   354  C C   . GLY A 1 45  ? -14.642 0.005   -10.523 1.00 28.98 ? 44  GLY A C   1 
ATOM   355  O O   . GLY A 1 45  ? -14.147 -0.918  -9.854  1.00 25.68 ? 44  GLY A O   1 
ATOM   356  N N   . LYS A 1 46  ? -15.308 -0.208  -11.660 1.00 29.13 ? 45  LYS A N   1 
ATOM   357  C CA  . LYS A 1 46  ? -15.521 -1.587  -12.139 1.00 30.27 ? 45  LYS A CA  1 
ATOM   358  C C   . LYS A 1 46  ? -14.291 -2.065  -12.862 1.00 23.54 ? 45  LYS A C   1 
ATOM   359  O O   . LYS A 1 46  ? -14.107 -3.237  -13.097 1.00 23.52 ? 45  LYS A O   1 
ATOM   360  C CB  . LYS A 1 46  ? -16.715 -1.695  -13.075 1.00 36.74 ? 45  LYS A CB  1 
ATOM   361  C CG  . LYS A 1 46  ? -18.058 -1.286  -12.458 1.00 44.42 ? 45  LYS A CG  1 
ATOM   362  C CD  . LYS A 1 46  ? -18.269 -1.885  -11.083 1.00 50.91 ? 45  LYS A CD  1 
ATOM   363  C CE  . LYS A 1 46  ? -19.765 -1.923  -10.741 1.00 54.79 ? 45  LYS A CE  1 
ATOM   364  N NZ  . LYS A 1 46  ? -19.990 -1.982  -9.276  1.00 56.97 ? 45  LYS A NZ  1 
ATOM   365  N N   . THR A 1 47  ? -13.468 -1.126  -13.269 1.00 24.26 ? 46  THR A N   1 
ATOM   366  C CA  . THR A 1 47  ? -12.254 -1.423  -14.021 1.00 21.63 ? 46  THR A CA  1 
ATOM   367  C C   . THR A 1 47  ? -11.194 -0.517  -13.520 1.00 19.09 ? 46  THR A C   1 
ATOM   368  O O   . THR A 1 47  ? -11.485 0.496   -12.952 1.00 19.37 ? 46  THR A O   1 
ATOM   369  C CB  . THR A 1 47  ? -12.410 -1.181  -15.536 1.00 25.26 ? 46  THR A CB  1 
ATOM   370  O OG1 . THR A 1 47  ? -12.621 0.212   -15.797 1.00 23.68 ? 46  THR A OG1 1 
ATOM   371  C CG2 . THR A 1 47  ? -13.551 -1.992  -16.079 1.00 24.87 ? 46  THR A CG2 1 
ATOM   372  N N   . ILE A 1 48  ? -9.952  -0.982  -13.596 1.00 18.99 ? 47  ILE A N   1 
ATOM   373  C CA  . ILE A 1 48  ? -8.817  -0.172  -13.221 1.00 18.38 ? 47  ILE A CA  1 
ATOM   374  C C   . ILE A 1 48  ? -7.716  -0.364  -14.240 1.00 16.37 ? 47  ILE A C   1 
ATOM   375  O O   . ILE A 1 48  ? -7.556  -1.435  -14.836 1.00 18.37 ? 47  ILE A O   1 
ATOM   376  C CB  . ILE A 1 48  ? -8.351  -0.554  -11.801 1.00 19.04 ? 47  ILE A CB  1 
ATOM   377  C CG1 . ILE A 1 48  ? -7.177  0.292   -11.325 1.00 19.43 ? 47  ILE A CG1 1 
ATOM   378  C CG2 . ILE A 1 48  ? -7.937  -2.004  -11.757 1.00 19.33 ? 47  ILE A CG2 1 
ATOM   379  C CD1 . ILE A 1 48  ? -6.901  0.185   -9.859  1.00 19.58 ? 47  ILE A CD1 1 
ATOM   380  N N   . TRP A 1 49  ? -6.981  0.687   -14.509 1.00 17.45 ? 48  TRP A N   1 
ATOM   381  C CA  . TRP A 1 49  ? -5.895  0.639   -15.462 1.00 20.13 ? 48  TRP A CA  1 
ATOM   382  C C   . TRP A 1 49  ? -4.663  0.155   -14.706 1.00 20.30 ? 48  TRP A C   1 
ATOM   383  O O   . TRP A 1 49  ? -4.241  0.793   -13.763 1.00 21.35 ? 48  TRP A O   1 
ATOM   384  C CB  . TRP A 1 49  ? -5.607  2.029   -16.020 1.00 20.01 ? 48  TRP A CB  1 
ATOM   385  C CG  . TRP A 1 49  ? -4.442  2.081   -16.990 1.00 21.64 ? 48  TRP A CG  1 
ATOM   386  C CD1 . TRP A 1 49  ? -3.174  2.511   -16.719 1.00 23.09 ? 48  TRP A CD1 1 
ATOM   387  C CD2 . TRP A 1 49  ? -4.443  1.694   -18.369 1.00 23.82 ? 48  TRP A CD2 1 
ATOM   388  N NE1 . TRP A 1 49  ? -2.378  2.417   -17.856 1.00 24.71 ? 48  TRP A NE1 1 
ATOM   389  C CE2 . TRP A 1 49  ? -3.124  1.885   -18.868 1.00 25.20 ? 48  TRP A CE2 1 
ATOM   390  C CE3 . TRP A 1 49  ? -5.406  1.161   -19.222 1.00 25.39 ? 48  TRP A CE3 1 
ATOM   391  C CZ2 . TRP A 1 49  ? -2.758  1.595   -20.194 1.00 26.84 ? 48  TRP A CZ2 1 
ATOM   392  C CZ3 . TRP A 1 49  ? -5.031  0.876   -20.573 1.00 25.53 ? 48  TRP A CZ3 1 
ATOM   393  C CH2 . TRP A 1 49  ? -3.721  1.101   -21.027 1.00 24.94 ? 48  TRP A CH2 1 
ATOM   394  N N   . ILE A 1 50  ? -4.109  -0.954  -15.108 1.00 18.87 ? 49  ILE A N   1 
ATOM   395  C CA  . ILE A 1 50  ? -2.891  -1.478  -14.492 1.00 20.83 ? 49  ILE A CA  1 
ATOM   396  C C   . ILE A 1 50  ? -1.774  -1.609  -15.532 1.00 21.63 ? 49  ILE A C   1 
ATOM   397  O O   . ILE A 1 50  ? -1.847  -2.415  -16.462 1.00 23.75 ? 49  ILE A O   1 
ATOM   398  C CB  . ILE A 1 50  ? -3.098  -2.845  -13.819 1.00 19.64 ? 49  ILE A CB  1 
ATOM   399  C CG1 . ILE A 1 50  ? -4.208  -2.747  -12.786 1.00 21.17 ? 49  ILE A CG1 1 
ATOM   400  C CG2 . ILE A 1 50  ? -1.813  -3.330  -13.182 1.00 20.40 ? 49  ILE A CG2 1 
ATOM   401  C CD1 . ILE A 1 50  ? -4.723  -4.083  -12.333 1.00 20.44 ? 49  ILE A CD1 1 
ATOM   402  N N   . GLU A 1 51  ? -0.769  -0.750  -15.358 1.00 23.60 ? 50  GLU A N   1 
ATOM   403  C CA  . GLU A 1 51  ? 0.459   -0.660  -16.174 1.00 26.61 ? 50  GLU A CA  1 
ATOM   404  C C   . GLU A 1 51  ? 0.182   -0.314  -17.617 1.00 28.03 ? 50  GLU A C   1 
ATOM   405  O O   . GLU A 1 51  ? 0.467   0.786   -18.052 1.00 30.46 ? 50  GLU A O   1 
ATOM   406  C CB  . GLU A 1 51  ? 1.287   -1.966  -16.107 1.00 28.43 ? 50  GLU A CB  1 
ATOM   407  C CG  . GLU A 1 51  ? 1.751   -2.340  -14.711 1.00 32.80 ? 50  GLU A CG  1 
ATOM   408  C CD  . GLU A 1 51  ? 2.986   -1.570  -14.248 1.00 34.91 ? 50  GLU A CD  1 
ATOM   409  O OE1 . GLU A 1 51  ? 3.581   -0.836  -15.092 1.00 34.89 ? 50  GLU A OE1 1 
ATOM   410  O OE2 . GLU A 1 51  ? 3.373   -1.734  -13.041 1.00 27.31 ? 50  GLU A OE2 1 
ATOM   411  N N   . HIS A 1 52  ? -0.306  -1.298  -18.371 1.00 30.58 ? 51  HIS A N   1 
ATOM   412  C CA  . HIS A 1 52  ? -0.551  -1.086  -19.806 1.00 34.13 ? 51  HIS A CA  1 
ATOM   413  C C   . HIS A 1 52  ? -1.940  -1.504  -20.280 1.00 31.50 ? 51  HIS A C   1 
ATOM   414  O O   . HIS A 1 52  ? -2.226  -1.469  -21.456 1.00 29.12 ? 51  HIS A O   1 
ATOM   415  C CB  . HIS A 1 52  ? 0.516   -1.813  -20.623 1.00 42.11 ? 51  HIS A CB  1 
ATOM   416  C CG  . HIS A 1 52  ? 1.858   -1.157  -20.555 1.00 56.40 ? 51  HIS A CG  1 
ATOM   417  N ND1 . HIS A 1 52  ? 2.752   -1.391  -19.530 1.00 63.99 ? 51  HIS A ND1 1 
ATOM   418  C CD2 . HIS A 1 52  ? 2.458   -0.262  -21.377 1.00 67.77 ? 51  HIS A CD2 1 
ATOM   419  C CE1 . HIS A 1 52  ? 3.842   -0.666  -19.715 1.00 66.52 ? 51  HIS A CE1 1 
ATOM   420  N NE2 . HIS A 1 52  ? 3.690   0.026   -20.831 1.00 73.55 ? 51  HIS A NE2 1 
ATOM   421  N N   . LYS A 1 53  ? -2.820  -1.900  -19.375 1.00 28.21 ? 52  LYS A N   1 
ATOM   422  C CA  . LYS A 1 53  ? -4.121  -2.348  -19.818 1.00 30.07 ? 52  LYS A CA  1 
ATOM   423  C C   . LYS A 1 53  ? -5.206  -2.223  -18.783 1.00 27.61 ? 52  LYS A C   1 
ATOM   424  O O   . LYS A 1 53  ? -4.934  -2.134  -17.597 1.00 24.21 ? 52  LYS A O   1 
ATOM   425  C CB  . LYS A 1 53  ? -4.039  -3.790  -20.329 1.00 33.57 ? 52  LYS A CB  1 
ATOM   426  C CG  . LYS A 1 53  ? -4.129  -4.870  -19.291 1.00 35.98 ? 52  LYS A CG  1 
ATOM   427  C CD  . LYS A 1 53  ? -4.449  -6.178  -19.997 1.00 42.47 ? 52  LYS A CD  1 
ATOM   428  C CE  . LYS A 1 53  ? -4.216  -7.384  -19.113 1.00 47.95 ? 52  LYS A CE  1 
ATOM   429  N NZ  . LYS A 1 53  ? -3.363  -8.384  -19.840 1.00 52.80 ? 52  LYS A NZ  1 
ATOM   430  N N   . LEU A 1 54  ? -6.452  -2.207  -19.260 1.00 24.50 ? 53  LEU A N   1 
ATOM   431  C CA  . LEU A 1 54  ? -7.594  -2.008  -18.400 1.00 23.83 ? 53  LEU A CA  1 
ATOM   432  C C   . LEU A 1 54  ? -8.010  -3.349  -17.826 1.00 22.39 ? 53  LEU A C   1 
ATOM   433  O O   . LEU A 1 54  ? -8.130  -4.336  -18.535 1.00 22.34 ? 53  LEU A O   1 
ATOM   434  C CB  . LEU A 1 54  ? -8.727  -1.393  -19.152 1.00 26.45 ? 53  LEU A CB  1 
ATOM   435  C CG  . LEU A 1 54  ? -9.821  -0.727  -18.337 1.00 28.18 ? 53  LEU A CG  1 
ATOM   436  C CD1 . LEU A 1 54  ? -9.347  0.486   -17.514 1.00 28.80 ? 53  LEU A CD1 1 
ATOM   437  C CD2 . LEU A 1 54  ? -10.902 -0.322  -19.341 1.00 32.32 ? 53  LEU A CD2 1 
ATOM   438  N N   . VAL A 1 55  ? -8.119  -3.415  -16.515 1.00 21.16 ? 54  VAL A N   1 
ATOM   439  C CA  . VAL A 1 55  ? -8.370  -4.724  -15.897 1.00 21.40 ? 54  VAL A CA  1 
ATOM   440  C C   . VAL A 1 55  ? -9.716  -4.650  -15.170 1.00 20.98 ? 54  VAL A C   1 
ATOM   441  O O   . VAL A 1 55  ? -10.002 -3.673  -14.517 1.00 24.29 ? 54  VAL A O   1 
ATOM   442  C CB  . VAL A 1 55  ? -7.195  -5.170  -14.999 1.00 21.23 ? 54  VAL A CB  1 
ATOM   443  C CG1 . VAL A 1 55  ? -7.508  -6.535  -14.410 1.00 22.36 ? 54  VAL A CG1 1 
ATOM   444  C CG2 . VAL A 1 55  ? -5.901  -5.209  -15.831 1.00 23.68 ? 54  VAL A CG2 1 
ATOM   445  N N   . ASN A 1 56  ? -10.528 -5.681  -15.300 1.00 21.88 ? 55  ASN A N   1 
ATOM   446  C CA  . ASN A 1 56  ? -11.844 -5.707  -14.629 1.00 23.69 ? 55  ASN A CA  1 
ATOM   447  C C   . ASN A 1 56  ? -11.705 -6.062  -13.137 1.00 20.67 ? 55  ASN A C   1 
ATOM   448  O O   . ASN A 1 56  ? -10.981 -6.958  -12.780 1.00 18.97 ? 55  ASN A O   1 
ATOM   449  C CB  . ASN A 1 56  ? -12.746 -6.727  -15.326 1.00 27.88 ? 55  ASN A CB  1 
ATOM   450  C CG  . ASN A 1 56  ? -14.128 -6.914  -14.649 1.00 34.59 ? 55  ASN A CG  1 
ATOM   451  O OD1 . ASN A 1 56  ? -14.504 -6.236  -13.682 1.00 47.11 ? 55  ASN A OD1 1 
ATOM   452  N ND2 . ASN A 1 56  ? -14.892 -7.870  -15.173 1.00 43.59 ? 55  ASN A ND2 1 
ATOM   453  N N   . ILE A 1 57  ? -12.398 -5.338  -12.283 1.00 18.74 ? 56  ILE A N   1 
ATOM   454  C CA  . ILE A 1 57  ? -12.403 -5.633  -10.879 1.00 20.02 ? 56  ILE A CA  1 
ATOM   455  C C   . ILE A 1 57  ? -13.642 -6.491  -10.595 1.00 22.24 ? 56  ILE A C   1 
ATOM   456  O O   . ILE A 1 57  ? -14.795 -6.057  -10.829 1.00 22.84 ? 56  ILE A O   1 
ATOM   457  C CB  . ILE A 1 57  ? -12.389 -4.344  -10.036 1.00 20.34 ? 56  ILE A CB  1 
ATOM   458  C CG1 . ILE A 1 57  ? -11.021 -3.708  -10.129 1.00 18.47 ? 56  ILE A CG1 1 
ATOM   459  C CG2 . ILE A 1 57  ? -12.709 -4.602  -8.550  1.00 20.15 ? 56  ILE A CG2 1 
ATOM   460  C CD1 . ILE A 1 57  ? -11.045 -2.269  -9.715  1.00 19.35 ? 56  ILE A CD1 1 
ATOM   461  N N   . LEU A 1 58  ? -13.407 -7.717  -10.136 1.00 20.66 ? 57  LEU A N   1 
ATOM   462  C CA  . LEU A 1 58  ? -14.502 -8.606  -9.770  1.00 25.26 ? 57  LEU A CA  1 
ATOM   463  C C   . LEU A 1 58  ? -15.144 -8.274  -8.415  1.00 29.21 ? 57  LEU A C   1 
ATOM   464  O O   . LEU A 1 58  ? -16.325 -8.427  -8.252  1.00 33.39 ? 57  LEU A O   1 
ATOM   465  C CB  . LEU A 1 58  ? -13.985 -10.051 -9.742  1.00 26.03 ? 57  LEU A CB  1 
ATOM   466  C CG  . LEU A 1 58  ? -13.453 -10.538 -11.048 1.00 24.99 ? 57  LEU A CG  1 
ATOM   467  C CD1 . LEU A 1 58  ? -12.890 -11.927 -10.872 1.00 25.01 ? 57  LEU A CD1 1 
ATOM   468  C CD2 . LEU A 1 58  ? -14.602 -10.500 -12.026 1.00 27.56 ? 57  LEU A CD2 1 
ATOM   469  N N   . ASP A 1 59  ? -14.370 -7.830  -7.436  1.00 31.85 ? 58  ASP A N   1 
ATOM   470  C CA  . ASP A 1 59  ? -14.899 -7.463  -6.119  1.00 32.09 ? 58  ASP A CA  1 
ATOM   471  C C   . ASP A 1 59  ? -14.002 -6.444  -5.422  1.00 29.97 ? 58  ASP A C   1 
ATOM   472  O O   . ASP A 1 59  ? -12.777 -6.446  -5.578  1.00 25.70 ? 58  ASP A O   1 
ATOM   473  C CB  . ASP A 1 59  ? -14.984 -8.713  -5.242  1.00 40.71 ? 58  ASP A CB  1 
ATOM   474  C CG  . ASP A 1 59  ? -13.714 -8.968  -4.451  1.00 52.76 ? 58  ASP A CG  1 
ATOM   475  O OD1 . ASP A 1 59  ? -13.456 -8.244  -3.450  1.00 61.54 ? 58  ASP A OD1 1 
ATOM   476  O OD2 . ASP A 1 59  ? -12.970 -9.907  -4.819  1.00 59.03 ? 58  ASP A OD2 1 
ATOM   477  N N   . ALA A 1 60  ? -14.605 -5.580  -4.636  1.00 26.64 ? 59  ALA A N   1 
ATOM   478  C CA  . ALA A 1 60  ? -13.887 -4.614  -3.833  1.00 28.31 ? 59  ALA A CA  1 
ATOM   479  C C   . ALA A 1 60  ? -14.441 -4.642  -2.404  1.00 34.55 ? 59  ALA A C   1 
ATOM   480  O O   . ALA A 1 60  ? -15.652 -4.633  -2.197  1.00 35.92 ? 59  ALA A O   1 
ATOM   481  C CB  . ALA A 1 60  ? -14.000 -3.227  -4.408  1.00 27.68 ? 59  ALA A CB  1 
ATOM   482  N N   . VAL A 1 61  ? -13.554 -4.679  -1.432  1.00 29.55 ? 60  VAL A N   1 
ATOM   483  C CA  . VAL A 1 61  ? -13.948 -4.698  -0.053  1.00 29.90 ? 60  VAL A CA  1 
ATOM   484  C C   . VAL A 1 61  ? -13.211 -3.570  0.665   1.00 29.64 ? 60  VAL A C   1 
ATOM   485  O O   . VAL A 1 61  ? -11.959 -3.619  0.816   1.00 24.46 ? 60  VAL A O   1 
ATOM   486  C CB  . VAL A 1 61  ? -13.568 -6.033  0.577   1.00 31.05 ? 60  VAL A CB  1 
ATOM   487  C CG1 . VAL A 1 61  ? -13.634 -5.959  2.097   1.00 33.73 ? 60  VAL A CG1 1 
ATOM   488  C CG2 . VAL A 1 61  ? -14.444 -7.159  0.025   1.00 33.63 ? 60  VAL A CG2 1 
ATOM   489  N N   . GLU A 1 62  ? -13.963 -2.568  1.127   1.00 24.35 ? 61  GLU A N   1 
ATOM   490  C CA  . GLU A 1 62  ? -13.393 -1.474  1.909   1.00 29.05 ? 61  GLU A CA  1 
ATOM   491  C C   . GLU A 1 62  ? -13.253 -1.889  3.397   1.00 29.97 ? 61  GLU A C   1 
ATOM   492  O O   . GLU A 1 62  ? -14.250 -2.165  4.086   1.00 32.76 ? 61  GLU A O   1 
ATOM   493  C CB  . GLU A 1 62  ? -14.231 -0.178  1.732   1.00 35.95 ? 61  GLU A CB  1 
ATOM   494  C CG  . GLU A 1 62  ? -14.266 0.277   0.256   1.00 38.85 ? 61  GLU A CG  1 
ATOM   495  C CD  . GLU A 1 62  ? -15.090 1.540   -0.050  1.00 45.98 ? 61  GLU A CD  1 
ATOM   496  O OE1 . GLU A 1 62  ? -15.715 2.153   0.855   1.00 48.74 ? 61  GLU A OE1 1 
ATOM   497  O OE2 . GLU A 1 62  ? -15.125 1.902   -1.245  1.00 46.96 ? 61  GLU A OE2 1 
ATOM   498  N N   . LEU A 1 63  ? -12.034 -1.956  3.898   1.00 26.12 ? 62  LEU A N   1 
ATOM   499  C CA  . LEU A 1 63  ? -11.803 -2.515  5.260   1.00 27.72 ? 62  LEU A CA  1 
ATOM   500  C C   . LEU A 1 63  ? -12.156 -1.531  6.392   1.00 26.47 ? 62  LEU A C   1 
ATOM   501  O O   . LEU A 1 63  ? -11.717 -0.415  6.401   1.00 25.41 ? 62  LEU A O   1 
ATOM   502  C CB  . LEU A 1 63  ? -10.340 -2.916  5.460   1.00 26.88 ? 62  LEU A CB  1 
ATOM   503  C CG  . LEU A 1 63  ? -9.868  -4.116  4.662   1.00 30.88 ? 62  LEU A CG  1 
ATOM   504  C CD1 . LEU A 1 63  ? -8.364  -4.327  4.790   1.00 32.35 ? 62  LEU A CD1 1 
ATOM   505  C CD2 . LEU A 1 63  ? -10.611 -5.349  5.147   1.00 34.56 ? 62  LEU A CD2 1 
ATOM   506  N N   . VAL A 1 64  ? -12.922 -1.998  7.372   1.00 26.82 ? 63  VAL A N   1 
ATOM   507  C CA  . VAL A 1 64  ? -13.204 -1.211  8.569   1.00 28.53 ? 63  VAL A CA  1 
ATOM   508  C C   . VAL A 1 64  ? -12.883 -2.040  9.808   1.00 27.37 ? 63  VAL A C   1 
ATOM   509  O O   . VAL A 1 64  ? -12.891 -3.286  9.751   1.00 28.68 ? 63  VAL A O   1 
ATOM   510  C CB  . VAL A 1 64  ? -14.696 -0.805  8.615   1.00 31.87 ? 63  VAL A CB  1 
ATOM   511  C CG1 . VAL A 1 64  ? -15.074 -0.061  7.341   1.00 34.42 ? 63  VAL A CG1 1 
ATOM   512  C CG2 . VAL A 1 64  ? -15.588 -2.039  8.820   1.00 32.91 ? 63  VAL A CG2 1 
ATOM   513  N N   . ASP A 1 65  ? -12.610 -1.377  10.917  1.00 28.53 ? 64  ASP A N   1 
ATOM   514  C CA  . ASP A 1 65  ? -12.397 -2.119  12.176  1.00 33.09 ? 64  ASP A CA  1 
ATOM   515  C C   . ASP A 1 65  ? -13.731 -2.434  12.878  1.00 33.03 ? 64  ASP A C   1 
ATOM   516  O O   . ASP A 1 65  ? -14.811 -2.139  12.348  1.00 33.39 ? 64  ASP A O   1 
ATOM   517  C CB  . ASP A 1 65  ? -11.418 -1.398  13.114  1.00 35.62 ? 64  ASP A CB  1 
ATOM   518  C CG  . ASP A 1 65  ? -12.019 -0.172  13.787  1.00 38.28 ? 64  ASP A CG  1 
ATOM   519  O OD1 . ASP A 1 65  ? -13.197 0.139   13.523  1.00 39.24 ? 64  ASP A OD1 1 
ATOM   520  O OD2 . ASP A 1 65  ? -11.299 0.462   14.593  1.00 45.11 ? 64  ASP A OD2 1 
ATOM   521  N N   . GLU A 1 66  ? -13.642 -3.028  14.063  1.00 34.97 ? 65  GLU A N   1 
ATOM   522  C CA  . GLU A 1 66  ? -14.836 -3.461  14.798  1.00 37.39 ? 65  GLU A CA  1 
ATOM   523  C C   . GLU A 1 66  ? -15.708 -2.274  15.178  1.00 35.69 ? 65  GLU A C   1 
ATOM   524  O O   . GLU A 1 66  ? -16.907 -2.375  15.238  1.00 37.12 ? 65  GLU A O   1 
ATOM   525  C CB  . GLU A 1 66  ? -14.437 -4.242  16.058  1.00 41.53 ? 65  GLU A CB  1 
ATOM   526  C CG  . GLU A 1 66  ? -13.415 -5.339  15.797  1.00 48.01 ? 65  GLU A CG  1 
ATOM   527  C CD  . GLU A 1 66  ? -12.074 -4.783  15.304  1.00 57.16 ? 65  GLU A CD  1 
ATOM   528  O OE1 . GLU A 1 66  ? -11.615 -5.213  14.201  1.00 56.51 ? 65  GLU A OE1 1 
ATOM   529  O OE2 . GLU A 1 66  ? -11.500 -3.892  16.008  1.00 58.64 ? 65  GLU A OE2 1 
ATOM   530  N N   . GLN A 1 67  ? -15.094 -1.148  15.484  1.00 38.54 ? 66  GLN A N   1 
ATOM   531  C CA  . GLN A 1 67  ? -15.817 0.054   15.870  1.00 40.29 ? 66  GLN A CA  1 
ATOM   532  C C   . GLN A 1 67  ? -16.497 0.711   14.659  1.00 40.07 ? 66  GLN A C   1 
ATOM   533  O O   . GLN A 1 67  ? -17.122 1.734   14.791  1.00 41.15 ? 66  GLN A O   1 
ATOM   534  C CB  . GLN A 1 67  ? -14.842 1.044   16.509  1.00 46.30 ? 66  GLN A CB  1 
ATOM   535  C CG  . GLN A 1 67  ? -14.169 0.498   17.755  1.00 51.24 ? 66  GLN A CG  1 
ATOM   536  C CD  . GLN A 1 67  ? -12.970 1.321   18.197  1.00 59.17 ? 66  GLN A CD  1 
ATOM   537  O OE1 . GLN A 1 67  ? -13.018 2.584   18.274  1.00 54.18 ? 66  GLN A OE1 1 
ATOM   538  N NE2 . GLN A 1 67  ? -11.867 0.605   18.509  1.00 53.82 ? 66  GLN A NE2 1 
ATOM   539  N N   . GLY A 1 68  ? -16.315 0.138   13.474  1.00 41.09 ? 67  GLY A N   1 
ATOM   540  C CA  . GLY A 1 68  ? -16.852 0.690   12.233  1.00 39.04 ? 67  GLY A CA  1 
ATOM   541  C C   . GLY A 1 68  ? -16.008 1.774   11.591  1.00 35.61 ? 67  GLY A C   1 
ATOM   542  O O   . GLY A 1 68  ? -16.443 2.457   10.612  1.00 32.63 ? 67  GLY A O   1 
ATOM   543  N N   . VAL A 1 69  ? -14.801 1.950   12.114  1.00 29.77 ? 68  VAL A N   1 
ATOM   544  C CA  . VAL A 1 69  ? -13.978 3.020   11.687  1.00 29.47 ? 68  VAL A CA  1 
ATOM   545  C C   . VAL A 1 69  ? -13.180 2.560   10.430  1.00 32.55 ? 68  VAL A C   1 
ATOM   546  O O   . VAL A 1 69  ? -12.784 1.406   10.308  1.00 26.24 ? 68  VAL A O   1 
ATOM   547  C CB  . VAL A 1 69  ? -13.056 3.513   12.799  1.00 31.86 ? 68  VAL A CB  1 
ATOM   548  C CG1 . VAL A 1 69  ? -12.204 4.685   12.289  1.00 31.37 ? 68  VAL A CG1 1 
ATOM   549  C CG2 . VAL A 1 69  ? -13.867 3.966   14.013  1.00 33.60 ? 68  VAL A CG2 1 
ATOM   550  N N   . ASN A 1 70  ? -13.048 3.491   9.500   1.00 30.85 ? 69  ASN A N   1 
ATOM   551  C CA  . ASN A 1 70  ? -12.245 3.342   8.290   1.00 30.33 ? 69  ASN A CA  1 
ATOM   552  C C   . ASN A 1 70  ? -10.820 2.843   8.514   1.00 26.21 ? 69  ASN A C   1 
ATOM   553  O O   . ASN A 1 70  ? -10.090 3.401   9.320   1.00 26.74 ? 69  ASN A O   1 
ATOM   554  C CB  . ASN A 1 70  ? -12.154 4.712   7.677   1.00 33.91 ? 69  ASN A CB  1 
ATOM   555  C CG  . ASN A 1 70  ? -11.350 4.727   6.426   1.00 33.95 ? 69  ASN A CG  1 
ATOM   556  O OD1 . ASN A 1 70  ? -11.529 3.878   5.567   1.00 36.64 ? 69  ASN A OD1 1 
ATOM   557  N ND2 . ASN A 1 70  ? -10.435 5.665   6.324   1.00 33.32 ? 69  ASN A ND2 1 
ATOM   558  N N   . LEU A 1 71  ? -10.384 1.791   7.803   1.00 26.61 ? 70  LEU A N   1 
ATOM   559  C CA  . LEU A 1 71  ? -8.963  1.478   7.842   1.00 23.20 ? 70  LEU A CA  1 
ATOM   560  C C   . LEU A 1 71  ? -8.197  2.064   6.642   1.00 22.69 ? 70  LEU A C   1 
ATOM   561  O O   . LEU A 1 71  ? -6.959  1.989   6.589   1.00 22.17 ? 70  LEU A O   1 
ATOM   562  C CB  . LEU A 1 71  ? -8.772  -0.035  7.898   1.00 27.48 ? 70  LEU A CB  1 
ATOM   563  C CG  . LEU A 1 71  ? -9.397  -0.680  9.146   1.00 30.29 ? 70  LEU A CG  1 
ATOM   564  C CD1 . LEU A 1 71  ? -9.056  -2.178  9.216   1.00 29.84 ? 70  LEU A CD1 1 
ATOM   565  C CD2 . LEU A 1 71  ? -8.887  0.021   10.386  1.00 32.91 ? 70  LEU A CD2 1 
ATOM   566  N N   . GLU A 1 72  ? -8.924  2.614   5.685   1.00 23.65 ? 71  GLU A N   1 
ATOM   567  C CA  . GLU A 1 72  ? -8.341  3.277   4.505   1.00 23.80 ? 71  GLU A CA  1 
ATOM   568  C C   . GLU A 1 72  ? -7.705  2.304   3.524   1.00 22.12 ? 71  GLU A C   1 
ATOM   569  O O   . GLU A 1 72  ? -6.929  2.691   2.648   1.00 22.79 ? 71  GLU A O   1 
ATOM   570  C CB  . GLU A 1 72  ? -7.361  4.351   4.912   1.00 26.04 ? 71  GLU A CB  1 
ATOM   571  C CG  . GLU A 1 72  ? -6.965  5.276   3.771   1.00 29.06 ? 71  GLU A CG  1 
ATOM   572  C CD  . GLU A 1 72  ? -8.153  5.958   3.139   1.00 34.94 ? 71  GLU A CD  1 
ATOM   573  O OE1 . GLU A 1 72  ? -9.136  6.262   3.869   1.00 33.95 ? 71  GLU A OE1 1 
ATOM   574  O OE2 . GLU A 1 72  ? -8.092  6.223   1.905   1.00 36.52 ? 71  GLU A OE2 1 
ATOM   575  N N   . LEU A 1 73  ? -8.120  1.053   3.578   1.00 23.11 ? 72  LEU A N   1 
ATOM   576  C CA  . LEU A 1 73  ? -7.651  0.039   2.586   1.00 22.51 ? 72  LEU A CA  1 
ATOM   577  C C   . LEU A 1 73  ? -8.820  -0.541  1.923   1.00 21.97 ? 72  LEU A C   1 
ATOM   578  O O   . LEU A 1 73  ? -9.832  -0.767  2.535   1.00 21.92 ? 72  LEU A O   1 
ATOM   579  C CB  . LEU A 1 73  ? -6.843  -1.042  3.267   1.00 24.10 ? 72  LEU A CB  1 
ATOM   580  C CG  . LEU A 1 73  ? -5.627  -0.540  3.990   1.00 23.08 ? 72  LEU A CG  1 
ATOM   581  C CD1 . LEU A 1 73  ? -5.090  -1.619  4.906   1.00 27.42 ? 72  LEU A CD1 1 
ATOM   582  C CD2 . LEU A 1 73  ? -4.582  -0.059  3.040   1.00 26.96 ? 72  LEU A CD2 1 
ATOM   583  N N   . THR A 1 74  ? -8.686  -0.787  0.629   1.00 19.18 ? 73  THR A N   1 
ATOM   584  C CA  . THR A 1 74  ? -9.659  -1.519  -0.142  1.00 19.53 ? 73  THR A CA  1 
ATOM   585  C C   . THR A 1 74  ? -8.984  -2.721  -0.774  1.00 18.99 ? 73  THR A C   1 
ATOM   586  O O   . THR A 1 74  ? -7.923  -2.609  -1.385  1.00 17.36 ? 73  THR A O   1 
ATOM   587  C CB  . THR A 1 74  ? -10.258 -0.667  -1.269  1.00 21.88 ? 73  THR A CB  1 
ATOM   588  O OG1 . THR A 1 74  ? -11.021 0.385   -0.698  1.00 25.06 ? 73  THR A OG1 1 
ATOM   589  C CG2 . THR A 1 74  ? -11.157 -1.478  -2.145  1.00 22.66 ? 73  THR A CG2 1 
ATOM   590  N N   . LEU A 1 75  ? -9.591  -3.863  -0.604  1.00 19.61 ? 74  LEU A N   1 
ATOM   591  C CA  . LEU A 1 75  ? -9.090  -5.103  -1.137  1.00 21.80 ? 74  LEU A CA  1 
ATOM   592  C C   . LEU A 1 75  ? -9.833  -5.297  -2.427  1.00 20.81 ? 74  LEU A C   1 
ATOM   593  O O   . LEU A 1 75  ? -11.058 -5.322  -2.418  1.00 21.10 ? 74  LEU A O   1 
ATOM   594  C CB  . LEU A 1 75  ? -9.372  -6.269  -0.193  1.00 22.83 ? 74  LEU A CB  1 
ATOM   595  C CG  . LEU A 1 75  ? -8.287  -6.654  0.802   1.00 27.49 ? 74  LEU A CG  1 
ATOM   596  C CD1 . LEU A 1 75  ? -7.593  -5.483  1.442   1.00 30.68 ? 74  LEU A CD1 1 
ATOM   597  C CD2 . LEU A 1 75  ? -8.915  -7.514  1.862   1.00 28.41 ? 74  LEU A CD2 1 
ATOM   598  N N   . ILE A 1 76  ? -9.122  -5.391  -3.537  1.00 20.32 ? 75  ILE A N   1 
ATOM   599  C CA  . ILE A 1 76  ? -9.732  -5.724  -4.782  1.00 18.88 ? 75  ILE A CA  1 
ATOM   600  C C   . ILE A 1 76  ? -9.359  -7.061  -5.351  1.00 18.26 ? 75  ILE A C   1 
ATOM   601  O O   . ILE A 1 76  ? -8.230  -7.479  -5.318  1.00 19.00 ? 75  ILE A O   1 
ATOM   602  C CB  . ILE A 1 76  ? -9.548  -4.624  -5.857  1.00 20.15 ? 75  ILE A CB  1 
ATOM   603  C CG1 . ILE A 1 76  ? -8.116  -4.541  -6.322  1.00 20.87 ? 75  ILE A CG1 1 
ATOM   604  C CG2 . ILE A 1 76  ? -10.068 -3.273  -5.350  1.00 20.79 ? 75  ILE A CG2 1 
ATOM   605  C CD1 . ILE A 1 76  ? -7.860  -3.400  -7.305  1.00 20.49 ? 75  ILE A CD1 1 
ATOM   606  N N   . THR A 1 77  ? -10.339 -7.719  -5.932  1.00 18.04 ? 76  THR A N   1 
ATOM   607  C CA  . THR A 1 77  ? -10.138 -8.961  -6.658  1.00 19.75 ? 76  THR A CA  1 
ATOM   608  C C   . THR A 1 77  ? -10.194 -8.722  -8.157  1.00 17.50 ? 76  THR A C   1 
ATOM   609  O O   . THR A 1 77  ? -11.155 -8.200  -8.663  1.00 19.88 ? 76  THR A O   1 
ATOM   610  C CB  . THR A 1 77  ? -11.186 -10.021 -6.253  1.00 22.07 ? 76  THR A CB  1 
ATOM   611  O OG1 . THR A 1 77  ? -10.944 -10.361 -4.888  1.00 25.07 ? 76  THR A OG1 1 
ATOM   612  C CG2 . THR A 1 77  ? -11.078 -11.240 -7.094  1.00 24.74 ? 76  THR A CG2 1 
ATOM   613  N N   . LEU A 1 78  ? -9.137  -9.111  -8.849  1.00 18.97 ? 77  LEU A N   1 
ATOM   614  C CA  . LEU A 1 78  ? -8.977  -8.833  -10.263 1.00 21.12 ? 77  LEU A CA  1 
ATOM   615  C C   . LEU A 1 78  ? -9.301  -9.978  -11.190 1.00 23.56 ? 77  LEU A C   1 
ATOM   616  O O   . LEU A 1 78  ? -9.090  -11.145 -10.870 1.00 25.82 ? 77  LEU A O   1 
ATOM   617  C CB  . LEU A 1 78  ? -7.540  -8.394  -10.538 1.00 21.66 ? 77  LEU A CB  1 
ATOM   618  C CG  . LEU A 1 78  ? -7.072  -7.233  -9.673  1.00 23.75 ? 77  LEU A CG  1 
ATOM   619  C CD1 . LEU A 1 78  ? -5.576  -7.048  -9.898  1.00 25.20 ? 77  LEU A CD1 1 
ATOM   620  C CD2 . LEU A 1 78  ? -7.833  -5.997  -10.048 1.00 23.70 ? 77  LEU A CD2 1 
ATOM   621  N N   . ASP A 1 79  ? -9.740  -9.637  -12.396 1.00 22.91 ? 78  ASP A N   1 
ATOM   622  C CA  . ASP A 1 79  ? -10.012 -10.645 -13.407 1.00 25.21 ? 78  ASP A CA  1 
ATOM   623  C C   . ASP A 1 79  ? -8.763  -10.808 -14.290 1.00 30.89 ? 78  ASP A C   1 
ATOM   624  O O   . ASP A 1 79  ? -8.638  -10.325 -15.424 1.00 26.01 ? 78  ASP A O   1 
ATOM   625  C CB  . ASP A 1 79  ? -11.212 -10.216 -14.235 1.00 29.43 ? 78  ASP A CB  1 
ATOM   626  C CG  . ASP A 1 79  ? -11.552 -11.193 -15.326 1.00 32.06 ? 78  ASP A CG  1 
ATOM   627  O OD1 . ASP A 1 79  ? -10.971 -12.307 -15.427 1.00 29.02 ? 78  ASP A OD1 1 
ATOM   628  O OD2 . ASP A 1 79  ? -12.440 -10.795 -16.090 1.00 32.81 ? 78  ASP A OD2 1 
ATOM   629  N N   . THR A 1 80  ? -7.767  -11.447 -13.744 1.00 33.68 ? 79  THR A N   1 
ATOM   630  C CA  . THR A 1 80  ? -6.541  -11.498 -14.470 1.00 36.13 ? 79  THR A CA  1 
ATOM   631  C C   . THR A 1 80  ? -6.242  -12.893 -14.785 1.00 34.26 ? 79  THR A C   1 
ATOM   632  O O   . THR A 1 80  ? -6.725  -13.788 -14.097 1.00 36.10 ? 79  THR A O   1 
ATOM   633  C CB  . THR A 1 80  ? -5.366  -10.990 -13.651 1.00 41.12 ? 79  THR A CB  1 
ATOM   634  O OG1 . THR A 1 80  ? -5.499  -11.412 -12.287 1.00 41.19 ? 79  THR A OG1 1 
ATOM   635  C CG2 . THR A 1 80  ? -5.356  -9.538  -13.735 1.00 47.79 ? 79  THR A CG2 1 
ATOM   636  N N   . ASN A 1 81  ? -5.378  -13.079 -15.774 1.00 38.04 ? 80  ASN A N   1 
ATOM   637  C CA  . ASN A 1 81  ? -5.010  -14.414 -16.186 1.00 48.30 ? 80  ASN A CA  1 
ATOM   638  C C   . ASN A 1 81  ? -4.259  -15.136 -15.130 1.00 49.23 ? 80  ASN A C   1 
ATOM   639  O O   . ASN A 1 81  ? -4.528  -16.326 -14.912 1.00 53.08 ? 80  ASN A O   1 
ATOM   640  C CB  . ASN A 1 81  ? -4.190  -14.406 -17.476 1.00 49.93 ? 80  ASN A CB  1 
ATOM   641  C CG  . ASN A 1 81  ? -5.043  -14.115 -18.687 1.00 52.97 ? 80  ASN A CG  1 
ATOM   642  O OD1 . ASN A 1 81  ? -5.004  -13.011 -19.234 1.00 54.54 ? 80  ASN A OD1 1 
ATOM   643  N ND2 . ASN A 1 81  ? -5.851  -15.087 -19.084 1.00 56.78 ? 80  ASN A ND2 1 
ATOM   644  N N   . GLU A 1 82  ? -3.314  -14.441 -14.478 1.00 48.22 ? 81  GLU A N   1 
ATOM   645  C CA  . GLU A 1 82  ? -2.429  -15.134 -13.547 1.00 50.69 ? 81  GLU A CA  1 
ATOM   646  C C   . GLU A 1 82  ? -2.264  -14.456 -12.162 1.00 47.64 ? 81  GLU A C   1 
ATOM   647  O O   . GLU A 1 82  ? -2.718  -13.370 -11.922 1.00 38.35 ? 81  GLU A O   1 
ATOM   648  C CB  . GLU A 1 82  ? -1.075  -15.387 -14.177 1.00 58.92 ? 81  GLU A CB  1 
ATOM   649  C CG  . GLU A 1 82  ? -0.608  -16.849 -14.121 1.00 60.41 ? 81  GLU A CG  1 
ATOM   650  C CD  . GLU A 1 82  ? -0.881  -17.596 -15.431 1.00 63.88 ? 81  GLU A CD  1 
ATOM   651  O OE1 . GLU A 1 82  ? -0.258  -18.658 -15.665 1.00 67.76 ? 81  GLU A OE1 1 
ATOM   652  O OE2 . GLU A 1 82  ? -1.681  -17.131 -16.262 1.00 65.13 ? 81  GLU A OE2 1 
ATOM   653  N N   . LYS A 1 83  ? -1.639  -15.203 -11.255 1.00 43.11 ? 82  LYS A N   1 
ATOM   654  C CA  . LYS A 1 83  ? -1.642  -14.943 -9.843  1.00 41.00 ? 82  LYS A CA  1 
ATOM   655  C C   . LYS A 1 83  ? -0.417  -14.178 -9.453  1.00 34.78 ? 82  LYS A C   1 
ATOM   656  O O   . LYS A 1 83  ? 0.660   -14.481 -9.915  1.00 36.12 ? 82  LYS A O   1 
ATOM   657  C CB  . LYS A 1 83  ? -1.634  -16.269 -9.087  1.00 46.66 ? 82  LYS A CB  1 
ATOM   658  C CG  . LYS A 1 83  ? -2.719  -17.226 -9.569  1.00 54.54 ? 82  LYS A CG  1 
ATOM   659  C CD  . LYS A 1 83  ? -2.342  -18.658 -9.247  1.00 61.50 ? 82  LYS A CD  1 
ATOM   660  C CE  . LYS A 1 83  ? -3.537  -19.469 -8.747  1.00 66.27 ? 82  LYS A CE  1 
ATOM   661  N NZ  . LYS A 1 83  ? -3.833  -19.210 -7.305  1.00 67.06 ? 82  LYS A NZ  1 
ATOM   662  N N   . PHE A 1 84  ? -0.573  -13.215 -8.549  1.00 26.63 ? 83  PHE A N   1 
ATOM   663  C CA  . PHE A 1 84  ? 0.574   -12.516 -7.946  1.00 23.95 ? 83  PHE A CA  1 
ATOM   664  C C   . PHE A 1 84  ? 1.471   -13.459 -7.110  1.00 23.30 ? 83  PHE A C   1 
ATOM   665  O O   . PHE A 1 84  ? 0.974   -14.333 -6.430  1.00 24.28 ? 83  PHE A O   1 
ATOM   666  C CB  . PHE A 1 84  ? 0.137   -11.444 -6.957  1.00 22.46 ? 83  PHE A CB  1 
ATOM   667  C CG  . PHE A 1 84  ? -0.651  -10.317 -7.562  1.00 21.50 ? 83  PHE A CG  1 
ATOM   668  C CD1 . PHE A 1 84  ? -0.058  -9.438  -8.480  1.00 21.99 ? 83  PHE A CD1 1 
ATOM   669  C CD2 . PHE A 1 84  ? -1.969  -10.138 -7.217  1.00 20.19 ? 83  PHE A CD2 1 
ATOM   670  C CE1 . PHE A 1 84  ? -0.775  -8.382  -9.003  1.00 24.38 ? 83  PHE A CE1 1 
ATOM   671  C CE2 . PHE A 1 84  ? -2.687  -9.110  -7.749  1.00 21.68 ? 83  PHE A CE2 1 
ATOM   672  C CZ  . PHE A 1 84  ? -2.091  -8.242  -8.660  1.00 23.88 ? 83  PHE A CZ  1 
ATOM   673  N N   . ARG A 1 85  ? 2.773   -13.231 -7.112  1.00 21.76 ? 84  ARG A N   1 
ATOM   674  C CA  . ARG A 1 85  ? 3.645   -13.961 -6.160  1.00 21.76 ? 84  ARG A CA  1 
ATOM   675  C C   . ARG A 1 85  ? 3.122   -13.751 -4.738  1.00 21.63 ? 84  ARG A C   1 
ATOM   676  O O   . ARG A 1 85  ? 2.905   -12.626 -4.322  1.00 21.40 ? 84  ARG A O   1 
ATOM   677  C CB  . ARG A 1 85  ? 5.081   -13.470 -6.220  1.00 21.72 ? 84  ARG A CB  1 
ATOM   678  C CG  . ARG A 1 85  ? 5.893   -14.082 -5.097  1.00 24.57 ? 84  ARG A CG  1 
ATOM   679  C CD  . ARG A 1 85  ? 7.226   -13.484 -4.899  1.00 28.07 ? 84  ARG A CD  1 
ATOM   680  N NE  . ARG A 1 85  ? 7.257   -12.017 -4.753  1.00 28.17 ? 84  ARG A NE  1 
ATOM   681  C CZ  . ARG A 1 85  ? 8.308   -11.403 -4.265  1.00 29.48 ? 84  ARG A CZ  1 
ATOM   682  N NH1 . ARG A 1 85  ? 9.354   -12.116 -3.837  1.00 31.97 ? 84  ARG A NH1 1 
ATOM   683  N NH2 . ARG A 1 85  ? 8.319   -10.098 -4.164  1.00 29.45 ? 84  ARG A NH2 1 
ATOM   684  N N   . ASP A 1 86  ? 2.896   -14.823 -3.994  1.00 21.58 ? 85  ASP A N   1 
ATOM   685  C CA  . ASP A 1 86  ? 2.251   -14.703 -2.671  1.00 22.56 ? 85  ASP A CA  1 
ATOM   686  C C   . ASP A 1 86  ? 3.267   -14.129 -1.680  1.00 21.66 ? 85  ASP A C   1 
ATOM   687  O O   . ASP A 1 86  ? 4.274   -14.760 -1.413  1.00 21.53 ? 85  ASP A O   1 
ATOM   688  C CB  . ASP A 1 86  ? 1.700   -16.058 -2.223  1.00 26.66 ? 85  ASP A CB  1 
ATOM   689  C CG  . ASP A 1 86  ? 0.999   -16.031 -0.863  1.00 29.40 ? 85  ASP A CG  1 
ATOM   690  O OD1 . ASP A 1 86  ? 1.124   -15.075 -0.071  1.00 27.64 ? 85  ASP A OD1 1 
ATOM   691  O OD2 . ASP A 1 86  ? 0.241   -17.004 -0.602  1.00 35.01 ? 85  ASP A OD2 1 
ATOM   692  N N   . ILE A 1 87  ? 3.012   -12.923 -1.169  1.00 17.98 ? 86  ILE A N   1 
ATOM   693  C CA  . ILE A 1 87  ? 3.864   -12.263 -0.216  1.00 18.60 ? 86  ILE A CA  1 
ATOM   694  C C   . ILE A 1 87  ? 3.249   -12.083 1.160   1.00 18.53 ? 86  ILE A C   1 
ATOM   695  O O   . ILE A 1 87  ? 3.795   -11.352 1.977   1.00 18.53 ? 86  ILE A O   1 
ATOM   696  C CB  . ILE A 1 87  ? 4.299   -10.867 -0.697  1.00 20.22 ? 86  ILE A CB  1 
ATOM   697  C CG1 . ILE A 1 87  ? 3.044   -10.009 -0.936  1.00 21.28 ? 86  ILE A CG1 1 
ATOM   698  C CG2 . ILE A 1 87  ? 5.114   -11.014 -1.954  1.00 19.20 ? 86  ILE A CG2 1 
ATOM   699  C CD1 . ILE A 1 87  ? 3.382   -8.558  -1.056  1.00 24.08 ? 86  ILE A CD1 1 
ATOM   700  N N   . THR A 1 88  ? 2.174   -12.820 1.456   1.00 18.77 ? 87  THR A N   1 
ATOM   701  C CA  . THR A 1 88  ? 1.549   -12.754 2.767   1.00 21.28 ? 87  THR A CA  1 
ATOM   702  C C   . THR A 1 88  ? 2.512   -13.151 3.900   1.00 18.09 ? 87  THR A C   1 
ATOM   703  O O   . THR A 1 88  ? 2.423   -12.605 5.002   1.00 19.95 ? 87  THR A O   1 
ATOM   704  C CB  . THR A 1 88  ? 0.282   -13.626 2.826   1.00 23.48 ? 87  THR A CB  1 
ATOM   705  O OG1 . THR A 1 88  ? 0.564   -14.957 2.327   1.00 27.08 ? 87  THR A OG1 1 
ATOM   706  C CG2 . THR A 1 88  ? -0.832  -12.968 1.990   1.00 25.78 ? 87  THR A CG2 1 
ATOM   707  N N   . LYS A 1 89  ? 3.456   -14.040 3.618   1.00 19.53 ? 88  LYS A N   1 
ATOM   708  C CA  . LYS A 1 89  ? 4.432   -14.448 4.653   1.00 21.37 ? 88  LYS A CA  1 
ATOM   709  C C   . LYS A 1 89  ? 5.284   -13.289 5.127   1.00 21.01 ? 88  LYS A C   1 
ATOM   710  O O   . LYS A 1 89  ? 5.817   -13.342 6.228   1.00 18.08 ? 88  LYS A O   1 
ATOM   711  C CB  . LYS A 1 89  ? 5.331   -15.585 4.158   1.00 24.24 ? 88  LYS A CB  1 
ATOM   712  C CG  . LYS A 1 89  ? 6.375   -15.194 3.126   1.00 26.58 ? 88  LYS A CG  1 
ATOM   713  C CD  . LYS A 1 89  ? 7.064   -16.453 2.658   1.00 32.32 ? 88  LYS A CD  1 
ATOM   714  C CE  . LYS A 1 89  ? 7.878   -16.180 1.423   1.00 36.73 ? 88  LYS A CE  1 
ATOM   715  N NZ  . LYS A 1 89  ? 7.924   -17.456 0.698   1.00 44.50 ? 88  LYS A NZ  1 
ATOM   716  N N   . PHE A 1 90  ? 5.495   -12.291 4.264   1.00 18.65 ? 89  PHE A N   1 
ATOM   717  C CA  . PHE A 1 90  ? 6.285   -11.091 4.601   1.00 19.90 ? 89  PHE A CA  1 
ATOM   718  C C   . PHE A 1 90  ? 5.472   -10.030 5.335   1.00 19.84 ? 89  PHE A C   1 
ATOM   719  O O   . PHE A 1 90  ? 6.031   -9.042  5.799   1.00 20.79 ? 89  PHE A O   1 
ATOM   720  C CB  . PHE A 1 90  ? 6.884   -10.397 3.373   1.00 22.59 ? 89  PHE A CB  1 
ATOM   721  C CG  . PHE A 1 90  ? 7.712   -11.274 2.477   1.00 24.27 ? 89  PHE A CG  1 
ATOM   722  C CD1 . PHE A 1 90  ? 8.749   -12.050 2.990   1.00 27.89 ? 89  PHE A CD1 1 
ATOM   723  C CD2 . PHE A 1 90  ? 7.453   -11.329 1.141   1.00 26.27 ? 89  PHE A CD2 1 
ATOM   724  C CE1 . PHE A 1 90  ? 9.497   -12.868 2.171   1.00 23.33 ? 89  PHE A CE1 1 
ATOM   725  C CE2 . PHE A 1 90  ? 8.214   -12.126 0.302   1.00 25.63 ? 89  PHE A CE2 1 
ATOM   726  C CZ  . PHE A 1 90  ? 9.230   -12.905 0.819   1.00 26.33 ? 89  PHE A CZ  1 
ATOM   727  N N   . ILE A 1 91  ? 4.167   -10.199 5.430   1.00 18.54 ? 90  ILE A N   1 
ATOM   728  C CA  . ILE A 1 91  ? 3.318   -9.269  6.162   1.00 19.93 ? 90  ILE A CA  1 
ATOM   729  C C   . ILE A 1 91  ? 3.160   -9.767  7.604   1.00 21.17 ? 90  ILE A C   1 
ATOM   730  O O   . ILE A 1 91  ? 2.725   -10.892 7.822   1.00 24.61 ? 90  ILE A O   1 
ATOM   731  C CB  . ILE A 1 91  ? 1.970   -9.254  5.484   1.00 19.65 ? 90  ILE A CB  1 
ATOM   732  C CG1 . ILE A 1 91  ? 2.099   -8.767  4.028   1.00 22.83 ? 90  ILE A CG1 1 
ATOM   733  C CG2 . ILE A 1 91  ? 1.005   -8.365  6.231   1.00 21.02 ? 90  ILE A CG2 1 
ATOM   734  C CD1 . ILE A 1 91  ? 0.755   -8.715  3.285   1.00 23.12 ? 90  ILE A CD1 1 
ATOM   735  N N   . PRO A 1 92  ? 3.466   -8.944  8.598   1.00 23.70 ? 91  PRO A N   1 
ATOM   736  C CA  . PRO A 1 92  ? 3.335   -9.468  9.986   1.00 25.70 ? 91  PRO A CA  1 
ATOM   737  C C   . PRO A 1 92  ? 1.891   -9.810  10.403  1.00 28.64 ? 91  PRO A C   1 
ATOM   738  O O   . PRO A 1 92  ? 0.910   -9.369  9.772   1.00 27.39 ? 91  PRO A O   1 
ATOM   739  C CB  . PRO A 1 92  ? 3.922   -8.342  10.847  1.00 28.80 ? 91  PRO A CB  1 
ATOM   740  C CG  . PRO A 1 92  ? 3.773   -7.107  10.030  1.00 27.67 ? 91  PRO A CG  1 
ATOM   741  C CD  . PRO A 1 92  ? 3.816   -7.520  8.563   1.00 24.92 ? 91  PRO A CD  1 
ATOM   742  N N   . GLU A 1 93  ? 1.770   -10.643 11.422  1.00 29.59 ? 92  GLU A N   1 
ATOM   743  C CA  . GLU A 1 93  ? 0.453   -11.057 11.910  1.00 33.57 ? 92  GLU A CA  1 
ATOM   744  C C   . GLU A 1 93  ? -0.257  -9.931  12.620  1.00 33.95 ? 92  GLU A C   1 
ATOM   745  O O   . GLU A 1 93  ? -1.489  -9.869  12.539  1.00 33.93 ? 92  GLU A O   1 
ATOM   746  C CB  . GLU A 1 93  ? 0.529   -12.322 12.783  1.00 34.82 ? 92  GLU A CB  1 
ATOM   747  C CG  . GLU A 1 93  ? 0.934   -13.564 12.012  1.00 43.95 ? 92  GLU A CG  1 
ATOM   748  C CD  . GLU A 1 93  ? -0.048  -14.748 12.152  1.00 55.16 ? 92  GLU A CD  1 
ATOM   749  O OE1 . GLU A 1 93  ? -1.233  -14.513 12.483  1.00 63.67 ? 92  GLU A OE1 1 
ATOM   750  O OE2 . GLU A 1 93  ? 0.355   -15.922 11.905  1.00 58.81 ? 92  GLU A OE2 1 
ATOM   751  N N   . ASN A 1 94  ? 0.486   -9.018  13.265  1.00 35.22 ? 93  ASN A N   1 
ATOM   752  C CA  . ASN A 1 94  ? -0.116  -7.809  13.806  1.00 34.98 ? 93  ASN A CA  1 
ATOM   753  C C   . ASN A 1 94  ? 0.607   -6.573  13.293  1.00 33.73 ? 93  ASN A C   1 
ATOM   754  O O   . ASN A 1 94  ? 1.775   -6.653  12.885  1.00 28.40 ? 93  ASN A O   1 
ATOM   755  C CB  . ASN A 1 94  ? -0.053  -7.821  15.317  1.00 44.18 ? 93  ASN A CB  1 
ATOM   756  C CG  . ASN A 1 94  ? 1.369   -7.926  15.843  1.00 48.93 ? 93  ASN A CG  1 
ATOM   757  O OD1 . ASN A 1 94  ? 2.404   -7.634  15.171  1.00 52.07 ? 93  ASN A OD1 1 
ATOM   758  N ND2 . ASN A 1 94  ? 1.427   -8.331  17.082  1.00 93.80 ? 93  ASN A ND2 1 
ATOM   759  N N   . ILE A 1 95  ? -0.056  -5.427  13.372  1.00 35.83 ? 94  ILE A N   1 
ATOM   760  C CA  . ILE A 1 95  ? 0.520   -4.216  12.863  1.00 37.32 ? 94  ILE A CA  1 
ATOM   761  C C   . ILE A 1 95  ? 1.790   -3.862  13.611  1.00 40.79 ? 94  ILE A C   1 
ATOM   762  O O   . ILE A 1 95  ? 1.807   -3.739  14.831  1.00 41.94 ? 94  ILE A O   1 
ATOM   763  C CB  . ILE A 1 95  ? -0.503  -3.094  12.891  1.00 36.63 ? 94  ILE A CB  1 
ATOM   764  C CG1 . ILE A 1 95  ? -1.435  -3.280  11.712  1.00 38.11 ? 94  ILE A CG1 1 
ATOM   765  C CG2 . ILE A 1 95  ? 0.174   -1.753  12.735  1.00 39.33 ? 94  ILE A CG2 1 
ATOM   766  C CD1 . ILE A 1 95  ? -2.729  -2.561  11.872  1.00 35.31 ? 94  ILE A CD1 1 
ATOM   767  N N   . SER A 1 96  ? 2.854   -3.682  12.846  1.00 36.42 ? 95  SER A N   1 
ATOM   768  C CA  . SER A 1 96  ? 4.201   -3.632  13.376  1.00 36.20 ? 95  SER A CA  1 
ATOM   769  C C   . SER A 1 96  ? 4.990   -2.400  12.948  1.00 39.57 ? 95  SER A C   1 
ATOM   770  O O   . SER A 1 96  ? 4.979   -1.999  11.788  1.00 37.68 ? 95  SER A O   1 
ATOM   771  C CB  . SER A 1 96  ? 4.999   -4.858  12.914  1.00 39.39 ? 95  SER A CB  1 
ATOM   772  O OG  . SER A 1 96  ? 4.391   -6.094  13.350  1.00 42.48 ? 95  SER A OG  1 
ATOM   773  N N   . THR A 1 97  ? 5.755   -1.865  13.881  1.00 36.14 ? 96  THR A N   1 
ATOM   774  C CA  . THR A 1 97  ? 6.660   -0.764  13.617  1.00 37.41 ? 96  THR A CA  1 
ATOM   775  C C   . THR A 1 97  ? 7.952   -1.273  13.044  1.00 35.89 ? 96  THR A C   1 
ATOM   776  O O   . THR A 1 97  ? 8.175   -2.488  12.975  1.00 36.00 ? 96  THR A O   1 
ATOM   777  C CB  . THR A 1 97  ? 7.000   -0.073  14.938  1.00 36.94 ? 96  THR A CB  1 
ATOM   778  O OG1 . THR A 1 97  ? 7.777   -0.967  15.739  1.00 36.25 ? 96  THR A OG1 1 
ATOM   779  C CG2 . THR A 1 97  ? 5.740   0.264   15.652  1.00 36.35 ? 96  THR A CG2 1 
ATOM   780  N N   . ALA A 1 98  ? 8.823   -0.349  12.638  1.00 38.28 ? 97  ALA A N   1 
ATOM   781  C CA  . ALA A 1 98  ? 10.155  -0.710  12.116  1.00 36.93 ? 97  ALA A CA  1 
ATOM   782  C C   . ALA A 1 98  ? 11.182  0.411   12.157  1.00 35.77 ? 97  ALA A C   1 
ATOM   783  O O   . ALA A 1 98  ? 10.857  1.567   12.346  1.00 37.66 ? 97  ALA A O   1 
ATOM   784  C CB  . ALA A 1 98  ? 10.038  -1.233  10.678  1.00 40.93 ? 97  ALA A CB  1 
ATOM   785  N N   . SER A 1 99  ? 12.446  0.090   11.932  1.00 40.20 ? 98  SER A N   1 
ATOM   786  C CA  . SER A 1 99  ? 13.472  1.152   11.895  1.00 42.54 ? 98  SER A CA  1 
ATOM   787  C C   . SER A 1 99  ? 13.985  1.335   10.470  1.00 40.74 ? 98  SER A C   1 
ATOM   788  O O   . SER A 1 99  ? 14.023  0.397   9.707   1.00 40.43 ? 98  SER A O   1 
ATOM   789  C CB  . SER A 1 99  ? 14.648  0.788   12.796  1.00 46.33 ? 98  SER A CB  1 
ATOM   790  O OG  . SER A 1 99  ? 14.219  0.497   14.108  1.00 49.49 ? 98  SER A OG  1 
ATOM   791  N N   . ASP A 1 100 ? 14.441  2.521   10.096  1.00 40.36 ? 99  ASP A N   1 
ATOM   792  C CA  . ASP A 1 100 ? 15.082  2.637   8.775   1.00 39.49 ? 99  ASP A CA  1 
ATOM   793  C C   . ASP A 1 100 ? 14.242  1.943   7.684   1.00 31.92 ? 99  ASP A C   1 
ATOM   794  O O   . ASP A 1 100 ? 14.761  1.114   6.946   1.00 30.90 ? 99  ASP A O   1 
ATOM   795  C CB  . ASP A 1 100 ? 16.462  1.951   8.772   1.00 47.55 ? 99  ASP A CB  1 
ATOM   796  C CG  . ASP A 1 100 ? 17.486  2.642   9.638   1.00 53.42 ? 99  ASP A CG  1 
ATOM   797  O OD1 . ASP A 1 100 ? 17.564  3.891   9.556   1.00 57.03 ? 99  ASP A OD1 1 
ATOM   798  O OD2 . ASP A 1 100 ? 18.250  1.930   10.358  1.00 52.20 ? 99  ASP A OD2 1 
ATOM   799  N N   . ALA A 1 101 ? 12.943  2.249   7.632   1.00 29.81 ? 100 ALA A N   1 
ATOM   800  C CA  . ALA A 1 101 ? 12.061  1.728   6.590   1.00 27.39 ? 100 ALA A CA  1 
ATOM   801  C C   . ALA A 1 101 ? 12.262  2.480   5.300   1.00 25.92 ? 100 ALA A C   1 
ATOM   802  O O   . ALA A 1 101 ? 12.749  3.590   5.293   1.00 24.99 ? 100 ALA A O   1 
ATOM   803  C CB  . ALA A 1 101 ? 10.594  1.836   7.006   1.00 25.48 ? 100 ALA A CB  1 
ATOM   804  N N   . THR A 1 102 ? 11.791  1.857   4.211   1.00 25.35 ? 101 THR A N   1 
ATOM   805  C CA  . THR A 1 102 ? 11.823  2.416   2.903   1.00 27.38 ? 101 THR A CA  1 
ATOM   806  C C   . THR A 1 102 ? 10.416  2.370   2.307   1.00 27.10 ? 101 THR A C   1 
ATOM   807  O O   . THR A 1 102 ? 9.677   1.397   2.453   1.00 23.92 ? 101 THR A O   1 
ATOM   808  C CB  . THR A 1 102 ? 12.791  1.659   2.013   1.00 28.19 ? 101 THR A CB  1 
ATOM   809  O OG1 . THR A 1 102 ? 14.100  1.754   2.557   1.00 29.39 ? 101 THR A OG1 1 
ATOM   810  C CG2 . THR A 1 102 ? 12.871  2.290   0.646   1.00 30.39 ? 101 THR A CG2 1 
ATOM   811  N N   . LEU A 1 103 ? 10.034  3.464   1.689   1.00 23.22 ? 102 LEU A N   1 
ATOM   812  C CA  . LEU A 1 103 ? 8.769   3.508   1.027   1.00 24.20 ? 102 LEU A CA  1 
ATOM   813  C C   . LEU A 1 103 ? 8.999   3.276   -0.450  1.00 24.41 ? 102 LEU A C   1 
ATOM   814  O O   . LEU A 1 103 ? 9.750   4.019   -1.099  1.00 24.01 ? 102 LEU A O   1 
ATOM   815  C CB  . LEU A 1 103 ? 8.169   4.863   1.297   1.00 24.27 ? 102 LEU A CB  1 
ATOM   816  C CG  . LEU A 1 103 ? 6.914   5.209   0.577   1.00 26.27 ? 102 LEU A CG  1 
ATOM   817  C CD1 . LEU A 1 103 ? 5.784   4.240   0.970   1.00 25.66 ? 102 LEU A CD1 1 
ATOM   818  C CD2 . LEU A 1 103 ? 6.617   6.645   0.925   1.00 25.03 ? 102 LEU A CD2 1 
ATOM   819  N N   . VAL A 1 104 ? 8.387   2.235   -0.983  1.00 22.52 ? 103 VAL A N   1 
ATOM   820  C CA  . VAL A 1 104 ? 8.551   1.892   -2.370  1.00 23.76 ? 103 VAL A CA  1 
ATOM   821  C C   . VAL A 1 104 ? 7.302   2.353   -3.203  1.00 21.30 ? 103 VAL A C   1 
ATOM   822  O O   . VAL A 1 104 ? 6.179   1.889   -3.008  1.00 19.52 ? 103 VAL A O   1 
ATOM   823  C CB  . VAL A 1 104 ? 8.742   0.383   -2.514  1.00 26.47 ? 103 VAL A CB  1 
ATOM   824  C CG1 . VAL A 1 104 ? 8.722   -0.017  -3.964  1.00 27.22 ? 103 VAL A CG1 1 
ATOM   825  C CG2 . VAL A 1 104 ? 10.043  -0.090  -1.837  1.00 27.86 ? 103 VAL A CG2 1 
ATOM   826  N N   . ILE A 1 105 ? 7.551   3.174   -4.199  1.00 19.77 ? 104 ILE A N   1 
ATOM   827  C CA  . ILE A 1 105 ? 6.487   3.805   -4.954  1.00 20.49 ? 104 ILE A CA  1 
ATOM   828  C C   . ILE A 1 105 ? 6.632   3.410   -6.386  1.00 19.09 ? 104 ILE A C   1 
ATOM   829  O O   . ILE A 1 105 ? 7.738   3.300   -6.901  1.00 18.97 ? 104 ILE A O   1 
ATOM   830  C CB  . ILE A 1 105 ? 6.565   5.322   -4.861  1.00 22.69 ? 104 ILE A CB  1 
ATOM   831  C CG1 . ILE A 1 105 ? 6.185   5.782   -3.461  1.00 26.08 ? 104 ILE A CG1 1 
ATOM   832  C CG2 . ILE A 1 105 ? 5.673   6.011   -5.883  1.00 22.67 ? 104 ILE A CG2 1 
ATOM   833  C CD1 . ILE A 1 105 ? 7.061   6.955   -3.041  1.00 27.89 ? 104 ILE A CD1 1 
ATOM   834  N N   . ASN A 1 106 ? 5.499   3.167   -7.047  1.00 17.98 ? 105 ASN A N   1 
ATOM   835  C CA  . ASN A 1 106 ? 5.520   2.797   -8.440  1.00 15.04 ? 105 ASN A CA  1 
ATOM   836  C C   . ASN A 1 106 ? 4.265   3.324   -9.139  1.00 16.01 ? 105 ASN A C   1 
ATOM   837  O O   . ASN A 1 106 ? 3.190   2.744   -9.099  1.00 13.38 ? 105 ASN A O   1 
ATOM   838  C CB  . ASN A 1 106 ? 5.697   1.286   -8.682  1.00 14.70 ? 105 ASN A CB  1 
ATOM   839  C CG  . ASN A 1 106 ? 6.127   0.969   -10.058 1.00 16.28 ? 105 ASN A CG  1 
ATOM   840  O OD1 . ASN A 1 106 ? 6.720   1.831   -10.792 1.00 18.14 ? 105 ASN A OD1 1 
ATOM   841  N ND2 . ASN A 1 106 ? 5.911   -0.291  -10.464 1.00 19.11 ? 105 ASN A ND2 1 
ATOM   842  N N   . THR A 1 107 ? 4.461   4.436   -9.828  1.00 18.10 ? 106 THR A N   1 
ATOM   843  C CA  . THR A 1 107 ? 3.393   5.119   -10.534 1.00 19.82 ? 106 THR A CA  1 
ATOM   844  C C   . THR A 1 107 ? 3.944   5.592   -11.874 1.00 21.47 ? 106 THR A C   1 
ATOM   845  O O   . THR A 1 107 ? 5.150   5.726   -12.028 1.00 15.63 ? 106 THR A O   1 
ATOM   846  C CB  . THR A 1 107 ? 3.023   6.317   -9.671  1.00 23.26 ? 106 THR A CB  1 
ATOM   847  O OG1 . THR A 1 107 ? 1.876   6.022   -8.874  1.00 24.24 ? 106 THR A OG1 1 
ATOM   848  C CG2 . THR A 1 107 ? 2.886   7.482   -10.406 1.00 21.80 ? 106 THR A CG2 1 
ATOM   849  N N   . GLU A 1 108 ? 3.047   5.909   -12.825 1.00 20.10 ? 107 GLU A N   1 
ATOM   850  C CA  . GLU A 1 108 ? 3.541   6.373   -14.128 1.00 22.49 ? 107 GLU A CA  1 
ATOM   851  C C   . GLU A 1 108 ? 4.339   7.623   -13.915 1.00 21.95 ? 107 GLU A C   1 
ATOM   852  O O   . GLU A 1 108 ? 5.320   7.845   -14.602 1.00 22.20 ? 107 GLU A O   1 
ATOM   853  C CB  . GLU A 1 108 ? 2.404   6.634   -15.091 1.00 24.64 ? 107 GLU A CB  1 
ATOM   854  C CG  . GLU A 1 108 ? 2.910   7.064   -16.464 1.00 31.28 ? 107 GLU A CG  1 
ATOM   855  C CD  . GLU A 1 108 ? 1.787   7.608   -17.351 1.00 37.52 ? 107 GLU A CD  1 
ATOM   856  O OE1 . GLU A 1 108 ? 0.651   7.119   -17.220 1.00 41.41 ? 107 GLU A OE1 1 
ATOM   857  O OE2 . GLU A 1 108 ? 2.050   8.503   -18.192 1.00 42.26 ? 107 GLU A OE2 1 
ATOM   858  N N   . HIS A 1 109 ? 3.922   8.454   -12.988 1.00 21.56 ? 108 HIS A N   1 
ATOM   859  C CA  . HIS A 1 109 ? 4.656   9.686   -12.730 1.00 27.82 ? 108 HIS A CA  1 
ATOM   860  C C   . HIS A 1 109 ? 5.886   9.539   -11.845 1.00 26.05 ? 108 HIS A C   1 
ATOM   861  O O   . HIS A 1 109 ? 6.775   10.354  -11.905 1.00 25.70 ? 108 HIS A O   1 
ATOM   862  C CB  . HIS A 1 109 ? 3.719   10.761  -12.163 1.00 31.24 ? 108 HIS A CB  1 
ATOM   863  C CG  . HIS A 1 109 ? 2.676   11.195  -13.143 1.00 33.36 ? 108 HIS A CG  1 
ATOM   864  N ND1 . HIS A 1 109 ? 2.896   11.178  -14.513 1.00 41.35 ? 108 HIS A ND1 1 
ATOM   865  C CD2 . HIS A 1 109 ? 1.406   11.618  -12.972 1.00 35.56 ? 108 HIS A CD2 1 
ATOM   866  C CE1 . HIS A 1 109 ? 1.800   11.568  -15.140 1.00 38.24 ? 108 HIS A CE1 1 
ATOM   867  N NE2 . HIS A 1 109 ? 0.881   11.839  -14.230 1.00 36.57 ? 108 HIS A NE2 1 
ATOM   868  N N   . MET A 1 110 ? 5.927   8.479   -11.043 1.00 24.50 ? 109 MET A N   1 
ATOM   869  C CA  . MET A 1 110 ? 7.009   8.208   -10.070 1.00 22.51 ? 109 MET A CA  1 
ATOM   870  C C   . MET A 1 110 ? 7.343   6.733   -10.136 1.00 20.74 ? 109 MET A C   1 
ATOM   871  O O   . MET A 1 110 ? 7.108   5.964   -9.215  1.00 19.39 ? 109 MET A O   1 
ATOM   872  C CB  . MET A 1 110 ? 6.588   8.623   -8.678  1.00 25.60 ? 109 MET A CB  1 
ATOM   873  C CG  . MET A 1 110 ? 6.570   10.134  -8.460  1.00 30.98 ? 109 MET A CG  1 
ATOM   874  S SD  . MET A 1 110 ? 6.072   10.625  -6.777  1.00 38.18 ? 109 MET A SD  1 
ATOM   875  C CE  . MET A 1 110 ? 4.706   11.687  -7.232  1.00 43.00 ? 109 MET A CE  1 
ATOM   876  N N   . PRO A 1 111 ? 7.901   6.326   -11.236 1.00 18.87 ? 110 PRO A N   1 
ATOM   877  C CA  . PRO A 1 111 ? 8.181   4.928   -11.455 1.00 20.27 ? 110 PRO A CA  1 
ATOM   878  C C   . PRO A 1 111 ? 9.400   4.449   -10.628 1.00 21.07 ? 110 PRO A C   1 
ATOM   879  O O   . PRO A 1 111 ? 10.421  5.169   -10.556 1.00 22.41 ? 110 PRO A O   1 
ATOM   880  C CB  . PRO A 1 111 ? 8.500   4.876   -12.926 1.00 19.48 ? 110 PRO A CB  1 
ATOM   881  C CG  . PRO A 1 111 ? 9.050   6.198   -13.235 1.00 19.34 ? 110 PRO A CG  1 
ATOM   882  C CD  . PRO A 1 111 ? 8.313   7.155   -12.369 1.00 19.63 ? 110 PRO A CD  1 
ATOM   883  N N   . SER A 1 112 ? 9.266   3.285   -10.014 1.00 20.90 ? 111 SER A N   1 
ATOM   884  C CA  . SER A 1 112 ? 10.348  2.614   -9.271  1.00 22.61 ? 111 SER A CA  1 
ATOM   885  C C   . SER A 1 112 ? 11.120  3.541   -8.323  1.00 20.76 ? 111 SER A C   1 
ATOM   886  O O   . SER A 1 112 ? 12.370  3.678   -8.379  1.00 20.47 ? 111 SER A O   1 
ATOM   887  C CB  . SER A 1 112 ? 11.300  1.992   -10.250 1.00 23.71 ? 111 SER A CB  1 
ATOM   888  O OG  . SER A 1 112 ? 10.651  1.034   -11.032 1.00 28.77 ? 111 SER A OG  1 
ATOM   889  N N   . MET A 1 113 ? 10.370  4.188   -7.471  1.00 20.55 ? 112 MET A N   1 
ATOM   890  C CA  . MET A 1 113 ? 10.894  5.223   -6.612  1.00 23.86 ? 112 MET A CA  1 
ATOM   891  C C   . MET A 1 113 ? 11.074  4.695   -5.193  1.00 22.27 ? 112 MET A C   1 
ATOM   892  O O   . MET A 1 113 ? 10.177  4.062   -4.604  1.00 23.34 ? 112 MET A O   1 
ATOM   893  C CB  . MET A 1 113 ? 9.952   6.419   -6.613  1.00 22.87 ? 112 MET A CB  1 
ATOM   894  C CG  . MET A 1 113 ? 10.418  7.615   -5.818  1.00 24.12 ? 112 MET A CG  1 
ATOM   895  S SD  . MET A 1 113 ? 9.135   8.898   -5.840  1.00 24.78 ? 112 MET A SD  1 
ATOM   896  C CE  . MET A 1 113 ? 10.036  10.255  -5.119  1.00 23.67 ? 112 MET A CE  1 
ATOM   897  N N   . PHE A 1 114 ? 12.234  4.986   -4.646  1.00 23.74 ? 113 PHE A N   1 
ATOM   898  C CA  . PHE A 1 114 ? 12.624  4.552   -3.304  1.00 25.47 ? 113 PHE A CA  1 
ATOM   899  C C   . PHE A 1 114 ? 12.784  5.762   -2.438  1.00 23.97 ? 113 PHE A C   1 
ATOM   900  O O   . PHE A 1 114 ? 13.611  6.614   -2.713  1.00 20.71 ? 113 PHE A O   1 
ATOM   901  C CB  . PHE A 1 114 ? 13.957  3.855   -3.323  1.00 29.88 ? 113 PHE A CB  1 
ATOM   902  C CG  . PHE A 1 114 ? 13.921  2.516   -3.932  1.00 35.13 ? 113 PHE A CG  1 
ATOM   903  C CD1 . PHE A 1 114 ? 14.310  1.442   -3.208  1.00 42.22 ? 113 PHE A CD1 1 
ATOM   904  C CD2 . PHE A 1 114 ? 13.510  2.322   -5.247  1.00 43.28 ? 113 PHE A CD2 1 
ATOM   905  C CE1 . PHE A 1 114 ? 14.277  0.184   -3.744  1.00 46.40 ? 113 PHE A CE1 1 
ATOM   906  C CE2 . PHE A 1 114 ? 13.456  1.062   -5.791  1.00 47.17 ? 113 PHE A CE2 1 
ATOM   907  C CZ  . PHE A 1 114 ? 13.838  -0.017  -5.031  1.00 45.84 ? 113 PHE A CZ  1 
ATOM   908  N N   . VAL A 1 115 ? 12.047  5.815   -1.349  1.00 23.30 ? 114 VAL A N   1 
ATOM   909  C CA  . VAL A 1 115 ? 12.120  6.950   -0.449  1.00 24.98 ? 114 VAL A CA  1 
ATOM   910  C C   . VAL A 1 115 ? 12.476  6.464   0.952   1.00 30.05 ? 114 VAL A C   1 
ATOM   911  O O   . VAL A 1 115 ? 11.760  5.656   1.564   1.00 22.45 ? 114 VAL A O   1 
ATOM   912  C CB  . VAL A 1 115 ? 10.777  7.647   -0.401  1.00 28.44 ? 114 VAL A CB  1 
ATOM   913  C CG1 . VAL A 1 115 ? 10.842  8.856   0.495   1.00 26.72 ? 114 VAL A CG1 1 
ATOM   914  C CG2 . VAL A 1 115 ? 10.359  8.039   -1.803  1.00 31.91 ? 114 VAL A CG2 1 
ATOM   915  N N   . PRO A 1 116 ? 13.586  6.966   1.490   1.00 33.52 ? 115 PRO A N   1 
ATOM   916  C CA  . PRO A 1 116 ? 14.049  6.501   2.787   1.00 33.68 ? 115 PRO A CA  1 
ATOM   917  C C   . PRO A 1 116 ? 13.329  7.200   3.908   1.00 29.75 ? 115 PRO A C   1 
ATOM   918  O O   . PRO A 1 116 ? 13.788  8.210   4.395   1.00 37.28 ? 115 PRO A O   1 
ATOM   919  C CB  . PRO A 1 116 ? 15.514  6.928   2.756   1.00 38.22 ? 115 PRO A CB  1 
ATOM   920  C CG  . PRO A 1 116 ? 15.482  8.254   2.030   1.00 36.81 ? 115 PRO A CG  1 
ATOM   921  C CD  . PRO A 1 116 ? 14.303  8.189   1.069   1.00 35.54 ? 115 PRO A CD  1 
ATOM   922  N N   . VAL A 1 117 ? 12.189  6.690   4.328   1.00 27.75 ? 116 VAL A N   1 
ATOM   923  C CA  . VAL A 1 117 ? 11.363  7.400   5.324   1.00 29.13 ? 116 VAL A CA  1 
ATOM   924  C C   . VAL A 1 117 ? 11.846  7.281   6.773   1.00 30.62 ? 116 VAL A C   1 
ATOM   925  O O   . VAL A 1 117 ? 11.364  7.987   7.666   1.00 28.82 ? 116 VAL A O   1 
ATOM   926  C CB  . VAL A 1 117 ? 9.874   6.998   5.279   1.00 28.27 ? 116 VAL A CB  1 
ATOM   927  C CG1 . VAL A 1 117 ? 9.264   7.357   3.936   1.00 29.02 ? 116 VAL A CG1 1 
ATOM   928  C CG2 . VAL A 1 117 ? 9.694   5.510   5.578   1.00 28.68 ? 116 VAL A CG2 1 
ATOM   929  N N   . GLY A 1 118 ? 12.763  6.366   7.041   1.00 34.23 ? 117 GLY A N   1 
ATOM   930  C CA  . GLY A 1 118 ? 13.249  6.236   8.414   1.00 33.90 ? 117 GLY A CA  1 
ATOM   931  C C   . GLY A 1 118 ? 12.404  5.343   9.308   1.00 36.03 ? 117 GLY A C   1 
ATOM   932  O O   . GLY A 1 118 ? 11.704  4.459   8.827   1.00 33.29 ? 117 GLY A O   1 
ATOM   933  N N   . ASP A 1 119 ? 12.520  5.554   10.621  1.00 35.91 ? 118 ASP A N   1 
ATOM   934  C CA  . ASP A 1 119 ? 11.775  4.807   11.628  1.00 36.38 ? 118 ASP A CA  1 
ATOM   935  C C   . ASP A 1 119 ? 10.282  4.990   11.434  1.00 33.18 ? 118 ASP A C   1 
ATOM   936  O O   . ASP A 1 119 ? 9.813   6.083   11.141  1.00 33.92 ? 118 ASP A O   1 
ATOM   937  C CB  . ASP A 1 119 ? 12.169  5.254   13.051  1.00 39.48 ? 118 ASP A CB  1 
ATOM   938  C CG  . ASP A 1 119 ? 13.601  4.826   13.451  1.00 44.28 ? 118 ASP A CG  1 
ATOM   939  O OD1 . ASP A 1 119 ? 14.325  4.154   12.670  1.00 42.27 ? 118 ASP A OD1 1 
ATOM   940  O OD2 . ASP A 1 119 ? 14.011  5.171   14.594  1.00 45.98 ? 118 ASP A OD2 1 
ATOM   941  N N   . VAL A 1 120 ? 9.530   3.906   11.598  1.00 31.16 ? 119 VAL A N   1 
ATOM   942  C CA  . VAL A 1 120 ? 8.082   3.925   11.453  1.00 30.23 ? 119 VAL A CA  1 
ATOM   943  C C   . VAL A 1 120 ? 7.485   3.584   12.766  1.00 29.25 ? 119 VAL A C   1 
ATOM   944  O O   . VAL A 1 120 ? 7.717   2.501   13.248  1.00 36.00 ? 119 VAL A O   1 
ATOM   945  C CB  . VAL A 1 120 ? 7.589   2.876   10.424  1.00 28.18 ? 119 VAL A CB  1 
ATOM   946  C CG1 . VAL A 1 120 ? 6.085   2.778   10.470  1.00 27.42 ? 119 VAL A CG1 1 
ATOM   947  C CG2 . VAL A 1 120 ? 8.065   3.282   9.046   1.00 27.18 ? 119 VAL A CG2 1 
ATOM   948  N N   . VAL A 1 121 ? 6.680   4.470   13.325  1.00 31.95 ? 120 VAL A N   1 
ATOM   949  C CA  . VAL A 1 121 ? 6.217   4.292   14.687  1.00 33.57 ? 120 VAL A CA  1 
ATOM   950  C C   . VAL A 1 121 ? 4.726   4.236   14.775  1.00 34.09 ? 120 VAL A C   1 
ATOM   951  O O   . VAL A 1 121 ? 4.035   4.709   13.895  1.00 31.95 ? 120 VAL A O   1 
ATOM   952  C CB  . VAL A 1 121 ? 6.696   5.446   15.579  1.00 35.41 ? 120 VAL A CB  1 
ATOM   953  C CG1 . VAL A 1 121 ? 8.215   5.634   15.504  1.00 33.77 ? 120 VAL A CG1 1 
ATOM   954  C CG2 . VAL A 1 121 ? 5.963   6.710   15.218  1.00 35.70 ? 120 VAL A CG2 1 
ATOM   955  N N   . GLN A 1 122 ? 4.212   3.680   15.862  1.00 37.44 ? 121 GLN A N   1 
ATOM   956  C CA  . GLN A 1 122 ? 2.765   3.519   16.018  1.00 37.63 ? 121 GLN A CA  1 
ATOM   957  C C   . GLN A 1 122 ? 2.129   4.890   16.142  1.00 40.67 ? 121 GLN A C   1 
ATOM   958  O O   . GLN A 1 122 ? 2.663   5.772   16.820  1.00 43.80 ? 121 GLN A O   1 
ATOM   959  C CB  . GLN A 1 122 ? 2.403   2.676   17.255  1.00 38.16 ? 121 GLN A CB  1 
ATOM   960  C CG  . GLN A 1 122 ? 3.090   1.339   17.354  1.00 39.43 ? 121 GLN A CG  1 
ATOM   961  C CD  . GLN A 1 122 ? 2.476   0.236   16.471  1.00 45.69 ? 121 GLN A CD  1 
ATOM   962  O OE1 . GLN A 1 122 ? 1.682   0.495   15.549  1.00 42.17 ? 121 GLN A OE1 1 
ATOM   963  N NE2 . GLN A 1 122 ? 2.844   -1.010  16.764  1.00 46.34 ? 121 GLN A NE2 1 
ATOM   964  N N   . TYR A 1 123 ? 1.016   5.093   15.458  1.00 39.33 ? 122 TYR A N   1 
ATOM   965  C CA  . TYR A 1 123 ? 0.359   6.370   15.517  1.00 39.15 ? 122 TYR A CA  1 
ATOM   966  C C   . TYR A 1 123 ? -1.109  6.269   15.924  1.00 38.26 ? 122 TYR A C   1 
ATOM   967  O O   . TYR A 1 123 ? -1.628  7.139   16.625  1.00 43.75 ? 122 TYR A O   1 
ATOM   968  C CB  . TYR A 1 123 ? 0.493   7.115   14.184  1.00 38.19 ? 122 TYR A CB  1 
ATOM   969  C CG  . TYR A 1 123 ? 0.284   8.602   14.331  1.00 36.64 ? 122 TYR A CG  1 
ATOM   970  C CD1 . TYR A 1 123 ? 1.323   9.419   14.749  1.00 40.36 ? 122 TYR A CD1 1 
ATOM   971  C CD2 . TYR A 1 123 ? -0.946  9.184   14.049  1.00 36.57 ? 122 TYR A CD2 1 
ATOM   972  C CE1 . TYR A 1 123 ? 1.145   10.781  14.889  1.00 38.84 ? 122 TYR A CE1 1 
ATOM   973  C CE2 . TYR A 1 123 ? -1.138  10.546  14.193  1.00 35.31 ? 122 TYR A CE2 1 
ATOM   974  C CZ  . TYR A 1 123 ? -0.098  11.331  14.611  1.00 37.76 ? 122 TYR A CZ  1 
ATOM   975  O OH  . TYR A 1 123 ? -0.273  12.687  14.723  1.00 39.04 ? 122 TYR A OH  1 
ATOM   976  N N   . GLY A 1 124 ? -1.781  5.215   15.510  1.00 37.97 ? 123 GLY A N   1 
ATOM   977  C CA  . GLY A 1 124 ? -3.196  5.081   15.732  1.00 34.85 ? 123 GLY A CA  1 
ATOM   978  C C   . GLY A 1 124 ? -4.095  5.982   14.926  1.00 38.03 ? 123 GLY A C   1 
ATOM   979  O O   . GLY A 1 124 ? -4.145  5.897   13.698  1.00 39.40 ? 123 GLY A O   1 
ATOM   980  N N   . PHE A 1 125 ? -4.870  6.801   15.634  1.00 29.79 ? 124 PHE A N   1 
ATOM   981  C CA  . PHE A 1 125 ? -5.937  7.564   15.057  1.00 36.29 ? 124 PHE A CA  1 
ATOM   982  C C   . PHE A 1 125 ? -5.427  8.619   14.126  1.00 35.32 ? 124 PHE A C   1 
ATOM   983  O O   . PHE A 1 125 ? -4.448  9.280   14.427  1.00 38.61 ? 124 PHE A O   1 
ATOM   984  C CB  . PHE A 1 125 ? -6.676  8.297   16.136  1.00 38.89 ? 124 PHE A CB  1 
ATOM   985  C CG  . PHE A 1 125 ? -7.731  9.169   15.600  1.00 40.25 ? 124 PHE A CG  1 
ATOM   986  C CD1 . PHE A 1 125 ? -9.032  8.714   15.521  1.00 38.09 ? 124 PHE A CD1 1 
ATOM   987  C CD2 . PHE A 1 125 ? -7.424  10.436  15.131  1.00 40.78 ? 124 PHE A CD2 1 
ATOM   988  C CE1 . PHE A 1 125 ? -10.032 9.530   15.022  1.00 38.61 ? 124 PHE A CE1 1 
ATOM   989  C CE2 . PHE A 1 125 ? -8.426  11.273  14.635  1.00 43.33 ? 124 PHE A CE2 1 
ATOM   990  C CZ  . PHE A 1 125 ? -9.728  10.810  14.571  1.00 42.34 ? 124 PHE A CZ  1 
ATOM   991  N N   . LEU A 1 126 ? -6.066  8.774   12.981  1.00 39.16 ? 125 LEU A N   1 
ATOM   992  C CA  . LEU A 1 126 ? -5.668  9.848   12.081  1.00 39.28 ? 125 LEU A CA  1 
ATOM   993  C C   . LEU A 1 126 ? -6.875  10.415  11.394  1.00 39.76 ? 125 LEU A C   1 
ATOM   994  O O   . LEU A 1 126 ? -7.760  9.684   10.996  1.00 36.35 ? 125 LEU A O   1 
ATOM   995  C CB  . LEU A 1 126 ? -4.658  9.346   11.067  1.00 40.96 ? 125 LEU A CB  1 
ATOM   996  C CG  . LEU A 1 126 ? -4.058  10.366  10.099  1.00 41.67 ? 125 LEU A CG  1 
ATOM   997  C CD1 . LEU A 1 126 ? -3.035  11.295  10.770  1.00 40.94 ? 125 LEU A CD1 1 
ATOM   998  C CD2 . LEU A 1 126 ? -3.445  9.640   8.890   1.00 43.03 ? 125 LEU A CD2 1 
ATOM   999  N N   . ASN A 1 127 ? -6.944  11.726  11.286  1.00 46.81 ? 126 ASN A N   1 
ATOM   1000 C CA  . ASN A 1 127 ? -8.024  12.299  10.501  1.00 59.48 ? 126 ASN A CA  1 
ATOM   1001 C C   . ASN A 1 127 ? -7.454  12.867  9.229   1.00 61.99 ? 126 ASN A C   1 
ATOM   1002 O O   . ASN A 1 127 ? -6.757  13.876  9.255   1.00 65.15 ? 126 ASN A O   1 
ATOM   1003 C CB  . ASN A 1 127 ? -8.797  13.378  11.245  1.00 64.47 ? 126 ASN A CB  1 
ATOM   1004 C CG  . ASN A 1 127 ? -10.045 13.805  10.479  1.00 72.56 ? 126 ASN A CG  1 
ATOM   1005 O OD1 . ASN A 1 127 ? -9.972  14.151  9.303   1.00 78.10 ? 126 ASN A OD1 1 
ATOM   1006 N ND2 . ASN A 1 127 ? -11.199 13.752  11.131  1.00 76.58 ? 126 ASN A ND2 1 
ATOM   1007 N N   . LEU A 1 128 ? -7.741  12.219  8.111   1.00 65.97 ? 127 LEU A N   1 
ATOM   1008 C CA  . LEU A 1 128 ? -7.230  12.717  6.857   1.00 72.81 ? 127 LEU A CA  1 
ATOM   1009 C C   . LEU A 1 128 ? -8.343  13.050  5.906   1.00 72.39 ? 127 LEU A C   1 
ATOM   1010 O O   . LEU A 1 128 ? -9.226  12.234  5.671   1.00 61.58 ? 127 LEU A O   1 
ATOM   1011 C CB  . LEU A 1 128 ? -6.192  11.773  6.238   1.00 77.18 ? 127 LEU A CB  1 
ATOM   1012 C CG  . LEU A 1 128 ? -4.762  12.246  6.575   1.00 82.15 ? 127 LEU A CG  1 
ATOM   1013 C CD1 . LEU A 1 128 ? -3.810  12.160  5.398   1.00 81.42 ? 127 LEU A CD1 1 
ATOM   1014 C CD2 . LEU A 1 128 ? -4.781  13.688  7.105   1.00 82.41 ? 127 LEU A CD2 1 
ATOM   1015 N N   . SER A 1 129 ? -8.302  14.278  5.392   1.00 68.62 ? 128 SER A N   1 
ATOM   1016 C CA  . SER A 1 129 ? -9.318  14.778  4.448   1.00 72.22 ? 128 SER A CA  1 
ATOM   1017 C C   . SER A 1 129 ? -10.735 14.612  4.985   1.00 73.03 ? 128 SER A C   1 
ATOM   1018 O O   . SER A 1 129 ? -11.668 14.270  4.240   1.00 72.13 ? 128 SER A O   1 
ATOM   1019 C CB  . SER A 1 129 ? -9.224  14.070  3.092   1.00 72.54 ? 128 SER A CB  1 
ATOM   1020 O OG  . SER A 1 129 ? -7.970  14.271  2.483   1.00 71.29 ? 128 SER A OG  1 
ATOM   1021 N N   . GLY A 1 130 ? -10.890 14.818  6.288   1.00 70.22 ? 129 GLY A N   1 
ATOM   1022 C CA  . GLY A 1 130 ? -12.212 14.750  6.935   1.00 67.49 ? 129 GLY A CA  1 
ATOM   1023 C C   . GLY A 1 130 ? -12.687 13.385  7.439   1.00 65.13 ? 129 GLY A C   1 
ATOM   1024 O O   . GLY A 1 130 ? -13.693 13.304  8.146   1.00 69.42 ? 129 GLY A O   1 
ATOM   1025 N N   . LYS A 1 131 ? -11.965 12.322  7.069   1.00 60.73 ? 130 LYS A N   1 
ATOM   1026 C CA  . LYS A 1 131 ? -12.307 10.929  7.381   1.00 53.75 ? 130 LYS A CA  1 
ATOM   1027 C C   . LYS A 1 131 ? -11.387 10.404  8.486   1.00 48.32 ? 130 LYS A C   1 
ATOM   1028 O O   . LYS A 1 131 ? -10.161 10.531  8.418   1.00 40.62 ? 130 LYS A O   1 
ATOM   1029 C CB  . LYS A 1 131 ? -12.143 10.070  6.141   1.00 58.30 ? 130 LYS A CB  1 
ATOM   1030 C CG  . LYS A 1 131 ? -12.698 8.667   6.244   1.00 61.40 ? 130 LYS A CG  1 
ATOM   1031 C CD  . LYS A 1 131 ? -13.844 8.465   5.245   1.00 65.63 ? 130 LYS A CD  1 
ATOM   1032 C CE  . LYS A 1 131 ? -14.119 6.990   4.969   1.00 69.65 ? 130 LYS A CE  1 
ATOM   1033 N NZ  . LYS A 1 131 ? -15.558 6.593   5.084   1.00 71.06 ? 130 LYS A NZ  1 
ATOM   1034 N N   . PRO A 1 132 ? -11.985 9.876   9.537   1.00 42.67 ? 131 PRO A N   1 
ATOM   1035 C CA  . PRO A 1 132 ? -11.326 9.423   10.740  1.00 39.05 ? 131 PRO A CA  1 
ATOM   1036 C C   . PRO A 1 132 ? -10.830 8.032   10.462  1.00 38.08 ? 131 PRO A C   1 
ATOM   1037 O O   . PRO A 1 132 ? -11.540 7.273   9.846   1.00 35.57 ? 131 PRO A O   1 
ATOM   1038 C CB  . PRO A 1 132 ? -12.460 9.370   11.745  1.00 41.18 ? 131 PRO A CB  1 
ATOM   1039 C CG  . PRO A 1 132 ? -13.687 9.267   10.913  1.00 42.36 ? 131 PRO A CG  1 
ATOM   1040 C CD  . PRO A 1 132 ? -13.427 10.069  9.722   1.00 41.93 ? 131 PRO A CD  1 
ATOM   1041 N N   . THR A 1 133 ? -9.616  7.720   10.876  1.00 37.26 ? 132 THR A N   1 
ATOM   1042 C CA  . THR A 1 133 ? -8.962  6.519   10.379  1.00 33.77 ? 132 THR A CA  1 
ATOM   1043 C C   . THR A 1 133 ? -8.194  5.852   11.483  1.00 30.55 ? 132 THR A C   1 
ATOM   1044 O O   . THR A 1 133 ? -7.446  6.535   12.185  1.00 34.36 ? 132 THR A O   1 
ATOM   1045 C CB  . THR A 1 133 ? -7.976  6.870   9.252   1.00 29.95 ? 132 THR A CB  1 
ATOM   1046 O OG1 . THR A 1 133 ? -8.702  7.354   8.113   1.00 30.24 ? 132 THR A OG1 1 
ATOM   1047 C CG2 . THR A 1 133 ? -7.162  5.619   8.828   1.00 31.10 ? 132 THR A CG2 1 
ATOM   1048 N N   . HIS A 1 134 ? -8.340  4.528   11.634  1.00 26.51 ? 133 HIS A N   1 
ATOM   1049 C CA  . HIS A 1 134 ? -7.571  3.816   12.642  1.00 25.50 ? 133 HIS A CA  1 
ATOM   1050 C C   . HIS A 1 134 ? -6.416  3.013   12.096  1.00 28.22 ? 133 HIS A C   1 
ATOM   1051 O O   . HIS A 1 134 ? -6.308  2.789   10.898  1.00 22.92 ? 133 HIS A O   1 
ATOM   1052 C CB  . HIS A 1 134 ? -8.433  2.864   13.403  1.00 28.92 ? 133 HIS A CB  1 
ATOM   1053 C CG  . HIS A 1 134 ? -9.319  3.538   14.374  1.00 34.77 ? 133 HIS A CG  1 
ATOM   1054 N ND1 . HIS A 1 134 ? -10.300 2.868   15.078  1.00 37.79 ? 133 HIS A ND1 1 
ATOM   1055 C CD2 . HIS A 1 134 ? -9.364  4.827   14.785  1.00 35.71 ? 133 HIS A CD2 1 
ATOM   1056 C CE1 . HIS A 1 134 ? -10.926 3.728   15.866  1.00 39.77 ? 133 HIS A CE1 1 
ATOM   1057 N NE2 . HIS A 1 134 ? -10.382 4.921   15.700  1.00 40.23 ? 133 HIS A NE2 1 
ATOM   1058 N N   . ARG A 1 135 ? -5.575  2.572   13.028  1.00 27.60 ? 134 ARG A N   1 
ATOM   1059 C CA  . ARG A 1 135 ? -4.499  1.632   12.782  1.00 28.79 ? 134 ARG A CA  1 
ATOM   1060 C C   . ARG A 1 135 ? -3.376  2.136   11.891  1.00 27.95 ? 134 ARG A C   1 
ATOM   1061 O O   . ARG A 1 135 ? -2.781  1.353   11.147  1.00 23.94 ? 134 ARG A O   1 
ATOM   1062 C CB  . ARG A 1 135 ? -5.058  0.312   12.252  1.00 28.59 ? 134 ARG A CB  1 
ATOM   1063 C CG  . ARG A 1 135 ? -6.067  -0.351  13.187  1.00 26.89 ? 134 ARG A CG  1 
ATOM   1064 C CD  . ARG A 1 135 ? -6.259  -1.814  12.865  1.00 30.10 ? 134 ARG A CD  1 
ATOM   1065 N NE  . ARG A 1 135 ? -7.441  -2.408  13.513  1.00 31.99 ? 134 ARG A NE  1 
ATOM   1066 C CZ  . ARG A 1 135 ? -7.985  -3.571  13.174  1.00 35.75 ? 134 ARG A CZ  1 
ATOM   1067 N NH1 . ARG A 1 135 ? -7.470  -4.297  12.202  1.00 35.96 ? 134 ARG A NH1 1 
ATOM   1068 N NH2 . ARG A 1 135 ? -9.040  -4.032  13.817  1.00 35.74 ? 134 ARG A NH2 1 
ATOM   1069 N N   . THR A 1 136 ? -3.077  3.430   11.988  1.00 25.50 ? 135 THR A N   1 
ATOM   1070 C CA  . THR A 1 136 ? -2.083  4.039   11.103  1.00 25.96 ? 135 THR A CA  1 
ATOM   1071 C C   . THR A 1 136 ? -0.750  4.064   11.787  1.00 25.84 ? 135 THR A C   1 
ATOM   1072 O O   . THR A 1 136 ? -0.676  3.995   13.010  1.00 26.72 ? 135 THR A O   1 
ATOM   1073 C CB  . THR A 1 136 ? -2.483  5.474   10.677  1.00 27.01 ? 135 THR A CB  1 
ATOM   1074 O OG1 . THR A 1 136 ? -2.439  6.389   11.798  1.00 30.36 ? 135 THR A OG1 1 
ATOM   1075 C CG2 . THR A 1 136 ? -3.871  5.475   10.093  1.00 23.87 ? 135 THR A CG2 1 
ATOM   1076 N N   . MET A 1 137 ? 0.320   4.134   11.019  1.00 24.69 ? 136 MET A N   1 
ATOM   1077 C CA  . MET A 1 137 ? 1.627   4.383   11.571  1.00 26.75 ? 136 MET A CA  1 
ATOM   1078 C C   . MET A 1 137 ? 2.213   5.630   10.922  1.00 26.07 ? 136 MET A C   1 
ATOM   1079 O O   . MET A 1 137 ? 1.688   6.128   9.924   1.00 24.65 ? 136 MET A O   1 
ATOM   1080 C CB  . MET A 1 137 ? 2.535   3.185   11.409  1.00 26.37 ? 136 MET A CB  1 
ATOM   1081 C CG  . MET A 1 137 ? 2.077   1.951   12.196  1.00 30.71 ? 136 MET A CG  1 
ATOM   1082 S SD  . MET A 1 137 ? 3.299   0.607   12.201  1.00 35.15 ? 136 MET A SD  1 
ATOM   1083 C CE  . MET A 1 137 ? 3.137   -0.003  10.507  1.00 35.17 ? 136 MET A CE  1 
ATOM   1084 N N   . MET A 1 138 ? 3.309   6.138   11.488  1.00 27.80 ? 137 MET A N   1 
ATOM   1085 C CA  . MET A 1 138 ? 3.830   7.469   11.104  1.00 29.00 ? 137 MET A CA  1 
ATOM   1086 C C   . MET A 1 138 ? 5.312   7.394   10.890  1.00 27.37 ? 137 MET A C   1 
ATOM   1087 O O   . MET A 1 138 ? 6.017   6.638   11.563  1.00 29.30 ? 137 MET A O   1 
ATOM   1088 C CB  . MET A 1 138 ? 3.475   8.479   12.241  1.00 35.62 ? 137 MET A CB  1 
ATOM   1089 C CG  . MET A 1 138 ? 4.058   9.902   12.142  1.00 38.19 ? 137 MET A CG  1 
ATOM   1090 S SD  . MET A 1 138 ? 5.856   10.095  12.325  1.00 48.67 ? 137 MET A SD  1 
ATOM   1091 C CE  . MET A 1 138 ? 5.998   10.101  14.121  1.00 51.05 ? 137 MET A CE  1 
ATOM   1092 N N   . TYR A 1 139 ? 5.811   8.165   9.918   1.00 28.87 ? 138 TYR A N   1 
ATOM   1093 C CA  . TYR A 1 139 ? 7.260   8.289   9.683   1.00 27.90 ? 138 TYR A CA  1 
ATOM   1094 C C   . TYR A 1 139 ? 7.575   9.782   9.513   1.00 32.25 ? 138 TYR A C   1 
ATOM   1095 O O   . TYR A 1 139 ? 6.807   10.526  8.870   1.00 30.42 ? 138 TYR A O   1 
ATOM   1096 C CB  . TYR A 1 139 ? 7.761   7.500   8.464   1.00 28.03 ? 138 TYR A CB  1 
ATOM   1097 C CG  . TYR A 1 139 ? 6.697   7.112   7.471   1.00 29.31 ? 138 TYR A CG  1 
ATOM   1098 C CD1 . TYR A 1 139 ? 6.473   7.849   6.321   1.00 25.50 ? 138 TYR A CD1 1 
ATOM   1099 C CD2 . TYR A 1 139 ? 5.910   5.974   7.695   1.00 29.51 ? 138 TYR A CD2 1 
ATOM   1100 C CE1 . TYR A 1 139 ? 5.491   7.457   5.428   1.00 27.08 ? 138 TYR A CE1 1 
ATOM   1101 C CE2 . TYR A 1 139 ? 4.907   5.602   6.828   1.00 26.74 ? 138 TYR A CE2 1 
ATOM   1102 C CZ  . TYR A 1 139 ? 4.715   6.344   5.694   1.00 27.54 ? 138 TYR A CZ  1 
ATOM   1103 O OH  . TYR A 1 139 ? 3.730   5.941   4.841   1.00 27.82 ? 138 TYR A OH  1 
ATOM   1104 N N   . ASN A 1 140 ? 8.701   10.239  10.051  1.00 33.60 ? 139 ASN A N   1 
ATOM   1105 C CA  . ASN A 1 140 ? 8.939   11.699  9.977   1.00 34.29 ? 139 ASN A CA  1 
ATOM   1106 C C   . ASN A 1 140 ? 9.691   12.028  8.718   1.00 35.01 ? 139 ASN A C   1 
ATOM   1107 O O   . ASN A 1 140 ? 10.925  12.117  8.702   1.00 32.69 ? 139 ASN A O   1 
ATOM   1108 C CB  . ASN A 1 140 ? 9.649   12.220  11.216  1.00 38.93 ? 139 ASN A CB  1 
ATOM   1109 C CG  . ASN A 1 140 ? 8.773   12.165  12.468  1.00 38.00 ? 139 ASN A CG  1 
ATOM   1110 O OD1 . ASN A 1 140 ? 9.165   11.565  13.454  1.00 44.19 ? 139 ASN A OD1 1 
ATOM   1111 N ND2 . ASN A 1 140 ? 7.593   12.776  12.434  1.00 36.06 ? 139 ASN A ND2 1 
ATOM   1112 N N   . PHE A 1 141 ? 8.916   12.118  7.634   1.00 32.46 ? 140 PHE A N   1 
ATOM   1113 C CA  . PHE A 1 141 ? 9.437   12.347  6.282   1.00 29.34 ? 140 PHE A CA  1 
ATOM   1114 C C   . PHE A 1 141 ? 8.353   13.103  5.513   1.00 29.09 ? 140 PHE A C   1 
ATOM   1115 O O   . PHE A 1 141 ? 7.179   12.763  5.598   1.00 24.36 ? 140 PHE A O   1 
ATOM   1116 C CB  . PHE A 1 141 ? 9.779   11.057  5.526   1.00 30.85 ? 140 PHE A CB  1 
ATOM   1117 C CG  . PHE A 1 141 ? 10.615  11.298  4.269   1.00 28.74 ? 140 PHE A CG  1 
ATOM   1118 C CD1 . PHE A 1 141 ? 11.992  11.305  4.324   1.00 28.93 ? 140 PHE A CD1 1 
ATOM   1119 C CD2 . PHE A 1 141 ? 10.002  11.566  3.052   1.00 29.48 ? 140 PHE A CD2 1 
ATOM   1120 C CE1 . PHE A 1 141 ? 12.758  11.525  3.196   1.00 29.77 ? 140 PHE A CE1 1 
ATOM   1121 C CE2 . PHE A 1 141 ? 10.750  11.811  1.917   1.00 29.16 ? 140 PHE A CE2 1 
ATOM   1122 C CZ  . PHE A 1 141 ? 12.137  11.820  1.989   1.00 28.19 ? 140 PHE A CZ  1 
ATOM   1123 N N   . PRO A 1 142 ? 8.735   14.130  4.774   1.00 28.67 ? 141 PRO A N   1 
ATOM   1124 C CA  . PRO A 1 142 ? 7.745   14.946  4.075   1.00 32.15 ? 141 PRO A CA  1 
ATOM   1125 C C   . PRO A 1 142 ? 7.372   14.305  2.723   1.00 33.35 ? 141 PRO A C   1 
ATOM   1126 O O   . PRO A 1 142 ? 7.772   14.766  1.645   1.00 32.64 ? 141 PRO A O   1 
ATOM   1127 C CB  . PRO A 1 142 ? 8.468   16.260  3.862   1.00 30.80 ? 141 PRO A CB  1 
ATOM   1128 C CG  . PRO A 1 142 ? 9.875   15.817  3.708   1.00 30.99 ? 141 PRO A CG  1 
ATOM   1129 C CD  . PRO A 1 142 ? 10.092  14.637  4.610   1.00 28.88 ? 141 PRO A CD  1 
ATOM   1130 N N   . THR A 1 143 ? 6.555   13.264  2.813   1.00 36.48 ? 142 THR A N   1 
ATOM   1131 C CA  . THR A 1 143 ? 6.036   12.589  1.649   1.00 33.44 ? 142 THR A CA  1 
ATOM   1132 C C   . THR A 1 143 ? 5.109   13.527  0.877   1.00 37.13 ? 142 THR A C   1 
ATOM   1133 O O   . THR A 1 143 ? 4.625   14.539  1.407   1.00 36.62 ? 142 THR A O   1 
ATOM   1134 C CB  . THR A 1 143 ? 5.302   11.298  2.026   1.00 28.84 ? 142 THR A CB  1 
ATOM   1135 O OG1 . THR A 1 143 ? 4.226   11.614  2.914   1.00 26.49 ? 142 THR A OG1 1 
ATOM   1136 C CG2 . THR A 1 143 ? 6.284   10.332  2.669   1.00 25.26 ? 142 THR A CG2 1 
ATOM   1137 N N   . LYS A 1 144 ? 4.902   13.184  -0.387  1.00 38.20 ? 143 LYS A N   1 
ATOM   1138 C CA  . LYS A 1 144 ? 4.246   14.051  -1.360  1.00 39.66 ? 143 LYS A CA  1 
ATOM   1139 C C   . LYS A 1 144 ? 2.953   13.451  -1.868  1.00 40.06 ? 143 LYS A C   1 
ATOM   1140 O O   . LYS A 1 144 ? 2.717   12.246  -1.768  1.00 35.48 ? 143 LYS A O   1 
ATOM   1141 C CB  . LYS A 1 144 ? 5.136   14.218  -2.576  1.00 41.40 ? 143 LYS A CB  1 
ATOM   1142 C CG  . LYS A 1 144 ? 6.411   14.990  -2.368  1.00 44.30 ? 143 LYS A CG  1 
ATOM   1143 C CD  . LYS A 1 144 ? 7.053   15.110  -3.716  1.00 47.92 ? 143 LYS A CD  1 
ATOM   1144 C CE  . LYS A 1 144 ? 5.972   15.289  -4.774  1.00 51.40 ? 143 LYS A CE  1 
ATOM   1145 N NZ  . LYS A 1 144 ? 6.597   15.408  -6.109  1.00 58.01 ? 143 LYS A NZ  1 
ATOM   1146 N N   . ALA A 1 145 ? 2.129   14.315  -2.457  1.00 41.08 ? 144 ALA A N   1 
ATOM   1147 C CA  . ALA A 1 145 ? 0.991   13.858  -3.215  1.00 43.18 ? 144 ALA A CA  1 
ATOM   1148 C C   . ALA A 1 145 ? 1.515   12.980  -4.361  1.00 39.25 ? 144 ALA A C   1 
ATOM   1149 O O   . ALA A 1 145 ? 2.569   13.259  -4.934  1.00 42.52 ? 144 ALA A O   1 
ATOM   1150 C CB  . ALA A 1 145 ? 0.205   15.042  -3.756  1.00 42.29 ? 144 ALA A CB  1 
ATOM   1151 N N   . GLY A 1 146 ? 0.772   11.935  -4.687  1.00 32.52 ? 145 GLY A N   1 
ATOM   1152 C CA  . GLY A 1 146 ? 1.148   11.041  -5.763  1.00 31.03 ? 145 GLY A CA  1 
ATOM   1153 C C   . GLY A 1 146 ? 1.855   9.810   -5.210  1.00 27.84 ? 145 GLY A C   1 
ATOM   1154 O O   . GLY A 1 146 ? 2.223   8.939   -5.968  1.00 27.05 ? 145 GLY A O   1 
ATOM   1155 N N   . GLN A 1 147 ? 2.076   9.776   -3.893  1.00 22.18 ? 146 GLN A N   1 
ATOM   1156 C CA  . GLN A 1 147 ? 2.855   8.682   -3.307  1.00 22.63 ? 146 GLN A CA  1 
ATOM   1157 C C   . GLN A 1 147 ? 1.949   7.662   -2.624  1.00 20.70 ? 146 GLN A C   1 
ATOM   1158 O O   . GLN A 1 147 ? 2.457   6.677   -2.068  1.00 21.27 ? 146 GLN A O   1 
ATOM   1159 C CB  . GLN A 1 147 ? 3.926   9.242   -2.348  1.00 21.22 ? 146 GLN A CB  1 
ATOM   1160 C CG  . GLN A 1 147 ? 5.150   9.760   -3.120  1.00 23.14 ? 146 GLN A CG  1 
ATOM   1161 C CD  . GLN A 1 147 ? 6.208   10.465  -2.301  1.00 24.82 ? 146 GLN A CD  1 
ATOM   1162 O OE1 . GLN A 1 147 ? 5.951   10.966  -1.225  1.00 26.67 ? 146 GLN A OE1 1 
ATOM   1163 N NE2 . GLN A 1 147 ? 7.418   10.543  -2.862  1.00 29.18 ? 146 GLN A NE2 1 
ATOM   1164 N N   . CYS A 1 148 ? 0.636   7.912   -2.608  1.00 20.91 ? 147 CYS A N   1 
ATOM   1165 C CA  . CYS A 1 148 ? -0.276  7.017   -1.936  1.00 22.44 ? 147 CYS A CA  1 
ATOM   1166 C C   . CYS A 1 148 ? -0.312  5.667   -2.595  1.00 20.05 ? 147 CYS A C   1 
ATOM   1167 O O   . CYS A 1 148 ? -0.233  5.524   -3.818  1.00 20.05 ? 147 CYS A O   1 
ATOM   1168 C CB  . CYS A 1 148 ? -1.677  7.594   -1.813  1.00 25.89 ? 147 CYS A CB  1 
ATOM   1169 S SG  . CYS A 1 148 ? -1.633  8.956   -0.673  1.00 28.23 ? 147 CYS A SG  1 
ATOM   1170 N N   . GLY A 1 149 ? -0.392  4.656   -1.758  1.00 16.92 ? 148 GLY A N   1 
ATOM   1171 C CA  . GLY A 1 149 ? -0.395  3.311   -2.228  1.00 15.94 ? 148 GLY A CA  1 
ATOM   1172 C C   . GLY A 1 149 ? 0.972   2.754   -2.072  1.00 16.15 ? 148 GLY A C   1 
ATOM   1173 O O   . GLY A 1 149 ? 1.163   1.539   -2.123  1.00 18.70 ? 148 GLY A O   1 
ATOM   1174 N N   . GLY A 1 150 ? 1.933   3.640   -1.870  1.00 16.40 ? 149 GLY A N   1 
ATOM   1175 C CA  . GLY A 1 150 ? 3.306   3.271   -1.770  1.00 18.00 ? 149 GLY A CA  1 
ATOM   1176 C C   . GLY A 1 150 ? 3.510   2.258   -0.637  1.00 15.82 ? 149 GLY A C   1 
ATOM   1177 O O   . GLY A 1 150 ? 2.809   2.270   0.331   1.00 18.78 ? 149 GLY A O   1 
ATOM   1178 N N   . VAL A 1 151 ? 4.422   1.353   -0.786  1.00 16.91 ? 150 VAL A N   1 
ATOM   1179 C CA  . VAL A 1 151 ? 4.516   0.242   0.138   1.00 17.90 ? 150 VAL A CA  1 
ATOM   1180 C C   . VAL A 1 151 ? 5.633   0.445   1.144   1.00 18.47 ? 150 VAL A C   1 
ATOM   1181 O O   . VAL A 1 151 ? 6.788   0.644   0.786   1.00 19.80 ? 150 VAL A O   1 
ATOM   1182 C CB  . VAL A 1 151 ? 4.802   -1.039  -0.607  1.00 19.80 ? 150 VAL A CB  1 
ATOM   1183 C CG1 . VAL A 1 151 ? 4.877   -2.187  0.364   1.00 22.01 ? 150 VAL A CG1 1 
ATOM   1184 C CG2 . VAL A 1 151 ? 3.724   -1.288  -1.635  1.00 21.66 ? 150 VAL A CG2 1 
ATOM   1185 N N   . VAL A 1 152 ? 5.300   0.379   2.411   1.00 19.27 ? 151 VAL A N   1 
ATOM   1186 C CA  . VAL A 1 152 ? 6.277   0.620   3.458   1.00 21.88 ? 151 VAL A CA  1 
ATOM   1187 C C   . VAL A 1 152 ? 6.941   -0.681  3.791   1.00 23.65 ? 151 VAL A C   1 
ATOM   1188 O O   . VAL A 1 152 ? 6.283   -1.614  4.193   1.00 25.00 ? 151 VAL A O   1 
ATOM   1189 C CB  . VAL A 1 152 ? 5.607   1.184   4.690   1.00 22.78 ? 151 VAL A CB  1 
ATOM   1190 C CG1 . VAL A 1 152 ? 6.604   1.355   5.790   1.00 23.92 ? 151 VAL A CG1 1 
ATOM   1191 C CG2 . VAL A 1 152 ? 4.917   2.512   4.339   1.00 21.90 ? 151 VAL A CG2 1 
ATOM   1192 N N   . THR A 1 153 ? 8.249   -0.734  3.615   1.00 23.92 ? 152 THR A N   1 
ATOM   1193 C CA  . THR A 1 153 ? 8.992   -1.984  3.788   1.00 30.89 ? 152 THR A CA  1 
ATOM   1194 C C   . THR A 1 153 ? 10.215  -1.805  4.670   1.00 30.52 ? 152 THR A C   1 
ATOM   1195 O O   . THR A 1 153 ? 10.799  -0.710  4.714   1.00 29.67 ? 152 THR A O   1 
ATOM   1196 C CB  . THR A 1 153 ? 9.403   -2.563  2.423   1.00 34.15 ? 152 THR A CB  1 
ATOM   1197 O OG1 . THR A 1 153 ? 10.475  -1.798  1.851   1.00 40.31 ? 152 THR A OG1 1 
ATOM   1198 C CG2 . THR A 1 153 ? 8.201   -2.481  1.455   1.00 38.25 ? 152 THR A CG2 1 
ATOM   1199 N N   . SER A 1 154 ? 10.580  -2.872  5.382   1.00 34.36 ? 153 SER A N   1 
ATOM   1200 C CA  . SER A 1 154 ? 11.832  -2.908  6.166   1.00 38.58 ? 153 SER A CA  1 
ATOM   1201 C C   . SER A 1 154 ? 12.221  -4.330  6.514   1.00 42.39 ? 153 SER A C   1 
ATOM   1202 O O   . SER A 1 154 ? 11.395  -5.127  7.013   1.00 32.76 ? 153 SER A O   1 
ATOM   1203 C CB  . SER A 1 154 ? 11.676  -2.120  7.468   1.00 42.36 ? 153 SER A CB  1 
ATOM   1204 O OG  . SER A 1 154 ? 12.559  -2.602  8.488   1.00 48.42 ? 153 SER A OG  1 
ATOM   1205 N N   . VAL A 1 155 ? 13.492  -4.641  6.254   1.00 43.29 ? 154 VAL A N   1 
ATOM   1206 C CA  . VAL A 1 155 ? 14.091  -5.893  6.670   1.00 46.10 ? 154 VAL A CA  1 
ATOM   1207 C C   . VAL A 1 155 ? 13.280  -7.121  6.233   1.00 41.24 ? 154 VAL A C   1 
ATOM   1208 O O   . VAL A 1 155 ? 13.032  -8.020  7.010   1.00 42.53 ? 154 VAL A O   1 
ATOM   1209 C CB  . VAL A 1 155 ? 14.364  -5.919  8.209   1.00 51.23 ? 154 VAL A CB  1 
ATOM   1210 C CG1 . VAL A 1 155 ? 15.288  -4.760  8.600   1.00 50.82 ? 154 VAL A CG1 1 
ATOM   1211 C CG2 . VAL A 1 155 ? 13.074  -5.876  9.046   1.00 52.57 ? 154 VAL A CG2 1 
ATOM   1212 N N   . GLY A 1 156 ? 12.911  -7.157  4.968   1.00 34.22 ? 155 GLY A N   1 
ATOM   1213 C CA  . GLY A 1 156 ? 12.163  -8.265  4.429   1.00 32.86 ? 155 GLY A CA  1 
ATOM   1214 C C   . GLY A 1 156 ? 10.722  -8.362  4.891   1.00 30.59 ? 155 GLY A C   1 
ATOM   1215 O O   . GLY A 1 156 ? 10.103  -9.380  4.741   1.00 34.20 ? 155 GLY A O   1 
ATOM   1216 N N   . LYS A 1 157 ? 10.172  -7.280  5.429   1.00 27.01 ? 156 LYS A N   1 
ATOM   1217 C CA  . LYS A 1 157 ? 8.777   -7.227  5.795   1.00 27.52 ? 156 LYS A CA  1 
ATOM   1218 C C   . LYS A 1 157 ? 8.015   -6.079  5.132   1.00 25.84 ? 156 LYS A C   1 
ATOM   1219 O O   . LYS A 1 157 ? 8.556   -4.983  4.941   1.00 24.59 ? 156 LYS A O   1 
ATOM   1220 C CB  . LYS A 1 157 ? 8.623   -7.130  7.287   1.00 32.12 ? 156 LYS A CB  1 
ATOM   1221 C CG  . LYS A 1 157 ? 9.280   -8.325  7.994   1.00 35.39 ? 156 LYS A CG  1 
ATOM   1222 C CD  . LYS A 1 157 ? 9.074   -8.214  9.488   1.00 43.19 ? 156 LYS A CD  1 
ATOM   1223 C CE  . LYS A 1 157 ? 10.010  -7.131  10.024  1.00 50.02 ? 156 LYS A CE  1 
ATOM   1224 N NZ  . LYS A 1 157 ? 9.951   -6.909  11.493  1.00 52.09 ? 156 LYS A NZ  1 
ATOM   1225 N N   . VAL A 1 158 ? 6.769   -6.370  4.822   1.00 20.66 ? 157 VAL A N   1 
ATOM   1226 C CA  . VAL A 1 158 ? 5.848   -5.420  4.233   1.00 22.19 ? 157 VAL A CA  1 
ATOM   1227 C C   . VAL A 1 158 ? 4.839   -5.034  5.283   1.00 22.46 ? 157 VAL A C   1 
ATOM   1228 O O   . VAL A 1 158 ? 3.980   -5.817  5.662   1.00 23.59 ? 157 VAL A O   1 
ATOM   1229 C CB  . VAL A 1 158 ? 5.102   -6.048  3.065   1.00 20.88 ? 157 VAL A CB  1 
ATOM   1230 C CG1 . VAL A 1 158 ? 4.237   -4.993  2.386   1.00 21.93 ? 157 VAL A CG1 1 
ATOM   1231 C CG2 . VAL A 1 158 ? 6.096   -6.606  2.070   1.00 20.26 ? 157 VAL A CG2 1 
ATOM   1232 N N   . ILE A 1 159 ? 4.935   -3.812  5.757   1.00 22.33 ? 158 ILE A N   1 
ATOM   1233 C CA  . ILE A 1 159 ? 4.216   -3.436  6.946   1.00 22.50 ? 158 ILE A CA  1 
ATOM   1234 C C   . ILE A 1 159 ? 3.134   -2.408  6.760   1.00 21.57 ? 158 ILE A C   1 
ATOM   1235 O O   . ILE A 1 159 ? 2.263   -2.279  7.610   1.00 22.86 ? 158 ILE A O   1 
ATOM   1236 C CB  . ILE A 1 159 ? 5.160   -2.968  8.049   1.00 27.39 ? 158 ILE A CB  1 
ATOM   1237 C CG1 . ILE A 1 159 ? 5.830   -1.643  7.692   1.00 28.98 ? 158 ILE A CG1 1 
ATOM   1238 C CG2 . ILE A 1 159 ? 6.219   -4.030  8.358   1.00 27.40 ? 158 ILE A CG2 1 
ATOM   1239 C CD1 . ILE A 1 159 ? 6.812   -1.211  8.726   1.00 29.63 ? 158 ILE A CD1 1 
ATOM   1240 N N   . GLY A 1 160 ? 3.183   -1.664  5.672   1.00 19.67 ? 159 GLY A N   1 
ATOM   1241 C CA  . GLY A 1 160 ? 2.157   -0.688  5.437   1.00 19.19 ? 159 GLY A CA  1 
ATOM   1242 C C   . GLY A 1 160 ? 1.969   -0.222  4.012   1.00 16.88 ? 159 GLY A C   1 
ATOM   1243 O O   . GLY A 1 160 ? 2.759   -0.508  3.148   1.00 17.05 ? 159 GLY A O   1 
ATOM   1244 N N   . ILE A 1 161 ? 0.905   0.517   3.817   1.00 15.81 ? 160 ILE A N   1 
ATOM   1245 C CA  . ILE A 1 161 ? 0.567   1.189   2.611   1.00 17.59 ? 160 ILE A CA  1 
ATOM   1246 C C   . ILE A 1 161 ? 0.363   2.696   2.846   1.00 20.16 ? 160 ILE A C   1 
ATOM   1247 O O   . ILE A 1 161 ? -0.520  3.127   3.619   1.00 20.78 ? 160 ILE A O   1 
ATOM   1248 C CB  . ILE A 1 161 ? -0.751  0.627   2.097   1.00 19.79 ? 160 ILE A CB  1 
ATOM   1249 C CG1 . ILE A 1 161 ? -0.583  -0.870  1.832   1.00 21.35 ? 160 ILE A CG1 1 
ATOM   1250 C CG2 . ILE A 1 161 ? -1.244  1.387   0.890   1.00 21.32 ? 160 ILE A CG2 1 
ATOM   1251 C CD1 . ILE A 1 161 ? 0.200   -1.168  0.594   1.00 23.06 ? 160 ILE A CD1 1 
ATOM   1252 N N   . HIS A 1 162 ? 1.131   3.482   2.145   1.00 21.23 ? 161 HIS A N   1 
ATOM   1253 C CA  . HIS A 1 162 ? 1.103   4.916   2.346   1.00 21.78 ? 161 HIS A CA  1 
ATOM   1254 C C   . HIS A 1 162 ? -0.238  5.469   2.019   1.00 20.40 ? 161 HIS A C   1 
ATOM   1255 O O   . HIS A 1 162 ? -0.819  5.147   0.992   1.00 20.00 ? 161 HIS A O   1 
ATOM   1256 C CB  . HIS A 1 162 ? 2.197   5.589   1.518   1.00 21.46 ? 161 HIS A CB  1 
ATOM   1257 C CG  . HIS A 1 162 ? 2.370   7.037   1.842   1.00 25.11 ? 161 HIS A CG  1 
ATOM   1258 N ND1 . HIS A 1 162 ? 1.834   8.042   1.068   1.00 26.32 ? 161 HIS A ND1 1 
ATOM   1259 C CD2 . HIS A 1 162 ? 2.957   7.649   2.897   1.00 24.68 ? 161 HIS A CD2 1 
ATOM   1260 C CE1 . HIS A 1 162 ? 2.119   9.216   1.608   1.00 26.92 ? 161 HIS A CE1 1 
ATOM   1261 N NE2 . HIS A 1 162 ? 2.795   9.007   2.721   1.00 29.43 ? 161 HIS A NE2 1 
ATOM   1262 N N   . ILE A 1 163 ? -0.772  6.312   2.912   1.00 19.26 ? 162 ILE A N   1 
ATOM   1263 C CA  . ILE A 1 163 ? -2.083  6.894   2.711   1.00 23.20 ? 162 ILE A CA  1 
ATOM   1264 C C   . ILE A 1 163 ? -2.159  8.422   2.833   1.00 24.56 ? 162 ILE A C   1 
ATOM   1265 O O   . ILE A 1 163 ? -3.202  9.003   2.587   1.00 26.01 ? 162 ILE A O   1 
ATOM   1266 C CB  . ILE A 1 163 ? -3.103  6.300   3.683   1.00 23.06 ? 162 ILE A CB  1 
ATOM   1267 C CG1 . ILE A 1 163 ? -2.632  6.495   5.142   1.00 25.67 ? 162 ILE A CG1 1 
ATOM   1268 C CG2 . ILE A 1 163 ? -3.375  4.841   3.301   1.00 24.25 ? 162 ILE A CG2 1 
ATOM   1269 C CD1 . ILE A 1 163 ? -3.763  6.622   6.124   1.00 27.34 ? 162 ILE A CD1 1 
ATOM   1270 N N   . GLY A 1 164 ? -1.079  9.053   3.244   1.00 27.35 ? 163 GLY A N   1 
ATOM   1271 C CA  . GLY A 1 164 ? -1.081  10.525  3.317   1.00 28.78 ? 163 GLY A CA  1 
ATOM   1272 C C   . GLY A 1 164 ? 0.075   11.102  4.095   1.00 29.83 ? 163 GLY A C   1 
ATOM   1273 O O   . GLY A 1 164 ? 1.013   10.399  4.491   1.00 27.91 ? 163 GLY A O   1 
ATOM   1274 N N   . GLY A 1 165 ? 0.009   12.419  4.279   1.00 35.01 ? 164 GLY A N   1 
ATOM   1275 C CA  . GLY A 1 165 ? 1.004   13.140  5.053   1.00 33.93 ? 164 GLY A CA  1 
ATOM   1276 C C   . GLY A 1 165 ? 0.569   14.574  5.301   1.00 33.77 ? 164 GLY A C   1 
ATOM   1277 O O   . GLY A 1 165 ? -0.543  14.966  4.915   1.00 30.04 ? 164 GLY A O   1 
ATOM   1278 N N   . ASN A 1 166 ? 1.423   15.326  5.983   1.00 36.44 ? 165 ASN A N   1 
ATOM   1279 C CA  . ASN A 1 166 ? 1.049   16.699  6.424   1.00 37.66 ? 165 ASN A CA  1 
ATOM   1280 C C   . ASN A 1 166 ? 2.165   17.707  6.129   1.00 37.95 ? 165 ASN A C   1 
ATOM   1281 O O   . ASN A 1 166 ? 2.161   18.841  6.611   1.00 43.87 ? 165 ASN A O   1 
ATOM   1282 C CB  . ASN A 1 166 ? 0.630   16.682  7.910   1.00 38.07 ? 165 ASN A CB  1 
ATOM   1283 C CG  . ASN A 1 166 ? 1.759   16.272  8.829   1.00 33.71 ? 165 ASN A CG  1 
ATOM   1284 O OD1 . ASN A 1 166 ? 2.920   16.286  8.435   1.00 37.63 ? 165 ASN A OD1 1 
ATOM   1285 N ND2 . ASN A 1 166 ? 1.430   15.903  10.058  1.00 37.48 ? 165 ASN A ND2 1 
ATOM   1286 N N   . GLY A 1 167 ? 3.078   17.290  5.271   1.00 35.46 ? 166 GLY A N   1 
ATOM   1287 C CA  . GLY A 1 167 ? 4.121   18.142  4.724   1.00 32.24 ? 166 GLY A CA  1 
ATOM   1288 C C   . GLY A 1 167 ? 5.399   18.040  5.513   1.00 29.76 ? 166 GLY A C   1 
ATOM   1289 O O   . GLY A 1 167 ? 6.440   18.550  5.085   1.00 28.82 ? 166 GLY A O   1 
ATOM   1290 N N   . ARG A 1 168 ? 5.327   17.419  6.684   1.00 29.64 ? 167 ARG A N   1 
ATOM   1291 C CA  . ARG A 1 168 ? 6.468   17.136  7.512   1.00 30.54 ? 167 ARG A CA  1 
ATOM   1292 C C   . ARG A 1 168 ? 6.521   15.663  7.826   1.00 30.25 ? 167 ARG A C   1 
ATOM   1293 O O   . ARG A 1 168 ? 7.609   15.103  8.001   1.00 27.91 ? 167 ARG A O   1 
ATOM   1294 C CB  . ARG A 1 168 ? 6.342   17.898  8.845   1.00 32.97 ? 167 ARG A CB  1 
ATOM   1295 C CG  . ARG A 1 168 ? 6.427   19.396  8.693   1.00 34.63 ? 167 ARG A CG  1 
ATOM   1296 C CD  . ARG A 1 168 ? 6.308   20.031  10.063  1.00 38.69 ? 167 ARG A CD  1 
ATOM   1297 N NE  . ARG A 1 168 ? 5.168   19.520  10.804  1.00 38.61 ? 167 ARG A NE  1 
ATOM   1298 C CZ  . ARG A 1 168 ? 3.908   19.744  10.475  1.00 37.87 ? 167 ARG A CZ  1 
ATOM   1299 N NH1 . ARG A 1 168 ? 3.626   20.423  9.380   1.00 41.04 ? 167 ARG A NH1 1 
ATOM   1300 N NH2 . ARG A 1 168 ? 2.927   19.243  11.218  1.00 38.59 ? 167 ARG A NH2 1 
ATOM   1301 N N   . GLN A 1 169 ? 5.361   15.042  7.896   1.00 30.22 ? 168 GLN A N   1 
ATOM   1302 C CA  . GLN A 1 169 ? 5.269   13.628  8.245   1.00 33.91 ? 168 GLN A CA  1 
ATOM   1303 C C   . GLN A 1 169 ? 4.415   12.862  7.245   1.00 31.76 ? 168 GLN A C   1 
ATOM   1304 O O   . GLN A 1 169 ? 3.512   13.414  6.621   1.00 31.80 ? 168 GLN A O   1 
ATOM   1305 C CB  . GLN A 1 169 ? 4.683   13.436  9.648   1.00 31.43 ? 168 GLN A CB  1 
ATOM   1306 C CG  . GLN A 1 169 ? 5.352   14.298  10.722  1.00 35.74 ? 168 GLN A CG  1 
ATOM   1307 C CD  . GLN A 1 169 ? 4.601   14.259  12.028  1.00 35.41 ? 168 GLN A CD  1 
ATOM   1308 O OE1 . GLN A 1 169 ? 3.552   14.875  12.144  1.00 31.97 ? 168 GLN A OE1 1 
ATOM   1309 N NE2 . GLN A 1 169 ? 5.105   13.505  13.009  1.00 31.47 ? 168 GLN A NE2 1 
ATOM   1310 N N   . GLY A 1 170 ? 4.713   11.567  7.147   1.00 28.49 ? 169 GLY A N   1 
ATOM   1311 C CA  . GLY A 1 170 ? 3.939   10.643  6.350   1.00 25.51 ? 169 GLY A CA  1 
ATOM   1312 C C   . GLY A 1 170 ? 3.272   9.602   7.191   1.00 26.03 ? 169 GLY A C   1 
ATOM   1313 O O   . GLY A 1 170 ? 3.774   9.240   8.252   1.00 26.59 ? 169 GLY A O   1 
ATOM   1314 N N   . PHE A 1 171 ? 2.137   9.097   6.708   1.00 26.43 ? 170 PHE A N   1 
ATOM   1315 C CA  . PHE A 1 171 ? 1.413   8.042   7.393   1.00 26.36 ? 170 PHE A CA  1 
ATOM   1316 C C   . PHE A 1 171 ? 1.029   6.866   6.476   1.00 24.97 ? 170 PHE A C   1 
ATOM   1317 O O   . PHE A 1 171 ? 0.713   7.088   5.298   1.00 22.40 ? 170 PHE A O   1 
ATOM   1318 C CB  . PHE A 1 171 ? 0.129   8.616   7.963   1.00 29.62 ? 170 PHE A CB  1 
ATOM   1319 C CG  . PHE A 1 171 ? 0.380   9.766   8.862   1.00 32.77 ? 170 PHE A CG  1 
ATOM   1320 C CD1 . PHE A 1 171 ? 0.666   9.566   10.199  1.00 33.56 ? 170 PHE A CD1 1 
ATOM   1321 C CD2 . PHE A 1 171 ? 0.462   11.032  8.342   1.00 32.31 ? 170 PHE A CD2 1 
ATOM   1322 C CE1 . PHE A 1 171 ? 0.959   10.644  11.019  1.00 32.84 ? 170 PHE A CE1 1 
ATOM   1323 C CE2 . PHE A 1 171 ? 0.764   12.097  9.151   1.00 35.29 ? 170 PHE A CE2 1 
ATOM   1324 C CZ  . PHE A 1 171 ? 1.019   11.899  10.489  1.00 30.12 ? 170 PHE A CZ  1 
ATOM   1325 N N   . CYS A 1 172 ? 1.039   5.667   7.044   1.00 23.15 ? 171 CYS A N   1 
ATOM   1326 C CA  . CYS A 1 172 ? 0.517   4.474   6.341   1.00 25.31 ? 171 CYS A CA  1 
ATOM   1327 C C   . CYS A 1 172 ? -0.588  3.807   7.124   1.00 27.98 ? 171 CYS A C   1 
ATOM   1328 O O   . CYS A 1 172 ? -0.664  3.963   8.365   1.00 26.67 ? 171 CYS A O   1 
ATOM   1329 C CB  . CYS A 1 172 ? 1.630   3.484   6.068   1.00 25.78 ? 171 CYS A CB  1 
ATOM   1330 S SG  . CYS A 1 172 ? 2.475   2.800   7.520   1.00 27.62 ? 171 CYS A SG  1 
ATOM   1331 N N   . ALA A 1 173 ? -1.503  3.145   6.400   1.00 22.40 ? 172 ALA A N   1 
ATOM   1332 C CA  . ALA A 1 173 ? -2.374  2.186   6.990   1.00 23.03 ? 172 ALA A CA  1 
ATOM   1333 C C   . ALA A 1 173 ? -1.531  0.948   7.243   1.00 23.06 ? 172 ALA A C   1 
ATOM   1334 O O   . ALA A 1 173 ? -0.923  0.379   6.312   1.00 20.31 ? 172 ALA A O   1 
ATOM   1335 C CB  . ALA A 1 173 ? -3.509  1.830   6.046   1.00 23.20 ? 172 ALA A CB  1 
ATOM   1336 N N   . GLY A 1 174 ? -1.526  0.480   8.484   1.00 21.94 ? 173 GLY A N   1 
ATOM   1337 C CA  . GLY A 1 174 ? -0.782  -0.721  8.803   1.00 21.64 ? 173 GLY A CA  1 
ATOM   1338 C C   . GLY A 1 174 ? -1.359  -1.945  8.102   1.00 22.43 ? 173 GLY A C   1 
ATOM   1339 O O   . GLY A 1 174 ? -2.575  -2.046  7.880   1.00 20.23 ? 173 GLY A O   1 
ATOM   1340 N N   . LEU A 1 175 ? -0.490  -2.903  7.806   1.00 22.66 ? 174 LEU A N   1 
ATOM   1341 C CA  . LEU A 1 175 ? -0.926  -4.180  7.252   1.00 23.54 ? 174 LEU A CA  1 
ATOM   1342 C C   . LEU A 1 175 ? -0.808  -5.359  8.261   1.00 22.20 ? 174 LEU A C   1 
ATOM   1343 O O   . LEU A 1 175 ? 0.156   -5.475  9.003   1.00 26.51 ? 174 LEU A O   1 
ATOM   1344 C CB  . LEU A 1 175 ? -0.117  -4.520  6.033   1.00 23.71 ? 174 LEU A CB  1 
ATOM   1345 C CG  . LEU A 1 175 ? -0.303  -3.731  4.757   1.00 23.94 ? 174 LEU A CG  1 
ATOM   1346 C CD1 . LEU A 1 175 ? 0.666   -4.263  3.720   1.00 24.35 ? 174 LEU A CD1 1 
ATOM   1347 C CD2 . LEU A 1 175 ? -1.739  -3.751  4.263   1.00 23.62 ? 174 LEU A CD2 1 
ATOM   1348 N N   . LYS A 1 176 ? -1.803  -6.215  8.261   1.00 21.50 ? 175 LYS A N   1 
ATOM   1349 C CA  . LYS A 1 176 ? -1.721  -7.464  8.977   1.00 23.59 ? 175 LYS A CA  1 
ATOM   1350 C C   . LYS A 1 176 ? -2.137  -8.623  8.100   1.00 20.14 ? 175 LYS A C   1 
ATOM   1351 O O   . LYS A 1 176 ? -2.923  -8.493  7.191   1.00 18.65 ? 175 LYS A O   1 
ATOM   1352 C CB  . LYS A 1 176 ? -2.567  -7.435  10.242  1.00 30.51 ? 175 LYS A CB  1 
ATOM   1353 C CG  . LYS A 1 176 ? -3.994  -7.080  9.968   1.00 34.70 ? 175 LYS A CG  1 
ATOM   1354 C CD  . LYS A 1 176 ? -4.887  -7.337  11.178  1.00 39.64 ? 175 LYS A CD  1 
ATOM   1355 C CE  . LYS A 1 176 ? -4.224  -7.030  12.476  1.00 40.73 ? 175 LYS A CE  1 
ATOM   1356 N NZ  . LYS A 1 176 ? -5.172  -7.540  13.478  1.00 45.31 ? 175 LYS A NZ  1 
ATOM   1357 N N   . ARG A 1 177 ? -1.564  -9.772  8.395   1.00 22.57 ? 176 ARG A N   1 
ATOM   1358 C CA  . ARG A 1 177 ? -1.658  -10.910 7.500   1.00 24.71 ? 176 ARG A CA  1 
ATOM   1359 C C   . ARG A 1 177 ? -3.101  -11.348 7.336   1.00 24.62 ? 176 ARG A C   1 
ATOM   1360 O O   . ARG A 1 177 ? -3.523  -11.692 6.224   1.00 24.83 ? 176 ARG A O   1 
ATOM   1361 C CB  . ARG A 1 177 ? -0.790  -12.025 7.999   1.00 24.58 ? 176 ARG A CB  1 
ATOM   1362 C CG  . ARG A 1 177 ? -0.359  -12.966 6.935   1.00 25.50 ? 176 ARG A CG  1 
ATOM   1363 C CD  . ARG A 1 177 ? 0.546   -14.069 7.491   1.00 27.97 ? 176 ARG A CD  1 
ATOM   1364 N NE  . ARG A 1 177 ? 1.803   -13.509 7.928   1.00 28.92 ? 176 ARG A NE  1 
ATOM   1365 C CZ  . ARG A 1 177 ? 2.641   -14.083 8.773   1.00 30.11 ? 176 ARG A CZ  1 
ATOM   1366 N NH1 . ARG A 1 177 ? 2.357   -15.270 9.302   1.00 31.38 ? 176 ARG A NH1 1 
ATOM   1367 N NH2 . ARG A 1 177 ? 3.751   -13.451 9.109   1.00 30.86 ? 176 ARG A NH2 1 
ATOM   1368 N N   . SER A 1 178 ? -3.876  -11.255 8.416   1.00 25.08 ? 177 SER A N   1 
ATOM   1369 C CA  . SER A 1 178 ? -5.285  -11.660 8.396   1.00 23.70 ? 177 SER A CA  1 
ATOM   1370 C C   . SER A 1 178 ? -6.211  -10.872 7.455   1.00 22.81 ? 177 SER A C   1 
ATOM   1371 O O   . SER A 1 178 ? -7.251  -11.386 7.086   1.00 21.66 ? 177 SER A O   1 
ATOM   1372 C CB  . SER A 1 178 ? -5.901  -11.622 9.800   1.00 25.80 ? 177 SER A CB  1 
ATOM   1373 O OG  . SER A 1 178 ? -5.816  -10.334 10.360  1.00 25.44 ? 177 SER A OG  1 
ATOM   1374 N N   . TYR A 1 179 ? -5.832  -9.683  7.018   1.00 21.68 ? 178 TYR A N   1 
ATOM   1375 C CA  . TYR A 1 179 ? -6.624  -8.992  5.983   1.00 20.26 ? 178 TYR A CA  1 
ATOM   1376 C C   . TYR A 1 179 ? -6.738  -9.800  4.705   1.00 23.19 ? 178 TYR A C   1 
ATOM   1377 O O   . TYR A 1 179 ? -7.719  -9.708  3.970   1.00 23.08 ? 178 TYR A O   1 
ATOM   1378 C CB  . TYR A 1 179 ? -6.048  -7.671  5.627   1.00 20.96 ? 178 TYR A CB  1 
ATOM   1379 C CG  . TYR A 1 179 ? -6.060  -6.647  6.714   1.00 20.52 ? 178 TYR A CG  1 
ATOM   1380 C CD1 . TYR A 1 179 ? -6.960  -6.722  7.770   1.00 21.15 ? 178 TYR A CD1 1 
ATOM   1381 C CD2 . TYR A 1 179 ? -5.162  -5.585  6.694   1.00 21.19 ? 178 TYR A CD2 1 
ATOM   1382 C CE1 . TYR A 1 179 ? -6.935  -5.780  8.744   1.00 22.00 ? 178 TYR A CE1 1 
ATOM   1383 C CE2 . TYR A 1 179 ? -5.143  -4.628  7.679   1.00 22.13 ? 178 TYR A CE2 1 
ATOM   1384 C CZ  . TYR A 1 179 ? -6.038  -4.739  8.720   1.00 22.94 ? 178 TYR A CZ  1 
ATOM   1385 O OH  . TYR A 1 179 ? -6.046  -3.789  9.758   1.00 22.97 ? 178 TYR A OH  1 
ATOM   1386 N N   . PHE A 1 180 ? -5.722  -10.613 4.442   1.00 24.55 ? 179 PHE A N   1 
ATOM   1387 C CA  . PHE A 1 180 ? -5.596  -11.292 3.168   1.00 24.19 ? 179 PHE A CA  1 
ATOM   1388 C C   . PHE A 1 180 ? -5.811  -12.827 3.269   1.00 29.49 ? 179 PHE A C   1 
ATOM   1389 O O   . PHE A 1 180 ? -5.551  -13.563 2.298   1.00 28.29 ? 179 PHE A O   1 
ATOM   1390 C CB  . PHE A 1 180 ? -4.202  -11.018 2.643   1.00 23.17 ? 179 PHE A CB  1 
ATOM   1391 C CG  . PHE A 1 180 ? -3.850  -9.589  2.631   1.00 20.98 ? 179 PHE A CG  1 
ATOM   1392 C CD1 . PHE A 1 180 ? -4.444  -8.731  1.736   1.00 21.32 ? 179 PHE A CD1 1 
ATOM   1393 C CD2 . PHE A 1 180 ? -2.996  -9.071  3.561   1.00 19.79 ? 179 PHE A CD2 1 
ATOM   1394 C CE1 . PHE A 1 180 ? -4.169  -7.374  1.779   1.00 22.38 ? 179 PHE A CE1 1 
ATOM   1395 C CE2 . PHE A 1 180 ? -2.678  -7.738  3.567   1.00 19.73 ? 179 PHE A CE2 1 
ATOM   1396 C CZ  . PHE A 1 180 ? -3.292  -6.882  2.682   1.00 20.81 ? 179 PHE A CZ  1 
ATOM   1397 N N   . ALA A 1 181 ? -6.230  -13.321 4.432   1.00 25.94 ? 180 ALA A N   1 
ATOM   1398 C CA  . ALA A 1 181 ? -6.647  -14.710 4.476   1.00 33.61 ? 180 ALA A CA  1 
ATOM   1399 C C   . ALA A 1 181 ? -7.796  -14.917 3.493   1.00 35.35 ? 180 ALA A C   1 
ATOM   1400 O O   . ALA A 1 181 ? -8.133  -16.054 3.217   1.00 45.90 ? 180 ALA A O   1 
ATOM   1401 C CB  . ALA A 1 181 ? -7.069  -15.128 5.870   1.00 34.06 ? 180 ALA A CB  1 
HETATM 1402 O O25 . GHY B 2 .   ? -4.116  13.150  -0.305  1.00 55.06 ? 201 GHY A O25 1 
HETATM 1403 C C23 . GHY B 2 .   ? -3.940  12.308  0.545   1.00 59.64 ? 201 GHY A C23 1 
HETATM 1404 C C15 . GHY B 2 .   ? -4.781  12.260  1.773   1.00 69.91 ? 201 GHY A C15 1 
HETATM 1405 C C16 . GHY B 2 .   ? -6.239  12.166  1.288   1.00 75.99 ? 201 GHY A C16 1 
HETATM 1406 C C17 . GHY B 2 .   ? -7.194  11.269  2.078   1.00 78.94 ? 201 GHY A C17 1 
HETATM 1407 C C22 . GHY B 2 .   ? -8.532  11.262  1.675   1.00 81.21 ? 201 GHY A C22 1 
HETATM 1408 C C21 . GHY B 2 .   ? -9.481  10.487  2.354   1.00 83.73 ? 201 GHY A C21 1 
HETATM 1409 C C20 . GHY B 2 .   ? -9.097  9.705   3.451   1.00 85.46 ? 201 GHY A C20 1 
HETATM 1410 C C19 . GHY B 2 .   ? -7.767  9.697   3.866   1.00 87.13 ? 201 GHY A C19 1 
HETATM 1411 C C18 . GHY B 2 .   ? -6.827  10.466  3.181   1.00 86.75 ? 201 GHY A C18 1 
HETATM 1412 N N13 . GHY B 2 .   ? -4.383  13.465  2.557   1.00 77.20 ? 201 GHY A N13 1 
HETATM 1413 C C12 . GHY B 2 .   ? -4.675  14.759  2.362   1.00 85.03 ? 201 GHY A C12 1 
HETATM 1414 O O11 . GHY B 2 .   ? -4.088  15.723  3.308   1.00 88.07 ? 201 GHY A O11 1 
HETATM 1415 C C10 . GHY B 2 .   ? -4.969  16.685  3.908   1.00 86.31 ? 201 GHY A C10 1 
HETATM 1416 C C1  . GHY B 2 .   ? -5.413  17.722  2.871   1.00 80.36 ? 201 GHY A C1  1 
HETATM 1417 C C5  . GHY B 2 .   ? -4.255  17.339  5.098   1.00 83.68 ? 201 GHY A C5  1 
HETATM 1418 O O14 . GHY B 2 .   ? -5.380  15.164  1.447   1.00 87.01 ? 201 GHY A O14 1 
HETATM 1419 N N24 . GHY B 2 .   ? -2.986  11.501  0.415   1.00 49.32 ? 201 GHY A N24 1 
HETATM 1420 C C26 . GHY B 2 .   ? -2.167  11.637  -0.790  1.00 37.07 ? 201 GHY A C26 1 
HETATM 1421 C C27 . GHY B 2 .   ? -2.285  10.294  -1.581  1.00 24.43 ? 201 GHY A C27 1 
HETATM 1422 O O28 . GHY B 2 .   ? -3.569  10.018  -1.590  1.00 11.84 ? 201 GHY A O28 1 
HETATM 1423 C C29 . GHY B 2 .   ? -0.745  11.979  -0.255  1.00 41.01 ? 201 GHY A C29 1 
HETATM 1424 C C30 . GHY B 2 .   ? -0.503  13.122  0.765   1.00 43.86 ? 201 GHY A C30 1 
HETATM 1425 C C31 . GHY B 2 .   ? -0.506  14.553  0.218   1.00 47.08 ? 201 GHY A C31 1 
HETATM 1426 C C32 . GHY B 2 .   ? 0.611   15.347  0.931   1.00 49.68 ? 201 GHY A C32 1 
HETATM 1427 N N33 . GHY B 2 .   ? 1.266   14.282  1.666   1.00 52.21 ? 201 GHY A N33 1 
HETATM 1428 C C34 . GHY B 2 .   ? 0.903   13.111  1.332   1.00 48.53 ? 201 GHY A C34 1 
HETATM 1429 O O1  . GHY B 2 .   ? 1.748   12.072  1.397   1.00 42.88 ? 201 GHY A O1  1 
HETATM 1430 O O   . HOH C 3 .   ? -14.253 -1.757  -7.627  1.00 43.16 ? 301 HOH A O   1 
HETATM 1431 O O   . HOH C 3 .   ? -1.504  -4.841  -16.247 1.00 26.32 ? 302 HOH A O   1 
HETATM 1432 O O   . HOH C 3 .   ? 7.576   12.625  -11.383 1.00 37.43 ? 303 HOH A O   1 
HETATM 1433 O O   . HOH C 3 .   ? 11.883  -5.019  4.181   1.00 50.70 ? 304 HOH A O   1 
HETATM 1434 O O   . HOH C 3 .   ? 9.857   -11.127 6.528   1.00 31.57 ? 305 HOH A O   1 
HETATM 1435 O O   . HOH C 3 .   ? 4.104   9.767   -18.969 1.00 47.82 ? 306 HOH A O   1 
HETATM 1436 O O   . HOH C 3 .   ? 1.684   6.041   -5.409  1.00 16.37 ? 307 HOH A O   1 
HETATM 1437 O O   . HOH C 3 .   ? 15.572  -8.392  -6.846  1.00 36.23 ? 308 HOH A O   1 
HETATM 1438 O O   . HOH C 3 .   ? -0.270  -16.268 -5.280  1.00 28.88 ? 309 HOH A O   1 
HETATM 1439 O O   . HOH C 3 .   ? -16.514 -2.223  0.811   1.00 35.33 ? 310 HOH A O   1 
HETATM 1440 O O   . HOH C 3 .   ? -10.735 2.351   -11.302 1.00 30.04 ? 311 HOH A O   1 
HETATM 1441 O O   . HOH C 3 .   ? 8.266   20.290  5.759   1.00 40.05 ? 312 HOH A O   1 
HETATM 1442 O O   . HOH C 3 .   ? -0.319  4.002   -18.318 1.00 51.53 ? 313 HOH A O   1 
HETATM 1443 O O   . HOH C 3 .   ? 10.702  8.549   10.428  1.00 32.26 ? 314 HOH A O   1 
HETATM 1444 O O   . HOH C 3 .   ? 4.013   -11.422 12.617  1.00 35.30 ? 315 HOH A O   1 
HETATM 1445 O O   . HOH C 3 .   ? -3.211  -11.374 11.185  1.00 31.78 ? 316 HOH A O   1 
HETATM 1446 O O   . HOH C 3 .   ? -4.795  -1.319  9.154   1.00 27.57 ? 317 HOH A O   1 
HETATM 1447 O O   . HOH C 3 .   ? 4.141   15.188  4.006   1.00 30.91 ? 318 HOH A O   1 
HETATM 1448 O O   . HOH C 3 .   ? -7.689  -7.267  12.521  1.00 50.04 ? 319 HOH A O   1 
HETATM 1449 O O   . HOH C 3 .   ? -14.061 6.287   9.794   1.00 34.05 ? 320 HOH A O   1 
HETATM 1450 O O   . HOH C 3 .   ? 6.654   6.099   -16.246 1.00 35.25 ? 321 HOH A O   1 
HETATM 1451 O O   . HOH C 3 .   ? 3.671   -11.709 -9.301  1.00 26.13 ? 322 HOH A O   1 
HETATM 1452 O O   . HOH C 3 .   ? 2.205   9.474   -8.673  1.00 35.49 ? 323 HOH A O   1 
HETATM 1453 O O   . HOH C 3 .   ? 9.529   12.168  -1.988  1.00 39.47 ? 324 HOH A O   1 
HETATM 1454 O O   . HOH C 3 .   ? 12.652  -2.780  11.294  1.00 48.71 ? 325 HOH A O   1 
HETATM 1455 O O   . HOH C 3 .   ? 10.559  -9.211  -2.699  1.00 37.95 ? 326 HOH A O   1 
HETATM 1456 O O   . HOH C 3 .   ? 2.359   -3.965  9.962   1.00 25.30 ? 327 HOH A O   1 
HETATM 1457 O O   . HOH C 3 .   ? -3.045  -14.305 5.210   1.00 37.30 ? 328 HOH A O   1 
HETATM 1458 O O   . HOH C 3 .   ? 1.423   2.760   -16.035 1.00 34.28 ? 329 HOH A O   1 
HETATM 1459 O O   . HOH C 3 .   ? 10.550  7.992   -10.141 0.50 26.96 ? 330 HOH A O   1 
HETATM 1460 O O   . HOH C 3 .   ? -1.261  0.040   -2.449  1.00 27.06 ? 331 HOH A O   1 
HETATM 1461 O O   . HOH C 3 .   ? -5.146  1.283   8.749   1.00 25.26 ? 332 HOH A O   1 
HETATM 1462 O O   . HOH C 3 .   ? -12.487 9.446   -0.492  1.00 51.79 ? 333 HOH A O   1 
HETATM 1463 O O   . HOH C 3 .   ? -9.778  -8.087  -16.854 1.00 26.42 ? 334 HOH A O   1 
HETATM 1464 O O   . HOH C 3 .   ? -9.769  -14.113 -13.495 1.00 36.66 ? 335 HOH A O   1 
HETATM 1465 O O   . HOH C 3 .   ? 0.200   5.201   -12.563 1.00 23.15 ? 336 HOH A O   1 
HETATM 1466 O O   . HOH C 3 .   ? 6.277   -1.045  -13.270 1.00 35.59 ? 337 HOH A O   1 
HETATM 1467 O O   . HOH C 3 .   ? -11.832 -5.459  8.085   1.00 34.38 ? 338 HOH A O   1 
HETATM 1468 O O   . HOH C 3 .   ? -0.531  3.767   -15.081 1.00 22.69 ? 339 HOH A O   1 
HETATM 1469 O O   . HOH C 3 .   ? 5.270   -3.634  -11.844 1.00 35.48 ? 340 HOH A O   1 
HETATM 1470 O O   . HOH C 3 .   ? -12.958 -12.278 -18.581 1.00 42.97 ? 341 HOH A O   1 
HETATM 1471 O O   . HOH C 3 .   ? 6.711   12.404  -14.022 0.50 36.23 ? 342 HOH A O   1 
HETATM 1472 O O   . HOH C 3 .   ? 10.406  -16.901 -0.814  1.00 44.21 ? 343 HOH A O   1 
HETATM 1473 O O   . HOH C 3 .   ? -5.697  2.834   15.975  1.00 30.34 ? 344 HOH A O   1 
HETATM 1474 O O   . HOH C 3 .   ? 3.216   -17.569 -5.087  1.00 32.62 ? 345 HOH A O   1 
HETATM 1475 O O   . HOH C 3 .   ? 6.367   -13.284 -10.081 1.00 24.09 ? 346 HOH A O   1 
HETATM 1476 O O   . HOH C 3 .   ? -6.831  -2.519  -22.259 1.00 32.48 ? 347 HOH A O   1 
HETATM 1477 O O   . HOH C 3 .   ? 3.753   -16.043 1.309   1.00 28.74 ? 348 HOH A O   1 
HETATM 1478 O O   . HOH C 3 .   ? -10.155 -13.880 -10.010 1.00 47.87 ? 349 HOH A O   1 
HETATM 1479 O O   . HOH C 3 .   ? -3.426  10.357  -7.095  1.00 35.43 ? 350 HOH A O   1 
HETATM 1480 O O   . HOH C 3 .   ? -2.589  -5.666  15.204  1.00 28.87 ? 351 HOH A O   1 
HETATM 1481 O O   . HOH C 3 .   ? 15.702  -2.742  4.690   1.00 27.03 ? 352 HOH A O   1 
HETATM 1482 O O   . HOH C 3 .   ? -2.567  11.723  -9.579  1.00 32.53 ? 353 HOH A O   1 
HETATM 1483 O O   . HOH C 3 .   ? 21.151  -4.208  0.557   0.50 13.98 ? 354 HOH A O   1 
HETATM 1484 O O   . HOH C 3 .   ? -8.106  -14.157 -5.644  1.00 26.33 ? 355 HOH A O   1 
HETATM 1485 O O   . HOH C 3 .   ? 9.562   -11.518 -12.507 1.00 32.50 ? 356 HOH A O   1 
HETATM 1486 O O   . HOH C 3 .   ? -1.919  9.369   -4.582  1.00 37.74 ? 357 HOH A O   1 
# 
